data_7QZT
# 
_entry.id   7QZT 
# 
_audit_conform.dict_name       mmcif_pdbx.dic 
_audit_conform.dict_version    5.384 
_audit_conform.dict_location   http://mmcif.pdb.org/dictionaries/ascii/mmcif_pdbx.dic 
# 
loop_
_database_2.database_id 
_database_2.database_code 
_database_2.pdbx_database_accession 
_database_2.pdbx_DOI 
PDB   7QZT         pdb_00007qzt 10.2210/pdb7qzt/pdb 
WWPDB D_1292120691 ?            ?                   
# 
loop_
_pdbx_audit_revision_history.ordinal 
_pdbx_audit_revision_history.data_content_type 
_pdbx_audit_revision_history.major_revision 
_pdbx_audit_revision_history.minor_revision 
_pdbx_audit_revision_history.revision_date 
1 'Structure model' 1 0 2022-09-28 
2 'Structure model' 1 1 2024-01-31 
# 
_pdbx_audit_revision_details.ordinal             1 
_pdbx_audit_revision_details.revision_ordinal    1 
_pdbx_audit_revision_details.data_content_type   'Structure model' 
_pdbx_audit_revision_details.provider            repository 
_pdbx_audit_revision_details.type                'Initial release' 
_pdbx_audit_revision_details.description         ? 
_pdbx_audit_revision_details.details             ? 
# 
loop_
_pdbx_audit_revision_group.ordinal 
_pdbx_audit_revision_group.revision_ordinal 
_pdbx_audit_revision_group.data_content_type 
_pdbx_audit_revision_group.group 
1 2 'Structure model' 'Data collection'        
2 2 'Structure model' 'Refinement description' 
# 
loop_
_pdbx_audit_revision_category.ordinal 
_pdbx_audit_revision_category.revision_ordinal 
_pdbx_audit_revision_category.data_content_type 
_pdbx_audit_revision_category.category 
1 2 'Structure model' chem_comp_atom                
2 2 'Structure model' chem_comp_bond                
3 2 'Structure model' pdbx_initial_refinement_model 
# 
_pdbx_database_status.status_code                     REL 
_pdbx_database_status.status_code_sf                  REL 
_pdbx_database_status.status_code_mr                  ? 
_pdbx_database_status.entry_id                        7QZT 
_pdbx_database_status.recvd_initial_deposition_date   2022-01-31 
_pdbx_database_status.SG_entry                        N 
_pdbx_database_status.deposit_site                    PDBE 
_pdbx_database_status.process_site                    PDBE 
_pdbx_database_status.status_code_cs                  ? 
_pdbx_database_status.status_code_nmr_data            ? 
_pdbx_database_status.methods_development_category    ? 
_pdbx_database_status.pdb_format_compatible           Y 
# 
loop_
_pdbx_database_related.db_name 
_pdbx_database_related.details 
_pdbx_database_related.db_id 
_pdbx_database_related.content_type 
PDB '7QVT contains the same protein complexed with a different fragment.' 7QVT unspecified 
PDB '7QVV contains the same protein complexed with a different fragment.' 7QVV unspecified 
PDB '7QVU contains the same protein complexed with a different fragment.' 7QVU unspecified 
# 
_pdbx_contact_author.id                 2 
_pdbx_contact_author.email              graziano.lolli@unitn.it 
_pdbx_contact_author.name_first         Graziano 
_pdbx_contact_author.name_last          Lolli 
_pdbx_contact_author.name_mi            ? 
_pdbx_contact_author.role               'principal investigator/group leader' 
_pdbx_contact_author.identifier_ORCID   0000-0002-8536-5599 
# 
loop_
_audit_author.name 
_audit_author.pdbx_ordinal 
_audit_author.identifier_ORCID 
'Dalle Vedove, A.' 1 ? 
'Cazzanelli, G.'   2 ? 
'Caflisch, A.'     3 ? 
'Lolli, G.'        4 ? 
# 
_citation.abstract                  ? 
_citation.abstract_id_CAS           ? 
_citation.book_id_ISBN              ? 
_citation.book_publisher            ? 
_citation.book_publisher_city       ? 
_citation.book_title                ? 
_citation.coordinate_linkage        ? 
_citation.country                   US 
_citation.database_id_Medline       ? 
_citation.details                   ? 
_citation.id                        primary 
_citation.journal_abbrev            'Acs Med.Chem.Lett.' 
_citation.journal_id_ASTM           ? 
_citation.journal_id_CSD            ? 
_citation.journal_id_ISSN           1948-5875 
_citation.journal_full              ? 
_citation.journal_issue             ? 
_citation.journal_volume            13 
_citation.language                  ? 
_citation.page_first                1434 
_citation.page_last                 1443 
_citation.title                     'Identification of a BAZ2A-Bromodomain Hit Compound by Fragment Growing.' 
_citation.year                      2022 
_citation.database_id_CSD           ? 
_citation.pdbx_database_id_DOI      10.1021/acsmedchemlett.2c00173 
_citation.pdbx_database_id_PubMed   36105334 
_citation.pdbx_database_id_patent   ? 
_citation.unpublished_flag          ? 
# 
loop_
_citation_author.citation_id 
_citation_author.name 
_citation_author.ordinal 
_citation_author.identifier_ORCID 
primary 'Dalle Vedove, A.'   1 ?                   
primary 'Cazzanelli, G.'     2 ?                   
primary 'Batiste, L.'        3 ?                   
primary 'Marchand, J.R.'     4 0000-0002-8002-9457 
primary 'Spiliotopoulos, D.' 5 ?                   
primary 'Corsi, J.'          6 ?                   
primary 
;D'Agostino, V.G.
;
7 ?                   
primary 'Caflisch, A.'       8 0000-0002-2317-6792 
primary 'Lolli, G.'          9 0000-0002-8536-5599 
# 
loop_
_entity.id 
_entity.type 
_entity.src_method 
_entity.pdbx_description 
_entity.formula_weight 
_entity.pdbx_number_of_molecules 
_entity.pdbx_ec 
_entity.pdbx_mutation 
_entity.pdbx_fragment 
_entity.details 
1 polymer     man 'Bromodomain adjacent to zinc finger domain protein 2A'    12380.919 1  ? 
'First two residues SM derive from the expression tag' 'Bromodomain (residues 1796-1899)' ? 
2 non-polymer syn '~{N}-[(3~{S})-pyrrolidin-3-yl]isoquinoline-5-sulfonamide' 277.342   1  ? ? ?                                  ? 
3 water       nat water                                                      18.015    32 ? ? ?                                  ? 
# 
_entity_name_com.entity_id   1 
_entity_name_com.name        'Transcription termination factor I-interacting protein 5,Tip5,hWALp3' 
# 
_entity_poly.entity_id                      1 
_entity_poly.type                           'polypeptide(L)' 
_entity_poly.nstd_linkage                   no 
_entity_poly.nstd_monomer                   no 
_entity_poly.pdbx_seq_one_letter_code       
;SMHSDLTFCEIILMEMESHDAAWPFLEPVNPRLVSGYRRIIKNPMDFSTMRERLLRGGYTSSEEFAADALLVFDNCQTFN
EDDSEVGKAGHIMRRFFESRWEEFY
;
_entity_poly.pdbx_seq_one_letter_code_can   
;SMHSDLTFCEIILMEMESHDAAWPFLEPVNPRLVSGYRRIIKNPMDFSTMRERLLRGGYTSSEEFAADALLVFDNCQTFN
EDDSEVGKAGHIMRRFFESRWEEFY
;
_entity_poly.pdbx_strand_id                 A 
_entity_poly.pdbx_target_identifier         ? 
# 
loop_
_pdbx_entity_nonpoly.entity_id 
_pdbx_entity_nonpoly.name 
_pdbx_entity_nonpoly.comp_id 
2 '~{N}-[(3~{S})-pyrrolidin-3-yl]isoquinoline-5-sulfonamide' GIU 
3 water                                                      HOH 
# 
loop_
_entity_poly_seq.entity_id 
_entity_poly_seq.num 
_entity_poly_seq.mon_id 
_entity_poly_seq.hetero 
1 1   SER n 
1 2   MET n 
1 3   HIS n 
1 4   SER n 
1 5   ASP n 
1 6   LEU n 
1 7   THR n 
1 8   PHE n 
1 9   CYS n 
1 10  GLU n 
1 11  ILE n 
1 12  ILE n 
1 13  LEU n 
1 14  MET n 
1 15  GLU n 
1 16  MET n 
1 17  GLU n 
1 18  SER n 
1 19  HIS n 
1 20  ASP n 
1 21  ALA n 
1 22  ALA n 
1 23  TRP n 
1 24  PRO n 
1 25  PHE n 
1 26  LEU n 
1 27  GLU n 
1 28  PRO n 
1 29  VAL n 
1 30  ASN n 
1 31  PRO n 
1 32  ARG n 
1 33  LEU n 
1 34  VAL n 
1 35  SER n 
1 36  GLY n 
1 37  TYR n 
1 38  ARG n 
1 39  ARG n 
1 40  ILE n 
1 41  ILE n 
1 42  LYS n 
1 43  ASN n 
1 44  PRO n 
1 45  MET n 
1 46  ASP n 
1 47  PHE n 
1 48  SER n 
1 49  THR n 
1 50  MET n 
1 51  ARG n 
1 52  GLU n 
1 53  ARG n 
1 54  LEU n 
1 55  LEU n 
1 56  ARG n 
1 57  GLY n 
1 58  GLY n 
1 59  TYR n 
1 60  THR n 
1 61  SER n 
1 62  SER n 
1 63  GLU n 
1 64  GLU n 
1 65  PHE n 
1 66  ALA n 
1 67  ALA n 
1 68  ASP n 
1 69  ALA n 
1 70  LEU n 
1 71  LEU n 
1 72  VAL n 
1 73  PHE n 
1 74  ASP n 
1 75  ASN n 
1 76  CYS n 
1 77  GLN n 
1 78  THR n 
1 79  PHE n 
1 80  ASN n 
1 81  GLU n 
1 82  ASP n 
1 83  ASP n 
1 84  SER n 
1 85  GLU n 
1 86  VAL n 
1 87  GLY n 
1 88  LYS n 
1 89  ALA n 
1 90  GLY n 
1 91  HIS n 
1 92  ILE n 
1 93  MET n 
1 94  ARG n 
1 95  ARG n 
1 96  PHE n 
1 97  PHE n 
1 98  GLU n 
1 99  SER n 
1 100 ARG n 
1 101 TRP n 
1 102 GLU n 
1 103 GLU n 
1 104 PHE n 
1 105 TYR n 
# 
_entity_src_gen.entity_id                          1 
_entity_src_gen.pdbx_src_id                        1 
_entity_src_gen.pdbx_alt_source_flag               sample 
_entity_src_gen.pdbx_seq_type                      'Biological sequence' 
_entity_src_gen.pdbx_beg_seq_num                   1 
_entity_src_gen.pdbx_end_seq_num                   105 
_entity_src_gen.gene_src_common_name               human 
_entity_src_gen.gene_src_genus                     ? 
_entity_src_gen.pdbx_gene_src_gene                 'BAZ2A, KIAA0314, TIP5' 
_entity_src_gen.gene_src_species                   ? 
_entity_src_gen.gene_src_strain                    ? 
_entity_src_gen.gene_src_tissue                    ? 
_entity_src_gen.gene_src_tissue_fraction           ? 
_entity_src_gen.gene_src_details                   ? 
_entity_src_gen.pdbx_gene_src_fragment             ? 
_entity_src_gen.pdbx_gene_src_scientific_name      'Homo sapiens' 
_entity_src_gen.pdbx_gene_src_ncbi_taxonomy_id     9606 
_entity_src_gen.pdbx_gene_src_variant              ? 
_entity_src_gen.pdbx_gene_src_cell_line            ? 
_entity_src_gen.pdbx_gene_src_atcc                 ? 
_entity_src_gen.pdbx_gene_src_organ                ? 
_entity_src_gen.pdbx_gene_src_organelle            ? 
_entity_src_gen.pdbx_gene_src_cell                 ? 
_entity_src_gen.pdbx_gene_src_cellular_location    ? 
_entity_src_gen.host_org_common_name               ? 
_entity_src_gen.pdbx_host_org_scientific_name      'Escherichia coli' 
_entity_src_gen.pdbx_host_org_ncbi_taxonomy_id     562 
_entity_src_gen.host_org_genus                     ? 
_entity_src_gen.pdbx_host_org_gene                 ? 
_entity_src_gen.pdbx_host_org_organ                ? 
_entity_src_gen.host_org_species                   ? 
_entity_src_gen.pdbx_host_org_tissue               ? 
_entity_src_gen.pdbx_host_org_tissue_fraction      ? 
_entity_src_gen.pdbx_host_org_strain               ? 
_entity_src_gen.pdbx_host_org_variant              ? 
_entity_src_gen.pdbx_host_org_cell_line            ? 
_entity_src_gen.pdbx_host_org_atcc                 ? 
_entity_src_gen.pdbx_host_org_culture_collection   ? 
_entity_src_gen.pdbx_host_org_cell                 ? 
_entity_src_gen.pdbx_host_org_organelle            ? 
_entity_src_gen.pdbx_host_org_cellular_location    ? 
_entity_src_gen.pdbx_host_org_vector_type          ? 
_entity_src_gen.pdbx_host_org_vector               ? 
_entity_src_gen.host_org_details                   ? 
_entity_src_gen.expression_system_id               ? 
_entity_src_gen.plasmid_name                       ? 
_entity_src_gen.plasmid_details                    ? 
_entity_src_gen.pdbx_description                   ? 
# 
loop_
_chem_comp.id 
_chem_comp.type 
_chem_comp.mon_nstd_flag 
_chem_comp.name 
_chem_comp.pdbx_synonyms 
_chem_comp.formula 
_chem_comp.formula_weight 
ALA 'L-peptide linking' y ALANINE                                                    ? 'C3 H7 N O2'      89.093  
ARG 'L-peptide linking' y ARGININE                                                   ? 'C6 H15 N4 O2 1'  175.209 
ASN 'L-peptide linking' y ASPARAGINE                                                 ? 'C4 H8 N2 O3'     132.118 
ASP 'L-peptide linking' y 'ASPARTIC ACID'                                            ? 'C4 H7 N O4'      133.103 
CYS 'L-peptide linking' y CYSTEINE                                                   ? 'C3 H7 N O2 S'    121.158 
GIU non-polymer         . '~{N}-[(3~{S})-pyrrolidin-3-yl]isoquinoline-5-sulfonamide' ? 'C13 H15 N3 O2 S' 277.342 
GLN 'L-peptide linking' y GLUTAMINE                                                  ? 'C5 H10 N2 O3'    146.144 
GLU 'L-peptide linking' y 'GLUTAMIC ACID'                                            ? 'C5 H9 N O4'      147.129 
GLY 'peptide linking'   y GLYCINE                                                    ? 'C2 H5 N O2'      75.067  
HIS 'L-peptide linking' y HISTIDINE                                                  ? 'C6 H10 N3 O2 1'  156.162 
HOH non-polymer         . WATER                                                      ? 'H2 O'            18.015  
ILE 'L-peptide linking' y ISOLEUCINE                                                 ? 'C6 H13 N O2'     131.173 
LEU 'L-peptide linking' y LEUCINE                                                    ? 'C6 H13 N O2'     131.173 
LYS 'L-peptide linking' y LYSINE                                                     ? 'C6 H15 N2 O2 1'  147.195 
MET 'L-peptide linking' y METHIONINE                                                 ? 'C5 H11 N O2 S'   149.211 
PHE 'L-peptide linking' y PHENYLALANINE                                              ? 'C9 H11 N O2'     165.189 
PRO 'L-peptide linking' y PROLINE                                                    ? 'C5 H9 N O2'      115.130 
SER 'L-peptide linking' y SERINE                                                     ? 'C3 H7 N O3'      105.093 
THR 'L-peptide linking' y THREONINE                                                  ? 'C4 H9 N O3'      119.119 
TRP 'L-peptide linking' y TRYPTOPHAN                                                 ? 'C11 H12 N2 O2'   204.225 
TYR 'L-peptide linking' y TYROSINE                                                   ? 'C9 H11 N O3'     181.189 
VAL 'L-peptide linking' y VALINE                                                     ? 'C5 H11 N O2'     117.146 
# 
loop_
_pdbx_poly_seq_scheme.asym_id 
_pdbx_poly_seq_scheme.entity_id 
_pdbx_poly_seq_scheme.seq_id 
_pdbx_poly_seq_scheme.mon_id 
_pdbx_poly_seq_scheme.ndb_seq_num 
_pdbx_poly_seq_scheme.pdb_seq_num 
_pdbx_poly_seq_scheme.auth_seq_num 
_pdbx_poly_seq_scheme.pdb_mon_id 
_pdbx_poly_seq_scheme.auth_mon_id 
_pdbx_poly_seq_scheme.pdb_strand_id 
_pdbx_poly_seq_scheme.pdb_ins_code 
_pdbx_poly_seq_scheme.hetero 
A 1 1   SER 1   1794 ?    ?   ?   A . n 
A 1 2   MET 2   1795 ?    ?   ?   A . n 
A 1 3   HIS 3   1796 ?    ?   ?   A . n 
A 1 4   SER 4   1797 1797 SER SER A . n 
A 1 5   ASP 5   1798 1798 ASP ASP A . n 
A 1 6   LEU 6   1799 1799 LEU LEU A . n 
A 1 7   THR 7   1800 1800 THR THR A . n 
A 1 8   PHE 8   1801 1801 PHE PHE A . n 
A 1 9   CYS 9   1802 1802 CYS CYS A . n 
A 1 10  GLU 10  1803 1803 GLU GLU A . n 
A 1 11  ILE 11  1804 1804 ILE ILE A . n 
A 1 12  ILE 12  1805 1805 ILE ILE A . n 
A 1 13  LEU 13  1806 1806 LEU LEU A . n 
A 1 14  MET 14  1807 1807 MET MET A . n 
A 1 15  GLU 15  1808 1808 GLU GLU A . n 
A 1 16  MET 16  1809 1809 MET MET A . n 
A 1 17  GLU 17  1810 1810 GLU GLU A . n 
A 1 18  SER 18  1811 1811 SER SER A . n 
A 1 19  HIS 19  1812 1812 HIS HIS A . n 
A 1 20  ASP 20  1813 1813 ASP ASP A . n 
A 1 21  ALA 21  1814 1814 ALA ALA A . n 
A 1 22  ALA 22  1815 1815 ALA ALA A . n 
A 1 23  TRP 23  1816 1816 TRP TRP A . n 
A 1 24  PRO 24  1817 1817 PRO PRO A . n 
A 1 25  PHE 25  1818 1818 PHE PHE A . n 
A 1 26  LEU 26  1819 1819 LEU LEU A . n 
A 1 27  GLU 27  1820 1820 GLU GLU A . n 
A 1 28  PRO 28  1821 1821 PRO PRO A . n 
A 1 29  VAL 29  1822 1822 VAL VAL A . n 
A 1 30  ASN 30  1823 1823 ASN ASN A . n 
A 1 31  PRO 31  1824 1824 PRO PRO A . n 
A 1 32  ARG 32  1825 1825 ARG ARG A . n 
A 1 33  LEU 33  1826 1826 LEU LEU A . n 
A 1 34  VAL 34  1827 1827 VAL VAL A . n 
A 1 35  SER 35  1828 1828 SER SER A . n 
A 1 36  GLY 36  1829 1829 GLY GLY A . n 
A 1 37  TYR 37  1830 1830 TYR TYR A . n 
A 1 38  ARG 38  1831 1831 ARG ARG A . n 
A 1 39  ARG 39  1832 1832 ARG ARG A . n 
A 1 40  ILE 40  1833 1833 ILE ILE A . n 
A 1 41  ILE 41  1834 1834 ILE ILE A . n 
A 1 42  LYS 42  1835 1835 LYS LYS A . n 
A 1 43  ASN 43  1836 1836 ASN ASN A . n 
A 1 44  PRO 44  1837 1837 PRO PRO A . n 
A 1 45  MET 45  1838 1838 MET MET A . n 
A 1 46  ASP 46  1839 1839 ASP ASP A . n 
A 1 47  PHE 47  1840 1840 PHE PHE A . n 
A 1 48  SER 48  1841 1841 SER SER A . n 
A 1 49  THR 49  1842 1842 THR THR A . n 
A 1 50  MET 50  1843 1843 MET MET A . n 
A 1 51  ARG 51  1844 1844 ARG ARG A . n 
A 1 52  GLU 52  1845 1845 GLU GLU A . n 
A 1 53  ARG 53  1846 1846 ARG ARG A . n 
A 1 54  LEU 54  1847 1847 LEU LEU A . n 
A 1 55  LEU 55  1848 1848 LEU LEU A . n 
A 1 56  ARG 56  1849 1849 ARG ARG A . n 
A 1 57  GLY 57  1850 1850 GLY GLY A . n 
A 1 58  GLY 58  1851 1851 GLY GLY A . n 
A 1 59  TYR 59  1852 1852 TYR TYR A . n 
A 1 60  THR 60  1853 1853 THR THR A . n 
A 1 61  SER 61  1854 1854 SER SER A . n 
A 1 62  SER 62  1855 1855 SER SER A . n 
A 1 63  GLU 63  1856 1856 GLU GLU A . n 
A 1 64  GLU 64  1857 1857 GLU GLU A . n 
A 1 65  PHE 65  1858 1858 PHE PHE A . n 
A 1 66  ALA 66  1859 1859 ALA ALA A . n 
A 1 67  ALA 67  1860 1860 ALA ALA A . n 
A 1 68  ASP 68  1861 1861 ASP ASP A . n 
A 1 69  ALA 69  1862 1862 ALA ALA A . n 
A 1 70  LEU 70  1863 1863 LEU LEU A . n 
A 1 71  LEU 71  1864 1864 LEU LEU A . n 
A 1 72  VAL 72  1865 1865 VAL VAL A . n 
A 1 73  PHE 73  1866 1866 PHE PHE A . n 
A 1 74  ASP 74  1867 1867 ASP ASP A . n 
A 1 75  ASN 75  1868 1868 ASN ASN A . n 
A 1 76  CYS 76  1869 1869 CYS CYS A . n 
A 1 77  GLN 77  1870 1870 GLN GLN A . n 
A 1 78  THR 78  1871 1871 THR THR A . n 
A 1 79  PHE 79  1872 1872 PHE PHE A . n 
A 1 80  ASN 80  1873 1873 ASN ASN A . n 
A 1 81  GLU 81  1874 1874 GLU GLU A . n 
A 1 82  ASP 82  1875 1875 ASP ASP A . n 
A 1 83  ASP 83  1876 1876 ASP ASP A . n 
A 1 84  SER 84  1877 1877 SER SER A . n 
A 1 85  GLU 85  1878 1878 GLU GLU A . n 
A 1 86  VAL 86  1879 1879 VAL VAL A . n 
A 1 87  GLY 87  1880 1880 GLY GLY A . n 
A 1 88  LYS 88  1881 1881 LYS LYS A . n 
A 1 89  ALA 89  1882 1882 ALA ALA A . n 
A 1 90  GLY 90  1883 1883 GLY GLY A . n 
A 1 91  HIS 91  1884 1884 HIS HIS A . n 
A 1 92  ILE 92  1885 1885 ILE ILE A . n 
A 1 93  MET 93  1886 1886 MET MET A . n 
A 1 94  ARG 94  1887 1887 ARG ARG A . n 
A 1 95  ARG 95  1888 1888 ARG ARG A . n 
A 1 96  PHE 96  1889 1889 PHE PHE A . n 
A 1 97  PHE 97  1890 1890 PHE PHE A . n 
A 1 98  GLU 98  1891 1891 GLU GLU A . n 
A 1 99  SER 99  1892 1892 SER SER A . n 
A 1 100 ARG 100 1893 1893 ARG ARG A . n 
A 1 101 TRP 101 1894 1894 TRP TRP A . n 
A 1 102 GLU 102 1895 1895 GLU GLU A . n 
A 1 103 GLU 103 1896 1896 GLU GLU A . n 
A 1 104 PHE 104 1897 1897 PHE PHE A . n 
A 1 105 TYR 105 1898 1898 TYR TYR A . n 
# 
loop_
_pdbx_nonpoly_scheme.asym_id 
_pdbx_nonpoly_scheme.entity_id 
_pdbx_nonpoly_scheme.mon_id 
_pdbx_nonpoly_scheme.ndb_seq_num 
_pdbx_nonpoly_scheme.pdb_seq_num 
_pdbx_nonpoly_scheme.auth_seq_num 
_pdbx_nonpoly_scheme.pdb_mon_id 
_pdbx_nonpoly_scheme.auth_mon_id 
_pdbx_nonpoly_scheme.pdb_strand_id 
_pdbx_nonpoly_scheme.pdb_ins_code 
B 2 GIU 1  1901 1901 GIU B09 A . 
C 3 HOH 1  2001 8    HOH HOH A . 
C 3 HOH 2  2002 12   HOH HOH A . 
C 3 HOH 3  2003 26   HOH HOH A . 
C 3 HOH 4  2004 7    HOH HOH A . 
C 3 HOH 5  2005 4    HOH HOH A . 
C 3 HOH 6  2006 2    HOH HOH A . 
C 3 HOH 7  2007 22   HOH HOH A . 
C 3 HOH 8  2008 30   HOH HOH A . 
C 3 HOH 9  2009 27   HOH HOH A . 
C 3 HOH 10 2010 16   HOH HOH A . 
C 3 HOH 11 2011 11   HOH HOH A . 
C 3 HOH 12 2012 19   HOH HOH A . 
C 3 HOH 13 2013 1    HOH HOH A . 
C 3 HOH 14 2014 21   HOH HOH A . 
C 3 HOH 15 2015 18   HOH HOH A . 
C 3 HOH 16 2016 31   HOH HOH A . 
C 3 HOH 17 2017 5    HOH HOH A . 
C 3 HOH 18 2018 17   HOH HOH A . 
C 3 HOH 19 2019 14   HOH HOH A . 
C 3 HOH 20 2020 32   HOH HOH A . 
C 3 HOH 21 2021 9    HOH HOH A . 
C 3 HOH 22 2022 10   HOH HOH A . 
C 3 HOH 23 2023 33   HOH HOH A . 
C 3 HOH 24 2024 6    HOH HOH A . 
C 3 HOH 25 2025 23   HOH HOH A . 
C 3 HOH 26 2026 25   HOH HOH A . 
C 3 HOH 27 2027 24   HOH HOH A . 
C 3 HOH 28 2028 3    HOH HOH A . 
C 3 HOH 29 2029 28   HOH HOH A . 
C 3 HOH 30 2030 15   HOH HOH A . 
C 3 HOH 31 2031 20   HOH HOH A . 
C 3 HOH 32 2032 29   HOH HOH A . 
# 
loop_
_software.citation_id 
_software.classification 
_software.compiler_name 
_software.compiler_version 
_software.contact_author 
_software.contact_author_email 
_software.date 
_software.description 
_software.dependencies 
_software.hardware 
_software.language 
_software.location 
_software.mods 
_software.name 
_software.os 
_software.os_version 
_software.type 
_software.version 
_software.pdbx_ordinal 
? refinement        ? ? ? ? ? ? ? ? ? ? ? PHENIX      ? ? ? 1.11.1 1 
? 'data reduction'  ? ? ? ? ? ? ? ? ? ? ? XDS         ? ? ? .      2 
? phasing           ? ? ? ? ? ? ? ? ? ? ? PHASER      ? ? ? .      3 
? 'data extraction' ? ? ? ? ? ? ? ? ? ? ? PDB_EXTRACT ? ? ? 3.27   4 
? 'data scaling'    ? ? ? ? ? ? ? ? ? ? ? STARANISO   ? ? ? .      5 
# 
_cell.angle_alpha                  90.000 
_cell.angle_alpha_esd              ? 
_cell.angle_beta                   90.000 
_cell.angle_beta_esd               ? 
_cell.angle_gamma                  120.000 
_cell.angle_gamma_esd              ? 
_cell.entry_id                     7QZT 
_cell.details                      ? 
_cell.formula_units_Z              ? 
_cell.length_a                     94.757 
_cell.length_a_esd                 ? 
_cell.length_b                     94.757 
_cell.length_b_esd                 ? 
_cell.length_c                     32.738 
_cell.length_c_esd                 ? 
_cell.volume                       ? 
_cell.volume_esd                   ? 
_cell.Z_PDB                        6 
_cell.reciprocal_angle_alpha       ? 
_cell.reciprocal_angle_beta        ? 
_cell.reciprocal_angle_gamma       ? 
_cell.reciprocal_angle_alpha_esd   ? 
_cell.reciprocal_angle_beta_esd    ? 
_cell.reciprocal_angle_gamma_esd   ? 
_cell.reciprocal_length_a          ? 
_cell.reciprocal_length_b          ? 
_cell.reciprocal_length_c          ? 
_cell.reciprocal_length_a_esd      ? 
_cell.reciprocal_length_b_esd      ? 
_cell.reciprocal_length_c_esd      ? 
_cell.pdbx_unique_axis             ? 
# 
_symmetry.entry_id                         7QZT 
_symmetry.cell_setting                     ? 
_symmetry.Int_Tables_number                152 
_symmetry.space_group_name_Hall            ? 
_symmetry.space_group_name_H-M             'P 31 2 1' 
_symmetry.pdbx_full_space_group_name_H-M   ? 
# 
_exptl.absorpt_coefficient_mu     ? 
_exptl.absorpt_correction_T_max   ? 
_exptl.absorpt_correction_T_min   ? 
_exptl.absorpt_correction_type    ? 
_exptl.absorpt_process_details    ? 
_exptl.entry_id                   7QZT 
_exptl.crystals_number            1 
_exptl.details                    ? 
_exptl.method                     'X-RAY DIFFRACTION' 
_exptl.method_details             ? 
# 
_exptl_crystal.colour                      ? 
_exptl_crystal.density_diffrn              ? 
_exptl_crystal.density_Matthews            3.43 
_exptl_crystal.density_method              ? 
_exptl_crystal.density_percent_sol         64.11 
_exptl_crystal.description                 ? 
_exptl_crystal.F_000                       ? 
_exptl_crystal.id                          1 
_exptl_crystal.preparation                 ? 
_exptl_crystal.size_max                    ? 
_exptl_crystal.size_mid                    ? 
_exptl_crystal.size_min                    ? 
_exptl_crystal.size_rad                    ? 
_exptl_crystal.colour_lustre               ? 
_exptl_crystal.colour_modifier             ? 
_exptl_crystal.colour_primary              ? 
_exptl_crystal.density_meas                ? 
_exptl_crystal.density_meas_esd            ? 
_exptl_crystal.density_meas_gt             ? 
_exptl_crystal.density_meas_lt             ? 
_exptl_crystal.density_meas_temp           ? 
_exptl_crystal.density_meas_temp_esd       ? 
_exptl_crystal.density_meas_temp_gt        ? 
_exptl_crystal.density_meas_temp_lt        ? 
_exptl_crystal.pdbx_crystal_image_url      ? 
_exptl_crystal.pdbx_crystal_image_format   ? 
_exptl_crystal.pdbx_mosaicity              ? 
_exptl_crystal.pdbx_mosaicity_esd          ? 
# 
_exptl_crystal_grow.apparatus       ? 
_exptl_crystal_grow.atmosphere      ? 
_exptl_crystal_grow.crystal_id      1 
_exptl_crystal_grow.details         ? 
_exptl_crystal_grow.method          'VAPOR DIFFUSION, SITTING DROP' 
_exptl_crystal_grow.method_ref      ? 
_exptl_crystal_grow.pH              7.5 
_exptl_crystal_grow.pressure        ? 
_exptl_crystal_grow.pressure_esd    ? 
_exptl_crystal_grow.seeding         ? 
_exptl_crystal_grow.seeding_ref     ? 
_exptl_crystal_grow.temp            277 
_exptl_crystal_grow.temp_details    ? 
_exptl_crystal_grow.temp_esd        ? 
_exptl_crystal_grow.time            ? 
_exptl_crystal_grow.pdbx_details    '20% PEG3350, 0.2 M MgCl2' 
_exptl_crystal_grow.pdbx_pH_range   ? 
# 
_diffrn.ambient_environment              ? 
_diffrn.ambient_temp                     100 
_diffrn.ambient_temp_details             ? 
_diffrn.ambient_temp_esd                 ? 
_diffrn.crystal_id                       1 
_diffrn.crystal_support                  ? 
_diffrn.crystal_treatment                ? 
_diffrn.details                          ? 
_diffrn.id                               1 
_diffrn.ambient_pressure                 ? 
_diffrn.ambient_pressure_esd             ? 
_diffrn.ambient_pressure_gt              ? 
_diffrn.ambient_pressure_lt              ? 
_diffrn.ambient_temp_gt                  ? 
_diffrn.ambient_temp_lt                  ? 
_diffrn.pdbx_serial_crystal_experiment   N 
# 
_diffrn_detector.details                      ? 
_diffrn_detector.detector                     PIXEL 
_diffrn_detector.diffrn_id                    1 
_diffrn_detector.type                         'DECTRIS PILATUS 2M' 
_diffrn_detector.area_resol_mean              ? 
_diffrn_detector.dtime                        ? 
_diffrn_detector.pdbx_frames_total            ? 
_diffrn_detector.pdbx_collection_time_total   ? 
_diffrn_detector.pdbx_collection_date         2018-06-15 
_diffrn_detector.pdbx_frequency               ? 
# 
_diffrn_radiation.collimation                      ? 
_diffrn_radiation.diffrn_id                        1 
_diffrn_radiation.filter_edge                      ? 
_diffrn_radiation.inhomogeneity                    ? 
_diffrn_radiation.monochromator                    ? 
_diffrn_radiation.polarisn_norm                    ? 
_diffrn_radiation.polarisn_ratio                   ? 
_diffrn_radiation.probe                            ? 
_diffrn_radiation.type                             ? 
_diffrn_radiation.xray_symbol                      ? 
_diffrn_radiation.wavelength_id                    1 
_diffrn_radiation.pdbx_monochromatic_or_laue_m_l   M 
_diffrn_radiation.pdbx_wavelength_list             ? 
_diffrn_radiation.pdbx_wavelength                  ? 
_diffrn_radiation.pdbx_diffrn_protocol             'SINGLE WAVELENGTH' 
_diffrn_radiation.pdbx_analyzer                    ? 
_diffrn_radiation.pdbx_scattering_type             x-ray 
# 
_diffrn_radiation_wavelength.id           1 
_diffrn_radiation_wavelength.wavelength   0.966 
_diffrn_radiation_wavelength.wt           1.0 
# 
_diffrn_source.current                     ? 
_diffrn_source.details                     ? 
_diffrn_source.diffrn_id                   1 
_diffrn_source.power                       ? 
_diffrn_source.size                        ? 
_diffrn_source.source                      SYNCHROTRON 
_diffrn_source.target                      ? 
_diffrn_source.type                        'ESRF BEAMLINE MASSIF-1' 
_diffrn_source.voltage                     ? 
_diffrn_source.take-off_angle              ? 
_diffrn_source.pdbx_wavelength_list        0.966 
_diffrn_source.pdbx_wavelength             ? 
_diffrn_source.pdbx_synchrotron_beamline   MASSIF-1 
_diffrn_source.pdbx_synchrotron_site       ESRF 
# 
_reflns.B_iso_Wilson_estimate                          27.150 
_reflns.entry_id                                       7QZT 
_reflns.data_reduction_details                         ? 
_reflns.data_reduction_method                          ? 
_reflns.d_resolution_high                              2.183 
_reflns.d_resolution_low                               82.062 
_reflns.details                                        ? 
_reflns.limit_h_max                                    ? 
_reflns.limit_h_min                                    ? 
_reflns.limit_k_max                                    ? 
_reflns.limit_k_min                                    ? 
_reflns.limit_l_max                                    ? 
_reflns.limit_l_min                                    ? 
_reflns.number_all                                     ? 
_reflns.number_obs                                     5399 
_reflns.observed_criterion                             ? 
_reflns.observed_criterion_F_max                       ? 
_reflns.observed_criterion_F_min                       ? 
_reflns.observed_criterion_I_max                       ? 
_reflns.observed_criterion_I_min                       ? 
_reflns.observed_criterion_sigma_F                     ? 
_reflns.observed_criterion_sigma_I                     ? 
_reflns.percent_possible_obs                           60.1 
_reflns.R_free_details                                 ? 
_reflns.Rmerge_F_all                                   ? 
_reflns.Rmerge_F_obs                                   ? 
_reflns.Friedel_coverage                               ? 
_reflns.number_gt                                      ? 
_reflns.threshold_expression                           ? 
_reflns.pdbx_redundancy                                3.0 
_reflns.pdbx_Rmerge_I_obs                              ? 
_reflns.pdbx_Rmerge_I_all                              ? 
_reflns.pdbx_Rsym_value                                ? 
_reflns.pdbx_netI_over_av_sigmaI                       ? 
_reflns.pdbx_netI_over_sigmaI                          12.2 
_reflns.pdbx_res_netI_over_av_sigmaI_2                 ? 
_reflns.pdbx_res_netI_over_sigmaI_2                    ? 
_reflns.pdbx_chi_squared                               ? 
_reflns.pdbx_scaling_rejects                           ? 
_reflns.pdbx_d_res_high_opt                            ? 
_reflns.pdbx_d_res_low_opt                             ? 
_reflns.pdbx_d_res_opt_method                          ? 
_reflns.phase_calculation_details                      ? 
_reflns.pdbx_Rrim_I_all                                ? 
_reflns.pdbx_Rpim_I_all                                ? 
_reflns.pdbx_d_opt                                     ? 
_reflns.pdbx_number_measured_all                       ? 
_reflns.pdbx_diffrn_id                                 1 
_reflns.pdbx_ordinal                                   1 
_reflns.pdbx_CC_half                                   0.998 
_reflns.pdbx_CC_star                                   ? 
_reflns.pdbx_R_split                                   ? 
_reflns.pdbx_aniso_diffraction_limit_axis_1_ortho[1]   ? 
_reflns.pdbx_aniso_diffraction_limit_axis_1_ortho[2]   ? 
_reflns.pdbx_aniso_diffraction_limit_axis_1_ortho[3]   ? 
_reflns.pdbx_aniso_diffraction_limit_axis_2_ortho[1]   ? 
_reflns.pdbx_aniso_diffraction_limit_axis_2_ortho[2]   ? 
_reflns.pdbx_aniso_diffraction_limit_axis_2_ortho[3]   ? 
_reflns.pdbx_aniso_diffraction_limit_axis_3_ortho[1]   ? 
_reflns.pdbx_aniso_diffraction_limit_axis_3_ortho[2]   ? 
_reflns.pdbx_aniso_diffraction_limit_axis_3_ortho[3]   ? 
_reflns.pdbx_aniso_diffraction_limit_1                 ? 
_reflns.pdbx_aniso_diffraction_limit_2                 ? 
_reflns.pdbx_aniso_diffraction_limit_3                 ? 
_reflns.pdbx_aniso_B_tensor_eigenvector_1_ortho[1]     ? 
_reflns.pdbx_aniso_B_tensor_eigenvector_1_ortho[2]     ? 
_reflns.pdbx_aniso_B_tensor_eigenvector_1_ortho[3]     ? 
_reflns.pdbx_aniso_B_tensor_eigenvector_2_ortho[1]     ? 
_reflns.pdbx_aniso_B_tensor_eigenvector_2_ortho[2]     ? 
_reflns.pdbx_aniso_B_tensor_eigenvector_2_ortho[3]     ? 
_reflns.pdbx_aniso_B_tensor_eigenvector_3_ortho[1]     ? 
_reflns.pdbx_aniso_B_tensor_eigenvector_3_ortho[2]     ? 
_reflns.pdbx_aniso_B_tensor_eigenvector_3_ortho[3]     ? 
_reflns.pdbx_aniso_B_tensor_eigenvalue_1               ? 
_reflns.pdbx_aniso_B_tensor_eigenvalue_2               ? 
_reflns.pdbx_aniso_B_tensor_eigenvalue_3               ? 
_reflns.pdbx_orthogonalization_convention              ? 
_reflns.pdbx_percent_possible_ellipsoidal              ? 
_reflns.pdbx_percent_possible_spherical                ? 
_reflns.pdbx_percent_possible_ellipsoidal_anomalous    ? 
_reflns.pdbx_percent_possible_spherical_anomalous      ? 
_reflns.pdbx_redundancy_anomalous                      ? 
_reflns.pdbx_CC_half_anomalous                         ? 
_reflns.pdbx_absDiff_over_sigma_anomalous              ? 
_reflns.pdbx_percent_possible_anomalous                ? 
_reflns.pdbx_observed_signal_threshold                 ? 
_reflns.pdbx_signal_type                               ? 
_reflns.pdbx_signal_details                            ? 
_reflns.pdbx_signal_software_id                        ? 
# 
_reflns_shell.d_res_high                                    2.183 
_reflns_shell.d_res_low                                     2.483 
_reflns_shell.meanI_over_sigI_all                           ? 
_reflns_shell.meanI_over_sigI_obs                           ? 
_reflns_shell.number_measured_all                           ? 
_reflns_shell.number_measured_obs                           ? 
_reflns_shell.number_possible                               ? 
_reflns_shell.number_unique_all                             ? 
_reflns_shell.number_unique_obs                             540 
_reflns_shell.percent_possible_all                          ? 
_reflns_shell.percent_possible_obs                          ? 
_reflns_shell.Rmerge_F_all                                  ? 
_reflns_shell.Rmerge_F_obs                                  ? 
_reflns_shell.Rmerge_I_all                                  ? 
_reflns_shell.Rmerge_I_obs                                  ? 
_reflns_shell.meanI_over_sigI_gt                            ? 
_reflns_shell.meanI_over_uI_all                             ? 
_reflns_shell.meanI_over_uI_gt                              ? 
_reflns_shell.number_measured_gt                            ? 
_reflns_shell.number_unique_gt                              ? 
_reflns_shell.percent_possible_gt                           ? 
_reflns_shell.Rmerge_F_gt                                   ? 
_reflns_shell.Rmerge_I_gt                                   ? 
_reflns_shell.pdbx_redundancy                               ? 
_reflns_shell.pdbx_Rsym_value                               ? 
_reflns_shell.pdbx_chi_squared                              ? 
_reflns_shell.pdbx_netI_over_sigmaI_all                     ? 
_reflns_shell.pdbx_netI_over_sigmaI_obs                     ? 
_reflns_shell.pdbx_Rrim_I_all                               ? 
_reflns_shell.pdbx_Rpim_I_all                               ? 
_reflns_shell.pdbx_rejects                                  ? 
_reflns_shell.pdbx_ordinal                                  1 
_reflns_shell.pdbx_diffrn_id                                1 
_reflns_shell.pdbx_CC_half                                  0.909 
_reflns_shell.pdbx_CC_star                                  ? 
_reflns_shell.pdbx_R_split                                  ? 
_reflns_shell.pdbx_percent_possible_ellipsoidal             ? 
_reflns_shell.pdbx_percent_possible_spherical               ? 
_reflns_shell.pdbx_percent_possible_ellipsoidal_anomalous   ? 
_reflns_shell.pdbx_percent_possible_spherical_anomalous     ? 
_reflns_shell.pdbx_redundancy_anomalous                     ? 
_reflns_shell.pdbx_CC_half_anomalous                        ? 
_reflns_shell.pdbx_absDiff_over_sigma_anomalous             ? 
_reflns_shell.pdbx_percent_possible_anomalous               ? 
# 
_refine.aniso_B[1][1]                            ? 
_refine.aniso_B[1][2]                            ? 
_refine.aniso_B[1][3]                            ? 
_refine.aniso_B[2][2]                            ? 
_refine.aniso_B[2][3]                            ? 
_refine.aniso_B[3][3]                            ? 
_refine.B_iso_max                                110.700 
_refine.B_iso_mean                               39.1459 
_refine.B_iso_min                                12.080 
_refine.correlation_coeff_Fo_to_Fc               ? 
_refine.correlation_coeff_Fo_to_Fc_free          ? 
_refine.details                                  ? 
_refine.diff_density_max                         ? 
_refine.diff_density_max_esd                     ? 
_refine.diff_density_min                         ? 
_refine.diff_density_min_esd                     ? 
_refine.diff_density_rms                         ? 
_refine.diff_density_rms_esd                     ? 
_refine.entry_id                                 7QZT 
_refine.pdbx_refine_id                           'X-RAY DIFFRACTION' 
_refine.ls_abs_structure_details                 ? 
_refine.ls_abs_structure_Flack                   ? 
_refine.ls_abs_structure_Flack_esd               ? 
_refine.ls_abs_structure_Rogers                  ? 
_refine.ls_abs_structure_Rogers_esd              ? 
_refine.ls_d_res_high                            2.1830 
_refine.ls_d_res_low                             41.0310 
_refine.ls_extinction_coef                       ? 
_refine.ls_extinction_coef_esd                   ? 
_refine.ls_extinction_expression                 ? 
_refine.ls_extinction_method                     ? 
_refine.ls_goodness_of_fit_all                   ? 
_refine.ls_goodness_of_fit_all_esd               ? 
_refine.ls_goodness_of_fit_obs                   ? 
_refine.ls_goodness_of_fit_obs_esd               ? 
_refine.ls_hydrogen_treatment                    ? 
_refine.ls_matrix_type                           ? 
_refine.ls_number_constraints                    ? 
_refine.ls_number_parameters                     ? 
_refine.ls_number_reflns_all                     ? 
_refine.ls_number_reflns_obs                     5368 
_refine.ls_number_reflns_R_free                  260 
_refine.ls_number_reflns_R_work                  5108 
_refine.ls_number_restraints                     ? 
_refine.ls_percent_reflns_obs                    59.7800 
_refine.ls_percent_reflns_R_free                 4.8400 
_refine.ls_R_factor_all                          ? 
_refine.ls_R_factor_obs                          0.1856 
_refine.ls_R_factor_R_free                       0.2352 
_refine.ls_R_factor_R_free_error                 ? 
_refine.ls_R_factor_R_free_error_details         ? 
_refine.ls_R_factor_R_work                       0.1826 
_refine.ls_R_Fsqd_factor_obs                     ? 
_refine.ls_R_I_factor_obs                        ? 
_refine.ls_redundancy_reflns_all                 ? 
_refine.ls_redundancy_reflns_obs                 ? 
_refine.ls_restrained_S_all                      ? 
_refine.ls_restrained_S_obs                      ? 
_refine.ls_shift_over_esd_max                    ? 
_refine.ls_shift_over_esd_mean                   ? 
_refine.ls_structure_factor_coef                 ? 
_refine.ls_weighting_details                     ? 
_refine.ls_weighting_scheme                      ? 
_refine.ls_wR_factor_all                         ? 
_refine.ls_wR_factor_obs                         ? 
_refine.ls_wR_factor_R_free                      ? 
_refine.ls_wR_factor_R_work                      ? 
_refine.occupancy_max                            ? 
_refine.occupancy_min                            ? 
_refine.solvent_model_details                    'FLAT BULK SOLVENT MODEL' 
_refine.solvent_model_param_bsol                 ? 
_refine.solvent_model_param_ksol                 ? 
_refine.pdbx_R_complete                          ? 
_refine.ls_R_factor_gt                           ? 
_refine.ls_goodness_of_fit_gt                    ? 
_refine.ls_goodness_of_fit_ref                   ? 
_refine.ls_shift_over_su_max                     ? 
_refine.ls_shift_over_su_max_lt                  ? 
_refine.ls_shift_over_su_mean                    ? 
_refine.ls_shift_over_su_mean_lt                 ? 
_refine.pdbx_ls_sigma_I                          ? 
_refine.pdbx_ls_sigma_F                          1.350 
_refine.pdbx_ls_sigma_Fsqd                       ? 
_refine.pdbx_data_cutoff_high_absF               ? 
_refine.pdbx_data_cutoff_high_rms_absF           ? 
_refine.pdbx_data_cutoff_low_absF                ? 
_refine.pdbx_isotropic_thermal_model             ? 
_refine.pdbx_ls_cross_valid_method               'FREE R-VALUE' 
_refine.pdbx_method_to_determine_struct          'MOLECULAR REPLACEMENT' 
_refine.pdbx_starting_model                      5MGJ 
_refine.pdbx_stereochemistry_target_values       ML 
_refine.pdbx_R_Free_selection_details            ? 
_refine.pdbx_stereochem_target_val_spec_case     ? 
_refine.pdbx_overall_ESU_R                       ? 
_refine.pdbx_overall_ESU_R_Free                  ? 
_refine.pdbx_solvent_vdw_probe_radii             1.1100 
_refine.pdbx_solvent_ion_probe_radii             ? 
_refine.pdbx_solvent_shrinkage_radii             0.9000 
_refine.pdbx_real_space_R                        ? 
_refine.pdbx_density_correlation                 ? 
_refine.pdbx_pd_number_of_powder_patterns        ? 
_refine.pdbx_pd_number_of_points                 ? 
_refine.pdbx_pd_meas_number_of_points            ? 
_refine.pdbx_pd_proc_ls_prof_R_factor            ? 
_refine.pdbx_pd_proc_ls_prof_wR_factor           ? 
_refine.pdbx_pd_Marquardt_correlation_coeff      ? 
_refine.pdbx_pd_Fsqrd_R_factor                   ? 
_refine.pdbx_pd_ls_matrix_band_width             ? 
_refine.pdbx_overall_phase_error                 19.3600 
_refine.pdbx_overall_SU_R_free_Cruickshank_DPI   ? 
_refine.pdbx_overall_SU_R_free_Blow_DPI          ? 
_refine.pdbx_overall_SU_R_Blow_DPI               ? 
_refine.pdbx_TLS_residual_ADP_flag               ? 
_refine.pdbx_diffrn_id                           1 
_refine.overall_SU_B                             ? 
_refine.overall_SU_ML                            0.2300 
_refine.overall_SU_R_Cruickshank_DPI             ? 
_refine.overall_SU_R_free                        ? 
_refine.overall_FOM_free_R_set                   ? 
_refine.overall_FOM_work_R_set                   ? 
_refine.pdbx_average_fsc_overall                 ? 
_refine.pdbx_average_fsc_work                    ? 
_refine.pdbx_average_fsc_free                    ? 
# 
_refine_hist.pdbx_refine_id                   'X-RAY DIFFRACTION' 
_refine_hist.cycle_id                         final 
_refine_hist.details                          ? 
_refine_hist.d_res_high                       2.1830 
_refine_hist.d_res_low                        41.0310 
_refine_hist.number_atoms_solvent             32 
_refine_hist.number_atoms_total               894 
_refine_hist.number_reflns_all                ? 
_refine_hist.number_reflns_obs                ? 
_refine_hist.number_reflns_R_free             ? 
_refine_hist.number_reflns_R_work             ? 
_refine_hist.R_factor_all                     ? 
_refine_hist.R_factor_obs                     ? 
_refine_hist.R_factor_R_free                  ? 
_refine_hist.R_factor_R_work                  ? 
_refine_hist.pdbx_number_residues_total       102 
_refine_hist.pdbx_B_iso_mean_ligand           35.65 
_refine_hist.pdbx_B_iso_mean_solvent          31.62 
_refine_hist.pdbx_number_atoms_protein        843 
_refine_hist.pdbx_number_atoms_nucleic_acid   0 
_refine_hist.pdbx_number_atoms_ligand         19 
_refine_hist.pdbx_number_atoms_lipid          ? 
_refine_hist.pdbx_number_atoms_carb           ? 
_refine_hist.pdbx_pseudo_atom_details         ? 
# 
loop_
_refine_ls_restr.pdbx_refine_id 
_refine_ls_restr.criterion 
_refine_ls_restr.dev_ideal 
_refine_ls_restr.dev_ideal_target 
_refine_ls_restr.number 
_refine_ls_restr.rejects 
_refine_ls_restr.type 
_refine_ls_restr.weight 
_refine_ls_restr.pdbx_restraint_function 
'X-RAY DIFFRACTION' ? 0.009  ? 885  ? f_bond_d           ? ? 
'X-RAY DIFFRACTION' ? 0.966  ? 1194 ? f_angle_d          ? ? 
'X-RAY DIFFRACTION' ? 0.046  ? 119  ? f_chiral_restr     ? ? 
'X-RAY DIFFRACTION' ? 0.006  ? 155  ? f_plane_restr      ? ? 
'X-RAY DIFFRACTION' ? 15.444 ? 523  ? f_dihedral_angle_d ? ? 
# 
loop_
_refine_ls_shell.pdbx_refine_id 
_refine_ls_shell.d_res_high 
_refine_ls_shell.d_res_low 
_refine_ls_shell.number_reflns_all 
_refine_ls_shell.number_reflns_obs 
_refine_ls_shell.number_reflns_R_free 
_refine_ls_shell.number_reflns_R_work 
_refine_ls_shell.percent_reflns_obs 
_refine_ls_shell.percent_reflns_R_free 
_refine_ls_shell.R_factor_all 
_refine_ls_shell.R_factor_obs 
_refine_ls_shell.R_factor_R_free 
_refine_ls_shell.R_factor_R_free_error 
_refine_ls_shell.R_factor_R_work 
_refine_ls_shell.redundancy_reflns_all 
_refine_ls_shell.redundancy_reflns_obs 
_refine_ls_shell.wR_factor_all 
_refine_ls_shell.wR_factor_obs 
_refine_ls_shell.wR_factor_R_free 
_refine_ls_shell.wR_factor_R_work 
_refine_ls_shell.pdbx_R_complete 
_refine_ls_shell.pdbx_total_number_of_bins_used 
_refine_ls_shell.pdbx_phase_error 
_refine_ls_shell.pdbx_fsc_work 
_refine_ls_shell.pdbx_fsc_free 
'X-RAY DIFFRACTION' 2.1832 2.7505 . . 44  1160 27.0000 . . . 0.3929 0.0000 0.2789 . . . . . . . . . . . 
'X-RAY DIFFRACTION' 2.7505 41.031 . . 216 3948 91.0000 . . . 0.2233 0.0000 0.1705 . . . . . . . . . . . 
# 
_struct.entry_id                     7QZT 
_struct.title                        'BAZ2A bromodomain in complex with isoquinoline derivative fragment 9' 
_struct.pdbx_model_details           ? 
_struct.pdbx_formula_weight          ? 
_struct.pdbx_formula_weight_method   ? 
_struct.pdbx_model_type_details      ? 
_struct.pdbx_CASP_flag               N 
# 
_struct_keywords.entry_id        7QZT 
_struct_keywords.text            'four helical bundle, transcription' 
_struct_keywords.pdbx_keywords   TRANSCRIPTION 
# 
loop_
_struct_asym.id 
_struct_asym.pdbx_blank_PDB_chainid_flag 
_struct_asym.pdbx_modified 
_struct_asym.entity_id 
_struct_asym.details 
A N N 1 ? 
B N N 2 ? 
C N N 3 ? 
# 
_struct_ref.id                         1 
_struct_ref.db_name                    UNP 
_struct_ref.db_code                    BAZ2A_HUMAN 
_struct_ref.pdbx_db_accession          Q9UIF9 
_struct_ref.pdbx_db_isoform            ? 
_struct_ref.entity_id                  1 
_struct_ref.pdbx_seq_one_letter_code   
;HSDLTFCEIILMEMESHDAAWPFLEPVNPRLVSGYRRIIKNPMDFSTMRERLLRGGYTSSEEFAADALLVFDNCQTFNED
DSEVGKAGHIMRRFFESRWEEFY
;
_struct_ref.pdbx_align_begin           1796 
# 
_struct_ref_seq.align_id                      1 
_struct_ref_seq.ref_id                        1 
_struct_ref_seq.pdbx_PDB_id_code              7QZT 
_struct_ref_seq.pdbx_strand_id                A 
_struct_ref_seq.seq_align_beg                 3 
_struct_ref_seq.pdbx_seq_align_beg_ins_code   ? 
_struct_ref_seq.seq_align_end                 105 
_struct_ref_seq.pdbx_seq_align_end_ins_code   ? 
_struct_ref_seq.pdbx_db_accession             Q9UIF9 
_struct_ref_seq.db_align_beg                  1796 
_struct_ref_seq.pdbx_db_align_beg_ins_code    ? 
_struct_ref_seq.db_align_end                  1898 
_struct_ref_seq.pdbx_db_align_end_ins_code    ? 
_struct_ref_seq.pdbx_auth_seq_align_beg       1796 
_struct_ref_seq.pdbx_auth_seq_align_end       1898 
# 
loop_
_struct_ref_seq_dif.align_id 
_struct_ref_seq_dif.pdbx_pdb_id_code 
_struct_ref_seq_dif.mon_id 
_struct_ref_seq_dif.pdbx_pdb_strand_id 
_struct_ref_seq_dif.seq_num 
_struct_ref_seq_dif.pdbx_pdb_ins_code 
_struct_ref_seq_dif.pdbx_seq_db_name 
_struct_ref_seq_dif.pdbx_seq_db_accession_code 
_struct_ref_seq_dif.db_mon_id 
_struct_ref_seq_dif.pdbx_seq_db_seq_num 
_struct_ref_seq_dif.details 
_struct_ref_seq_dif.pdbx_auth_seq_num 
_struct_ref_seq_dif.pdbx_ordinal 
1 7QZT SER A 1 ? UNP Q9UIF9 ? ? 'expression tag' 1794 1 
1 7QZT MET A 2 ? UNP Q9UIF9 ? ? 'expression tag' 1795 2 
# 
_pdbx_struct_assembly.id                   1 
_pdbx_struct_assembly.details              author_and_software_defined_assembly 
_pdbx_struct_assembly.method_details       PISA 
_pdbx_struct_assembly.oligomeric_details   monomeric 
_pdbx_struct_assembly.oligomeric_count     1 
# 
loop_
_pdbx_struct_assembly_prop.biol_id 
_pdbx_struct_assembly_prop.type 
_pdbx_struct_assembly_prop.value 
_pdbx_struct_assembly_prop.details 
1 'ABSA (A^2)' 0    ? 
1 MORE         0    ? 
1 'SSA (A^2)'  6180 ? 
# 
_pdbx_struct_assembly_gen.assembly_id       1 
_pdbx_struct_assembly_gen.oper_expression   1 
_pdbx_struct_assembly_gen.asym_id_list      A,B,C 
# 
_pdbx_struct_assembly_auth_evidence.id                     1 
_pdbx_struct_assembly_auth_evidence.assembly_id            1 
_pdbx_struct_assembly_auth_evidence.experimental_support   'gel filtration' 
_pdbx_struct_assembly_auth_evidence.details                ? 
# 
_pdbx_struct_oper_list.id                   1 
_pdbx_struct_oper_list.type                 'identity operation' 
_pdbx_struct_oper_list.name                 1_555 
_pdbx_struct_oper_list.symmetry_operation   x,y,z 
_pdbx_struct_oper_list.matrix[1][1]         1.0000000000 
_pdbx_struct_oper_list.matrix[1][2]         0.0000000000 
_pdbx_struct_oper_list.matrix[1][3]         0.0000000000 
_pdbx_struct_oper_list.vector[1]            0.0000000000 
_pdbx_struct_oper_list.matrix[2][1]         0.0000000000 
_pdbx_struct_oper_list.matrix[2][2]         1.0000000000 
_pdbx_struct_oper_list.matrix[2][3]         0.0000000000 
_pdbx_struct_oper_list.vector[2]            0.0000000000 
_pdbx_struct_oper_list.matrix[3][1]         0.0000000000 
_pdbx_struct_oper_list.matrix[3][2]         0.0000000000 
_pdbx_struct_oper_list.matrix[3][3]         1.0000000000 
_pdbx_struct_oper_list.vector[3]            0.0000000000 
# 
loop_
_struct_conf.conf_type_id 
_struct_conf.id 
_struct_conf.pdbx_PDB_helix_id 
_struct_conf.beg_label_comp_id 
_struct_conf.beg_label_asym_id 
_struct_conf.beg_label_seq_id 
_struct_conf.pdbx_beg_PDB_ins_code 
_struct_conf.end_label_comp_id 
_struct_conf.end_label_asym_id 
_struct_conf.end_label_seq_id 
_struct_conf.pdbx_end_PDB_ins_code 
_struct_conf.beg_auth_comp_id 
_struct_conf.beg_auth_asym_id 
_struct_conf.beg_auth_seq_id 
_struct_conf.end_auth_comp_id 
_struct_conf.end_auth_asym_id 
_struct_conf.end_auth_seq_id 
_struct_conf.pdbx_PDB_helix_class 
_struct_conf.details 
_struct_conf.pdbx_PDB_helix_length 
HELX_P HELX_P1 AA1 SER A 4  ? SER A 18  ? SER A 1797 SER A 1811 1 ? 15 
HELX_P HELX_P2 AA2 HIS A 19 ? LEU A 26  ? HIS A 1812 LEU A 1819 5 ? 8  
HELX_P HELX_P3 AA3 GLY A 36 ? ILE A 41  ? GLY A 1829 ILE A 1834 1 ? 6  
HELX_P HELX_P4 AA4 ASP A 46 ? GLY A 57  ? ASP A 1839 GLY A 1850 1 ? 12 
HELX_P HELX_P5 AA5 SER A 61 ? ASN A 80  ? SER A 1854 ASN A 1873 1 ? 20 
HELX_P HELX_P6 AA6 SER A 84 ? GLU A 103 ? SER A 1877 GLU A 1896 1 ? 20 
# 
_struct_conf_type.id          HELX_P 
_struct_conf_type.criteria    ? 
_struct_conf_type.reference   ? 
# 
_pdbx_validate_torsion.id              1 
_pdbx_validate_torsion.PDB_model_num   1 
_pdbx_validate_torsion.auth_comp_id    PRO 
_pdbx_validate_torsion.auth_asym_id    A 
_pdbx_validate_torsion.auth_seq_id     1821 
_pdbx_validate_torsion.PDB_ins_code    ? 
_pdbx_validate_torsion.label_alt_id    ? 
_pdbx_validate_torsion.phi             -49.61 
_pdbx_validate_torsion.psi             150.04 
# 
_pdbx_struct_special_symmetry.id              1 
_pdbx_struct_special_symmetry.PDB_model_num   1 
_pdbx_struct_special_symmetry.auth_asym_id    A 
_pdbx_struct_special_symmetry.auth_comp_id    HOH 
_pdbx_struct_special_symmetry.auth_seq_id     2020 
_pdbx_struct_special_symmetry.PDB_ins_code    ? 
_pdbx_struct_special_symmetry.label_asym_id   C 
_pdbx_struct_special_symmetry.label_comp_id   HOH 
_pdbx_struct_special_symmetry.label_seq_id    . 
# 
loop_
_pdbx_refine_tls.id 
_pdbx_refine_tls.pdbx_refine_id 
_pdbx_refine_tls.details 
_pdbx_refine_tls.method 
_pdbx_refine_tls.origin_x 
_pdbx_refine_tls.origin_y 
_pdbx_refine_tls.origin_z 
_pdbx_refine_tls.T[1][1] 
_pdbx_refine_tls.T[1][1]_esd 
_pdbx_refine_tls.T[1][2] 
_pdbx_refine_tls.T[1][2]_esd 
_pdbx_refine_tls.T[1][3] 
_pdbx_refine_tls.T[1][3]_esd 
_pdbx_refine_tls.T[2][2] 
_pdbx_refine_tls.T[2][2]_esd 
_pdbx_refine_tls.T[2][3] 
_pdbx_refine_tls.T[2][3]_esd 
_pdbx_refine_tls.T[3][3] 
_pdbx_refine_tls.T[3][3]_esd 
_pdbx_refine_tls.L[1][1] 
_pdbx_refine_tls.L[1][1]_esd 
_pdbx_refine_tls.L[1][2] 
_pdbx_refine_tls.L[1][2]_esd 
_pdbx_refine_tls.L[1][3] 
_pdbx_refine_tls.L[1][3]_esd 
_pdbx_refine_tls.L[2][2] 
_pdbx_refine_tls.L[2][2]_esd 
_pdbx_refine_tls.L[2][3] 
_pdbx_refine_tls.L[2][3]_esd 
_pdbx_refine_tls.L[3][3] 
_pdbx_refine_tls.L[3][3]_esd 
_pdbx_refine_tls.S[1][1] 
_pdbx_refine_tls.S[1][1]_esd 
_pdbx_refine_tls.S[1][2] 
_pdbx_refine_tls.S[1][2]_esd 
_pdbx_refine_tls.S[1][3] 
_pdbx_refine_tls.S[1][3]_esd 
_pdbx_refine_tls.S[2][1] 
_pdbx_refine_tls.S[2][1]_esd 
_pdbx_refine_tls.S[2][2] 
_pdbx_refine_tls.S[2][2]_esd 
_pdbx_refine_tls.S[2][3] 
_pdbx_refine_tls.S[2][3]_esd 
_pdbx_refine_tls.S[3][1] 
_pdbx_refine_tls.S[3][1]_esd 
_pdbx_refine_tls.S[3][2] 
_pdbx_refine_tls.S[3][2]_esd 
_pdbx_refine_tls.S[3][3] 
_pdbx_refine_tls.S[3][3]_esd 
1 'X-RAY DIFFRACTION' ? refined 5.9868   5.7923  -1.4202 0.3580 ? 0.0193 ? 0.0574 ? 0.1375 ? 0.0764 ? 0.4568 ? 0.9734 ? 0.2118  ? 0.0028  ? 1.8687 ? 0.6132  ? 1.1076 ? 0.1396  ? 0.0724  ? 0.1770 ? 0.2828  ? -0.0193 ? -0.6208 ? -0.3654 ? 0.1131  ? -0.0035 ? 
2 'X-RAY DIFFRACTION' ? refined -14.4261 2.0346  -2.1858 0.2488 ? 0.1401 ? 0.0722 ? 0.2859 ? 0.1084 ? 0.3696 ? 3.0372 ? -1.1467 ? -0.3353 ? 0.7563 ? 0.5114  ? 0.4946 ? 0.0496  ? -0.0799 ? 0.1906 ? -0.0803 ? 0.0174  ? 0.1891  ? -0.1418 ? -0.1181 ? 0.0870  ? 
3 'X-RAY DIFFRACTION' ? refined -2.4281  -0.8431 4.9708  0.4063 ? 0.0184 ? 0.0999 ? 0.1017 ? 0.0207 ? 0.2382 ? 1.4191 ? 0.6507  ? 0.0149  ? 2.8403 ? 0.6075  ? 1.0033 ? 0.1384  ? -0.2411 ? 0.1518 ? 0.6679  ? -0.0699 ? -0.1092 ? -0.0795 ? -0.1004 ? -0.2969 ? 
4 'X-RAY DIFFRACTION' ? refined 4.9919   -4.0766 -5.9985 0.2041 ? 0.0983 ? 0.0445 ? 0.1242 ? 0.0197 ? 0.2777 ? 2.0656 ? -0.1990 ? -0.6531 ? 3.2683 ? -0.1431 ? 2.6958 ? -0.0192 ? 0.2117  ? 0.2639 ? 0.1301  ? 0.0633  ? -0.5959 ? -0.1760 ? -0.0971 ? -0.1269 ? 
# 
loop_
_pdbx_refine_tls_group.id 
_pdbx_refine_tls_group.pdbx_refine_id 
_pdbx_refine_tls_group.refine_tls_id 
_pdbx_refine_tls_group.beg_label_asym_id 
_pdbx_refine_tls_group.beg_label_seq_id 
_pdbx_refine_tls_group.beg_auth_asym_id 
_pdbx_refine_tls_group.beg_auth_seq_id 
_pdbx_refine_tls_group.beg_PDB_ins_code 
_pdbx_refine_tls_group.end_label_asym_id 
_pdbx_refine_tls_group.end_label_seq_id 
_pdbx_refine_tls_group.end_auth_asym_id 
_pdbx_refine_tls_group.end_auth_seq_id 
_pdbx_refine_tls_group.end_PDB_ins_code 
_pdbx_refine_tls_group.selection 
_pdbx_refine_tls_group.selection_details 
1 'X-RAY DIFFRACTION' 1 ? ? A 0 ? ? ? A 0 ? ? 
;chain 'A' and (resid 1797 through 1818 )
;
2 'X-RAY DIFFRACTION' 2 ? ? A 0 ? ? ? A 0 ? ? 
;chain 'A' and (resid 1819 through 1829 )
;
3 'X-RAY DIFFRACTION' 3 ? ? A 0 ? ? ? A 0 ? ? 
;chain 'A' and (resid 1830 through 1872 )
;
4 'X-RAY DIFFRACTION' 4 ? ? A 0 ? ? ? A 0 ? ? 
;chain 'A' and (resid 1873 through 1898 )
;
# 
_phasing.method   MR 
# 
_pdbx_entry_details.entry_id                 7QZT 
_pdbx_entry_details.has_ligand_of_interest   Y 
_pdbx_entry_details.compound_details         ? 
_pdbx_entry_details.source_details           ? 
_pdbx_entry_details.nonpolymer_details       ? 
_pdbx_entry_details.sequence_details         ? 
# 
loop_
_pdbx_unobs_or_zero_occ_residues.id 
_pdbx_unobs_or_zero_occ_residues.PDB_model_num 
_pdbx_unobs_or_zero_occ_residues.polymer_flag 
_pdbx_unobs_or_zero_occ_residues.occupancy_flag 
_pdbx_unobs_or_zero_occ_residues.auth_asym_id 
_pdbx_unobs_or_zero_occ_residues.auth_comp_id 
_pdbx_unobs_or_zero_occ_residues.auth_seq_id 
_pdbx_unobs_or_zero_occ_residues.PDB_ins_code 
_pdbx_unobs_or_zero_occ_residues.label_asym_id 
_pdbx_unobs_or_zero_occ_residues.label_comp_id 
_pdbx_unobs_or_zero_occ_residues.label_seq_id 
1 1 Y 1 A SER 1794 ? A SER 1 
2 1 Y 1 A MET 1795 ? A MET 2 
3 1 Y 1 A HIS 1796 ? A HIS 3 
# 
loop_
_chem_comp_atom.comp_id 
_chem_comp_atom.atom_id 
_chem_comp_atom.type_symbol 
_chem_comp_atom.pdbx_aromatic_flag 
_chem_comp_atom.pdbx_stereo_config 
_chem_comp_atom.pdbx_ordinal 
ALA N    N N N 1   
ALA CA   C N S 2   
ALA C    C N N 3   
ALA O    O N N 4   
ALA CB   C N N 5   
ALA OXT  O N N 6   
ALA H    H N N 7   
ALA H2   H N N 8   
ALA HA   H N N 9   
ALA HB1  H N N 10  
ALA HB2  H N N 11  
ALA HB3  H N N 12  
ALA HXT  H N N 13  
ARG N    N N N 14  
ARG CA   C N S 15  
ARG C    C N N 16  
ARG O    O N N 17  
ARG CB   C N N 18  
ARG CG   C N N 19  
ARG CD   C N N 20  
ARG NE   N N N 21  
ARG CZ   C N N 22  
ARG NH1  N N N 23  
ARG NH2  N N N 24  
ARG OXT  O N N 25  
ARG H    H N N 26  
ARG H2   H N N 27  
ARG HA   H N N 28  
ARG HB2  H N N 29  
ARG HB3  H N N 30  
ARG HG2  H N N 31  
ARG HG3  H N N 32  
ARG HD2  H N N 33  
ARG HD3  H N N 34  
ARG HE   H N N 35  
ARG HH11 H N N 36  
ARG HH12 H N N 37  
ARG HH21 H N N 38  
ARG HH22 H N N 39  
ARG HXT  H N N 40  
ASN N    N N N 41  
ASN CA   C N S 42  
ASN C    C N N 43  
ASN O    O N N 44  
ASN CB   C N N 45  
ASN CG   C N N 46  
ASN OD1  O N N 47  
ASN ND2  N N N 48  
ASN OXT  O N N 49  
ASN H    H N N 50  
ASN H2   H N N 51  
ASN HA   H N N 52  
ASN HB2  H N N 53  
ASN HB3  H N N 54  
ASN HD21 H N N 55  
ASN HD22 H N N 56  
ASN HXT  H N N 57  
ASP N    N N N 58  
ASP CA   C N S 59  
ASP C    C N N 60  
ASP O    O N N 61  
ASP CB   C N N 62  
ASP CG   C N N 63  
ASP OD1  O N N 64  
ASP OD2  O N N 65  
ASP OXT  O N N 66  
ASP H    H N N 67  
ASP H2   H N N 68  
ASP HA   H N N 69  
ASP HB2  H N N 70  
ASP HB3  H N N 71  
ASP HD2  H N N 72  
ASP HXT  H N N 73  
CYS N    N N N 74  
CYS CA   C N R 75  
CYS C    C N N 76  
CYS O    O N N 77  
CYS CB   C N N 78  
CYS SG   S N N 79  
CYS OXT  O N N 80  
CYS H    H N N 81  
CYS H2   H N N 82  
CYS HA   H N N 83  
CYS HB2  H N N 84  
CYS HB3  H N N 85  
CYS HG   H N N 86  
CYS HXT  H N N 87  
GIU C05  C N S 88  
GIU C06  C N N 89  
GIU C07  C N N 90  
GIU C09  C N N 91  
GIU C10  C Y N 92  
GIU C11  C Y N 93  
GIU C12  C Y N 94  
GIU C13  C Y N 95  
GIU C15  C Y N 96  
GIU C16  C Y N 97  
GIU C17  C Y N 98  
GIU C18  C Y N 99  
GIU C19  C Y N 100 
GIU N04  N N N 101 
GIU N08  N N N 102 
GIU N14  N Y N 103 
GIU O01  O N N 104 
GIU O03  O N N 105 
GIU S02  S N N 106 
GIU H1   H N N 107 
GIU H2   H N N 108 
GIU H3   H N N 109 
GIU H4   H N N 110 
GIU H5   H N N 111 
GIU H6   H N N 112 
GIU H7   H N N 113 
GIU H8   H N N 114 
GIU H9   H N N 115 
GIU H10  H N N 116 
GIU H11  H N N 117 
GIU H12  H N N 118 
GIU H13  H N N 119 
GIU H14  H N N 120 
GIU H15  H N N 121 
GLN N    N N N 122 
GLN CA   C N S 123 
GLN C    C N N 124 
GLN O    O N N 125 
GLN CB   C N N 126 
GLN CG   C N N 127 
GLN CD   C N N 128 
GLN OE1  O N N 129 
GLN NE2  N N N 130 
GLN OXT  O N N 131 
GLN H    H N N 132 
GLN H2   H N N 133 
GLN HA   H N N 134 
GLN HB2  H N N 135 
GLN HB3  H N N 136 
GLN HG2  H N N 137 
GLN HG3  H N N 138 
GLN HE21 H N N 139 
GLN HE22 H N N 140 
GLN HXT  H N N 141 
GLU N    N N N 142 
GLU CA   C N S 143 
GLU C    C N N 144 
GLU O    O N N 145 
GLU CB   C N N 146 
GLU CG   C N N 147 
GLU CD   C N N 148 
GLU OE1  O N N 149 
GLU OE2  O N N 150 
GLU OXT  O N N 151 
GLU H    H N N 152 
GLU H2   H N N 153 
GLU HA   H N N 154 
GLU HB2  H N N 155 
GLU HB3  H N N 156 
GLU HG2  H N N 157 
GLU HG3  H N N 158 
GLU HE2  H N N 159 
GLU HXT  H N N 160 
GLY N    N N N 161 
GLY CA   C N N 162 
GLY C    C N N 163 
GLY O    O N N 164 
GLY OXT  O N N 165 
GLY H    H N N 166 
GLY H2   H N N 167 
GLY HA2  H N N 168 
GLY HA3  H N N 169 
GLY HXT  H N N 170 
HIS N    N N N 171 
HIS CA   C N S 172 
HIS C    C N N 173 
HIS O    O N N 174 
HIS CB   C N N 175 
HIS CG   C Y N 176 
HIS ND1  N Y N 177 
HIS CD2  C Y N 178 
HIS CE1  C Y N 179 
HIS NE2  N Y N 180 
HIS OXT  O N N 181 
HIS H    H N N 182 
HIS H2   H N N 183 
HIS HA   H N N 184 
HIS HB2  H N N 185 
HIS HB3  H N N 186 
HIS HD1  H N N 187 
HIS HD2  H N N 188 
HIS HE1  H N N 189 
HIS HE2  H N N 190 
HIS HXT  H N N 191 
HOH O    O N N 192 
HOH H1   H N N 193 
HOH H2   H N N 194 
ILE N    N N N 195 
ILE CA   C N S 196 
ILE C    C N N 197 
ILE O    O N N 198 
ILE CB   C N S 199 
ILE CG1  C N N 200 
ILE CG2  C N N 201 
ILE CD1  C N N 202 
ILE OXT  O N N 203 
ILE H    H N N 204 
ILE H2   H N N 205 
ILE HA   H N N 206 
ILE HB   H N N 207 
ILE HG12 H N N 208 
ILE HG13 H N N 209 
ILE HG21 H N N 210 
ILE HG22 H N N 211 
ILE HG23 H N N 212 
ILE HD11 H N N 213 
ILE HD12 H N N 214 
ILE HD13 H N N 215 
ILE HXT  H N N 216 
LEU N    N N N 217 
LEU CA   C N S 218 
LEU C    C N N 219 
LEU O    O N N 220 
LEU CB   C N N 221 
LEU CG   C N N 222 
LEU CD1  C N N 223 
LEU CD2  C N N 224 
LEU OXT  O N N 225 
LEU H    H N N 226 
LEU H2   H N N 227 
LEU HA   H N N 228 
LEU HB2  H N N 229 
LEU HB3  H N N 230 
LEU HG   H N N 231 
LEU HD11 H N N 232 
LEU HD12 H N N 233 
LEU HD13 H N N 234 
LEU HD21 H N N 235 
LEU HD22 H N N 236 
LEU HD23 H N N 237 
LEU HXT  H N N 238 
LYS N    N N N 239 
LYS CA   C N S 240 
LYS C    C N N 241 
LYS O    O N N 242 
LYS CB   C N N 243 
LYS CG   C N N 244 
LYS CD   C N N 245 
LYS CE   C N N 246 
LYS NZ   N N N 247 
LYS OXT  O N N 248 
LYS H    H N N 249 
LYS H2   H N N 250 
LYS HA   H N N 251 
LYS HB2  H N N 252 
LYS HB3  H N N 253 
LYS HG2  H N N 254 
LYS HG3  H N N 255 
LYS HD2  H N N 256 
LYS HD3  H N N 257 
LYS HE2  H N N 258 
LYS HE3  H N N 259 
LYS HZ1  H N N 260 
LYS HZ2  H N N 261 
LYS HZ3  H N N 262 
LYS HXT  H N N 263 
MET N    N N N 264 
MET CA   C N S 265 
MET C    C N N 266 
MET O    O N N 267 
MET CB   C N N 268 
MET CG   C N N 269 
MET SD   S N N 270 
MET CE   C N N 271 
MET OXT  O N N 272 
MET H    H N N 273 
MET H2   H N N 274 
MET HA   H N N 275 
MET HB2  H N N 276 
MET HB3  H N N 277 
MET HG2  H N N 278 
MET HG3  H N N 279 
MET HE1  H N N 280 
MET HE2  H N N 281 
MET HE3  H N N 282 
MET HXT  H N N 283 
PHE N    N N N 284 
PHE CA   C N S 285 
PHE C    C N N 286 
PHE O    O N N 287 
PHE CB   C N N 288 
PHE CG   C Y N 289 
PHE CD1  C Y N 290 
PHE CD2  C Y N 291 
PHE CE1  C Y N 292 
PHE CE2  C Y N 293 
PHE CZ   C Y N 294 
PHE OXT  O N N 295 
PHE H    H N N 296 
PHE H2   H N N 297 
PHE HA   H N N 298 
PHE HB2  H N N 299 
PHE HB3  H N N 300 
PHE HD1  H N N 301 
PHE HD2  H N N 302 
PHE HE1  H N N 303 
PHE HE2  H N N 304 
PHE HZ   H N N 305 
PHE HXT  H N N 306 
PRO N    N N N 307 
PRO CA   C N S 308 
PRO C    C N N 309 
PRO O    O N N 310 
PRO CB   C N N 311 
PRO CG   C N N 312 
PRO CD   C N N 313 
PRO OXT  O N N 314 
PRO H    H N N 315 
PRO HA   H N N 316 
PRO HB2  H N N 317 
PRO HB3  H N N 318 
PRO HG2  H N N 319 
PRO HG3  H N N 320 
PRO HD2  H N N 321 
PRO HD3  H N N 322 
PRO HXT  H N N 323 
SER N    N N N 324 
SER CA   C N S 325 
SER C    C N N 326 
SER O    O N N 327 
SER CB   C N N 328 
SER OG   O N N 329 
SER OXT  O N N 330 
SER H    H N N 331 
SER H2   H N N 332 
SER HA   H N N 333 
SER HB2  H N N 334 
SER HB3  H N N 335 
SER HG   H N N 336 
SER HXT  H N N 337 
THR N    N N N 338 
THR CA   C N S 339 
THR C    C N N 340 
THR O    O N N 341 
THR CB   C N R 342 
THR OG1  O N N 343 
THR CG2  C N N 344 
THR OXT  O N N 345 
THR H    H N N 346 
THR H2   H N N 347 
THR HA   H N N 348 
THR HB   H N N 349 
THR HG1  H N N 350 
THR HG21 H N N 351 
THR HG22 H N N 352 
THR HG23 H N N 353 
THR HXT  H N N 354 
TRP N    N N N 355 
TRP CA   C N S 356 
TRP C    C N N 357 
TRP O    O N N 358 
TRP CB   C N N 359 
TRP CG   C Y N 360 
TRP CD1  C Y N 361 
TRP CD2  C Y N 362 
TRP NE1  N Y N 363 
TRP CE2  C Y N 364 
TRP CE3  C Y N 365 
TRP CZ2  C Y N 366 
TRP CZ3  C Y N 367 
TRP CH2  C Y N 368 
TRP OXT  O N N 369 
TRP H    H N N 370 
TRP H2   H N N 371 
TRP HA   H N N 372 
TRP HB2  H N N 373 
TRP HB3  H N N 374 
TRP HD1  H N N 375 
TRP HE1  H N N 376 
TRP HE3  H N N 377 
TRP HZ2  H N N 378 
TRP HZ3  H N N 379 
TRP HH2  H N N 380 
TRP HXT  H N N 381 
TYR N    N N N 382 
TYR CA   C N S 383 
TYR C    C N N 384 
TYR O    O N N 385 
TYR CB   C N N 386 
TYR CG   C Y N 387 
TYR CD1  C Y N 388 
TYR CD2  C Y N 389 
TYR CE1  C Y N 390 
TYR CE2  C Y N 391 
TYR CZ   C Y N 392 
TYR OH   O N N 393 
TYR OXT  O N N 394 
TYR H    H N N 395 
TYR H2   H N N 396 
TYR HA   H N N 397 
TYR HB2  H N N 398 
TYR HB3  H N N 399 
TYR HD1  H N N 400 
TYR HD2  H N N 401 
TYR HE1  H N N 402 
TYR HE2  H N N 403 
TYR HH   H N N 404 
TYR HXT  H N N 405 
VAL N    N N N 406 
VAL CA   C N S 407 
VAL C    C N N 408 
VAL O    O N N 409 
VAL CB   C N N 410 
VAL CG1  C N N 411 
VAL CG2  C N N 412 
VAL OXT  O N N 413 
VAL H    H N N 414 
VAL H2   H N N 415 
VAL HA   H N N 416 
VAL HB   H N N 417 
VAL HG11 H N N 418 
VAL HG12 H N N 419 
VAL HG13 H N N 420 
VAL HG21 H N N 421 
VAL HG22 H N N 422 
VAL HG23 H N N 423 
VAL HXT  H N N 424 
# 
loop_
_chem_comp_bond.comp_id 
_chem_comp_bond.atom_id_1 
_chem_comp_bond.atom_id_2 
_chem_comp_bond.value_order 
_chem_comp_bond.pdbx_aromatic_flag 
_chem_comp_bond.pdbx_stereo_config 
_chem_comp_bond.pdbx_ordinal 
ALA N   CA   sing N N 1   
ALA N   H    sing N N 2   
ALA N   H2   sing N N 3   
ALA CA  C    sing N N 4   
ALA CA  CB   sing N N 5   
ALA CA  HA   sing N N 6   
ALA C   O    doub N N 7   
ALA C   OXT  sing N N 8   
ALA CB  HB1  sing N N 9   
ALA CB  HB2  sing N N 10  
ALA CB  HB3  sing N N 11  
ALA OXT HXT  sing N N 12  
ARG N   CA   sing N N 13  
ARG N   H    sing N N 14  
ARG N   H2   sing N N 15  
ARG CA  C    sing N N 16  
ARG CA  CB   sing N N 17  
ARG CA  HA   sing N N 18  
ARG C   O    doub N N 19  
ARG C   OXT  sing N N 20  
ARG CB  CG   sing N N 21  
ARG CB  HB2  sing N N 22  
ARG CB  HB3  sing N N 23  
ARG CG  CD   sing N N 24  
ARG CG  HG2  sing N N 25  
ARG CG  HG3  sing N N 26  
ARG CD  NE   sing N N 27  
ARG CD  HD2  sing N N 28  
ARG CD  HD3  sing N N 29  
ARG NE  CZ   sing N N 30  
ARG NE  HE   sing N N 31  
ARG CZ  NH1  sing N N 32  
ARG CZ  NH2  doub N N 33  
ARG NH1 HH11 sing N N 34  
ARG NH1 HH12 sing N N 35  
ARG NH2 HH21 sing N N 36  
ARG NH2 HH22 sing N N 37  
ARG OXT HXT  sing N N 38  
ASN N   CA   sing N N 39  
ASN N   H    sing N N 40  
ASN N   H2   sing N N 41  
ASN CA  C    sing N N 42  
ASN CA  CB   sing N N 43  
ASN CA  HA   sing N N 44  
ASN C   O    doub N N 45  
ASN C   OXT  sing N N 46  
ASN CB  CG   sing N N 47  
ASN CB  HB2  sing N N 48  
ASN CB  HB3  sing N N 49  
ASN CG  OD1  doub N N 50  
ASN CG  ND2  sing N N 51  
ASN ND2 HD21 sing N N 52  
ASN ND2 HD22 sing N N 53  
ASN OXT HXT  sing N N 54  
ASP N   CA   sing N N 55  
ASP N   H    sing N N 56  
ASP N   H2   sing N N 57  
ASP CA  C    sing N N 58  
ASP CA  CB   sing N N 59  
ASP CA  HA   sing N N 60  
ASP C   O    doub N N 61  
ASP C   OXT  sing N N 62  
ASP CB  CG   sing N N 63  
ASP CB  HB2  sing N N 64  
ASP CB  HB3  sing N N 65  
ASP CG  OD1  doub N N 66  
ASP CG  OD2  sing N N 67  
ASP OD2 HD2  sing N N 68  
ASP OXT HXT  sing N N 69  
CYS N   CA   sing N N 70  
CYS N   H    sing N N 71  
CYS N   H2   sing N N 72  
CYS CA  C    sing N N 73  
CYS CA  CB   sing N N 74  
CYS CA  HA   sing N N 75  
CYS C   O    doub N N 76  
CYS C   OXT  sing N N 77  
CYS CB  SG   sing N N 78  
CYS CB  HB2  sing N N 79  
CYS CB  HB3  sing N N 80  
CYS SG  HG   sing N N 81  
CYS OXT HXT  sing N N 82  
GIU C17 C18  doub Y N 83  
GIU C17 C16  sing Y N 84  
GIU C18 C19  sing Y N 85  
GIU N08 C07  sing N N 86  
GIU N08 C09  sing N N 87  
GIU C15 C16  doub Y N 88  
GIU C15 N14  sing Y N 89  
GIU C19 C10  doub Y N 90  
GIU C16 C11  sing Y N 91  
GIU C07 C06  sing N N 92  
GIU C09 C05  sing N N 93  
GIU N04 C05  sing N N 94  
GIU N04 S02  sing N N 95  
GIU N14 C13  doub Y N 96  
GIU C10 C11  sing Y N 97  
GIU C10 S02  sing N N 98  
GIU C11 C12  doub Y N 99  
GIU C05 C06  sing N N 100 
GIU C13 C12  sing Y N 101 
GIU S02 O01  doub N N 102 
GIU S02 O03  doub N N 103 
GIU C05 H1   sing N N 104 
GIU C06 H2   sing N N 105 
GIU C06 H3   sing N N 106 
GIU C07 H4   sing N N 107 
GIU C07 H5   sing N N 108 
GIU C09 H6   sing N N 109 
GIU C09 H7   sing N N 110 
GIU C12 H8   sing N N 111 
GIU C13 H9   sing N N 112 
GIU C15 H10  sing N N 113 
GIU C17 H11  sing N N 114 
GIU C18 H12  sing N N 115 
GIU C19 H13  sing N N 116 
GIU N04 H14  sing N N 117 
GIU N08 H15  sing N N 118 
GLN N   CA   sing N N 119 
GLN N   H    sing N N 120 
GLN N   H2   sing N N 121 
GLN CA  C    sing N N 122 
GLN CA  CB   sing N N 123 
GLN CA  HA   sing N N 124 
GLN C   O    doub N N 125 
GLN C   OXT  sing N N 126 
GLN CB  CG   sing N N 127 
GLN CB  HB2  sing N N 128 
GLN CB  HB3  sing N N 129 
GLN CG  CD   sing N N 130 
GLN CG  HG2  sing N N 131 
GLN CG  HG3  sing N N 132 
GLN CD  OE1  doub N N 133 
GLN CD  NE2  sing N N 134 
GLN NE2 HE21 sing N N 135 
GLN NE2 HE22 sing N N 136 
GLN OXT HXT  sing N N 137 
GLU N   CA   sing N N 138 
GLU N   H    sing N N 139 
GLU N   H2   sing N N 140 
GLU CA  C    sing N N 141 
GLU CA  CB   sing N N 142 
GLU CA  HA   sing N N 143 
GLU C   O    doub N N 144 
GLU C   OXT  sing N N 145 
GLU CB  CG   sing N N 146 
GLU CB  HB2  sing N N 147 
GLU CB  HB3  sing N N 148 
GLU CG  CD   sing N N 149 
GLU CG  HG2  sing N N 150 
GLU CG  HG3  sing N N 151 
GLU CD  OE1  doub N N 152 
GLU CD  OE2  sing N N 153 
GLU OE2 HE2  sing N N 154 
GLU OXT HXT  sing N N 155 
GLY N   CA   sing N N 156 
GLY N   H    sing N N 157 
GLY N   H2   sing N N 158 
GLY CA  C    sing N N 159 
GLY CA  HA2  sing N N 160 
GLY CA  HA3  sing N N 161 
GLY C   O    doub N N 162 
GLY C   OXT  sing N N 163 
GLY OXT HXT  sing N N 164 
HIS N   CA   sing N N 165 
HIS N   H    sing N N 166 
HIS N   H2   sing N N 167 
HIS CA  C    sing N N 168 
HIS CA  CB   sing N N 169 
HIS CA  HA   sing N N 170 
HIS C   O    doub N N 171 
HIS C   OXT  sing N N 172 
HIS CB  CG   sing N N 173 
HIS CB  HB2  sing N N 174 
HIS CB  HB3  sing N N 175 
HIS CG  ND1  sing Y N 176 
HIS CG  CD2  doub Y N 177 
HIS ND1 CE1  doub Y N 178 
HIS ND1 HD1  sing N N 179 
HIS CD2 NE2  sing Y N 180 
HIS CD2 HD2  sing N N 181 
HIS CE1 NE2  sing Y N 182 
HIS CE1 HE1  sing N N 183 
HIS NE2 HE2  sing N N 184 
HIS OXT HXT  sing N N 185 
HOH O   H1   sing N N 186 
HOH O   H2   sing N N 187 
ILE N   CA   sing N N 188 
ILE N   H    sing N N 189 
ILE N   H2   sing N N 190 
ILE CA  C    sing N N 191 
ILE CA  CB   sing N N 192 
ILE CA  HA   sing N N 193 
ILE C   O    doub N N 194 
ILE C   OXT  sing N N 195 
ILE CB  CG1  sing N N 196 
ILE CB  CG2  sing N N 197 
ILE CB  HB   sing N N 198 
ILE CG1 CD1  sing N N 199 
ILE CG1 HG12 sing N N 200 
ILE CG1 HG13 sing N N 201 
ILE CG2 HG21 sing N N 202 
ILE CG2 HG22 sing N N 203 
ILE CG2 HG23 sing N N 204 
ILE CD1 HD11 sing N N 205 
ILE CD1 HD12 sing N N 206 
ILE CD1 HD13 sing N N 207 
ILE OXT HXT  sing N N 208 
LEU N   CA   sing N N 209 
LEU N   H    sing N N 210 
LEU N   H2   sing N N 211 
LEU CA  C    sing N N 212 
LEU CA  CB   sing N N 213 
LEU CA  HA   sing N N 214 
LEU C   O    doub N N 215 
LEU C   OXT  sing N N 216 
LEU CB  CG   sing N N 217 
LEU CB  HB2  sing N N 218 
LEU CB  HB3  sing N N 219 
LEU CG  CD1  sing N N 220 
LEU CG  CD2  sing N N 221 
LEU CG  HG   sing N N 222 
LEU CD1 HD11 sing N N 223 
LEU CD1 HD12 sing N N 224 
LEU CD1 HD13 sing N N 225 
LEU CD2 HD21 sing N N 226 
LEU CD2 HD22 sing N N 227 
LEU CD2 HD23 sing N N 228 
LEU OXT HXT  sing N N 229 
LYS N   CA   sing N N 230 
LYS N   H    sing N N 231 
LYS N   H2   sing N N 232 
LYS CA  C    sing N N 233 
LYS CA  CB   sing N N 234 
LYS CA  HA   sing N N 235 
LYS C   O    doub N N 236 
LYS C   OXT  sing N N 237 
LYS CB  CG   sing N N 238 
LYS CB  HB2  sing N N 239 
LYS CB  HB3  sing N N 240 
LYS CG  CD   sing N N 241 
LYS CG  HG2  sing N N 242 
LYS CG  HG3  sing N N 243 
LYS CD  CE   sing N N 244 
LYS CD  HD2  sing N N 245 
LYS CD  HD3  sing N N 246 
LYS CE  NZ   sing N N 247 
LYS CE  HE2  sing N N 248 
LYS CE  HE3  sing N N 249 
LYS NZ  HZ1  sing N N 250 
LYS NZ  HZ2  sing N N 251 
LYS NZ  HZ3  sing N N 252 
LYS OXT HXT  sing N N 253 
MET N   CA   sing N N 254 
MET N   H    sing N N 255 
MET N   H2   sing N N 256 
MET CA  C    sing N N 257 
MET CA  CB   sing N N 258 
MET CA  HA   sing N N 259 
MET C   O    doub N N 260 
MET C   OXT  sing N N 261 
MET CB  CG   sing N N 262 
MET CB  HB2  sing N N 263 
MET CB  HB3  sing N N 264 
MET CG  SD   sing N N 265 
MET CG  HG2  sing N N 266 
MET CG  HG3  sing N N 267 
MET SD  CE   sing N N 268 
MET CE  HE1  sing N N 269 
MET CE  HE2  sing N N 270 
MET CE  HE3  sing N N 271 
MET OXT HXT  sing N N 272 
PHE N   CA   sing N N 273 
PHE N   H    sing N N 274 
PHE N   H2   sing N N 275 
PHE CA  C    sing N N 276 
PHE CA  CB   sing N N 277 
PHE CA  HA   sing N N 278 
PHE C   O    doub N N 279 
PHE C   OXT  sing N N 280 
PHE CB  CG   sing N N 281 
PHE CB  HB2  sing N N 282 
PHE CB  HB3  sing N N 283 
PHE CG  CD1  doub Y N 284 
PHE CG  CD2  sing Y N 285 
PHE CD1 CE1  sing Y N 286 
PHE CD1 HD1  sing N N 287 
PHE CD2 CE2  doub Y N 288 
PHE CD2 HD2  sing N N 289 
PHE CE1 CZ   doub Y N 290 
PHE CE1 HE1  sing N N 291 
PHE CE2 CZ   sing Y N 292 
PHE CE2 HE2  sing N N 293 
PHE CZ  HZ   sing N N 294 
PHE OXT HXT  sing N N 295 
PRO N   CA   sing N N 296 
PRO N   CD   sing N N 297 
PRO N   H    sing N N 298 
PRO CA  C    sing N N 299 
PRO CA  CB   sing N N 300 
PRO CA  HA   sing N N 301 
PRO C   O    doub N N 302 
PRO C   OXT  sing N N 303 
PRO CB  CG   sing N N 304 
PRO CB  HB2  sing N N 305 
PRO CB  HB3  sing N N 306 
PRO CG  CD   sing N N 307 
PRO CG  HG2  sing N N 308 
PRO CG  HG3  sing N N 309 
PRO CD  HD2  sing N N 310 
PRO CD  HD3  sing N N 311 
PRO OXT HXT  sing N N 312 
SER N   CA   sing N N 313 
SER N   H    sing N N 314 
SER N   H2   sing N N 315 
SER CA  C    sing N N 316 
SER CA  CB   sing N N 317 
SER CA  HA   sing N N 318 
SER C   O    doub N N 319 
SER C   OXT  sing N N 320 
SER CB  OG   sing N N 321 
SER CB  HB2  sing N N 322 
SER CB  HB3  sing N N 323 
SER OG  HG   sing N N 324 
SER OXT HXT  sing N N 325 
THR N   CA   sing N N 326 
THR N   H    sing N N 327 
THR N   H2   sing N N 328 
THR CA  C    sing N N 329 
THR CA  CB   sing N N 330 
THR CA  HA   sing N N 331 
THR C   O    doub N N 332 
THR C   OXT  sing N N 333 
THR CB  OG1  sing N N 334 
THR CB  CG2  sing N N 335 
THR CB  HB   sing N N 336 
THR OG1 HG1  sing N N 337 
THR CG2 HG21 sing N N 338 
THR CG2 HG22 sing N N 339 
THR CG2 HG23 sing N N 340 
THR OXT HXT  sing N N 341 
TRP N   CA   sing N N 342 
TRP N   H    sing N N 343 
TRP N   H2   sing N N 344 
TRP CA  C    sing N N 345 
TRP CA  CB   sing N N 346 
TRP CA  HA   sing N N 347 
TRP C   O    doub N N 348 
TRP C   OXT  sing N N 349 
TRP CB  CG   sing N N 350 
TRP CB  HB2  sing N N 351 
TRP CB  HB3  sing N N 352 
TRP CG  CD1  doub Y N 353 
TRP CG  CD2  sing Y N 354 
TRP CD1 NE1  sing Y N 355 
TRP CD1 HD1  sing N N 356 
TRP CD2 CE2  doub Y N 357 
TRP CD2 CE3  sing Y N 358 
TRP NE1 CE2  sing Y N 359 
TRP NE1 HE1  sing N N 360 
TRP CE2 CZ2  sing Y N 361 
TRP CE3 CZ3  doub Y N 362 
TRP CE3 HE3  sing N N 363 
TRP CZ2 CH2  doub Y N 364 
TRP CZ2 HZ2  sing N N 365 
TRP CZ3 CH2  sing Y N 366 
TRP CZ3 HZ3  sing N N 367 
TRP CH2 HH2  sing N N 368 
TRP OXT HXT  sing N N 369 
TYR N   CA   sing N N 370 
TYR N   H    sing N N 371 
TYR N   H2   sing N N 372 
TYR CA  C    sing N N 373 
TYR CA  CB   sing N N 374 
TYR CA  HA   sing N N 375 
TYR C   O    doub N N 376 
TYR C   OXT  sing N N 377 
TYR CB  CG   sing N N 378 
TYR CB  HB2  sing N N 379 
TYR CB  HB3  sing N N 380 
TYR CG  CD1  doub Y N 381 
TYR CG  CD2  sing Y N 382 
TYR CD1 CE1  sing Y N 383 
TYR CD1 HD1  sing N N 384 
TYR CD2 CE2  doub Y N 385 
TYR CD2 HD2  sing N N 386 
TYR CE1 CZ   doub Y N 387 
TYR CE1 HE1  sing N N 388 
TYR CE2 CZ   sing Y N 389 
TYR CE2 HE2  sing N N 390 
TYR CZ  OH   sing N N 391 
TYR OH  HH   sing N N 392 
TYR OXT HXT  sing N N 393 
VAL N   CA   sing N N 394 
VAL N   H    sing N N 395 
VAL N   H2   sing N N 396 
VAL CA  C    sing N N 397 
VAL CA  CB   sing N N 398 
VAL CA  HA   sing N N 399 
VAL C   O    doub N N 400 
VAL C   OXT  sing N N 401 
VAL CB  CG1  sing N N 402 
VAL CB  CG2  sing N N 403 
VAL CB  HB   sing N N 404 
VAL CG1 HG11 sing N N 405 
VAL CG1 HG12 sing N N 406 
VAL CG1 HG13 sing N N 407 
VAL CG2 HG21 sing N N 408 
VAL CG2 HG22 sing N N 409 
VAL CG2 HG23 sing N N 410 
VAL OXT HXT  sing N N 411 
# 
_pdbx_audit_support.funding_organization   'Italian Association for Cancer Research' 
_pdbx_audit_support.country                Italy 
_pdbx_audit_support.grant_number           'MFAG 2017 - ID. 19882' 
_pdbx_audit_support.ordinal                1 
# 
_pdbx_entity_instance_feature.ordinal        1 
_pdbx_entity_instance_feature.comp_id        GIU 
_pdbx_entity_instance_feature.asym_id        ? 
_pdbx_entity_instance_feature.seq_num        ? 
_pdbx_entity_instance_feature.auth_comp_id   GIU 
_pdbx_entity_instance_feature.auth_asym_id   ? 
_pdbx_entity_instance_feature.auth_seq_num   ? 
_pdbx_entity_instance_feature.feature_type   'SUBJECT OF INVESTIGATION' 
_pdbx_entity_instance_feature.details        ? 
# 
_pdbx_initial_refinement_model.id               1 
_pdbx_initial_refinement_model.entity_id_list   ? 
_pdbx_initial_refinement_model.type             'experimental model' 
_pdbx_initial_refinement_model.source_name      PDB 
_pdbx_initial_refinement_model.accession_code   5MGJ 
_pdbx_initial_refinement_model.details          ? 
# 
_atom_sites.entry_id                    7QZT 
_atom_sites.Cartn_transf_matrix[1][1]   ? 
_atom_sites.Cartn_transf_matrix[1][2]   ? 
_atom_sites.Cartn_transf_matrix[1][3]   ? 
_atom_sites.Cartn_transf_matrix[2][1]   ? 
_atom_sites.Cartn_transf_matrix[2][2]   ? 
_atom_sites.Cartn_transf_matrix[2][3]   ? 
_atom_sites.Cartn_transf_matrix[3][1]   ? 
_atom_sites.Cartn_transf_matrix[3][2]   ? 
_atom_sites.Cartn_transf_matrix[3][3]   ? 
_atom_sites.Cartn_transf_vector[1]      ? 
_atom_sites.Cartn_transf_vector[2]      ? 
_atom_sites.Cartn_transf_vector[3]      ? 
_atom_sites.fract_transf_matrix[1][1]   -0.00092905 
_atom_sites.fract_transf_matrix[1][2]   0.01208508 
_atom_sites.fract_transf_matrix[1][3]   0.00125621 
_atom_sites.fract_transf_matrix[2][1]   0.00558087 
_atom_sites.fract_transf_matrix[2][2]   0.00560959 
_atom_sites.fract_transf_matrix[2][3]   0.00926741 
_atom_sites.fract_transf_matrix[3][1]   0.02492885 
_atom_sites.fract_transf_matrix[3][2]   0.00371037 
_atom_sites.fract_transf_matrix[3][3]   -0.01725815 
_atom_sites.fract_transf_vector[1]      0.143120 
_atom_sites.fract_transf_vector[2]      -0.369343 
_atom_sites.fract_transf_vector[3]      1.001993 
_atom_sites.solution_primary            ? 
_atom_sites.solution_secondary          ? 
_atom_sites.solution_hydrogens          ? 
_atom_sites.special_details             ? 
# 
loop_
_atom_type.symbol 
C 
N 
O 
S 
# 
loop_
_atom_site.group_PDB 
_atom_site.id 
_atom_site.type_symbol 
_atom_site.label_atom_id 
_atom_site.label_alt_id 
_atom_site.label_comp_id 
_atom_site.label_asym_id 
_atom_site.label_entity_id 
_atom_site.label_seq_id 
_atom_site.pdbx_PDB_ins_code 
_atom_site.Cartn_x 
_atom_site.Cartn_y 
_atom_site.Cartn_z 
_atom_site.occupancy 
_atom_site.B_iso_or_equiv 
_atom_site.pdbx_formal_charge 
_atom_site.auth_seq_id 
_atom_site.auth_comp_id 
_atom_site.auth_asym_id 
_atom_site.auth_atom_id 
_atom_site.pdbx_PDB_model_num 
ATOM   1   N N   . SER A 1 4   ? 16.164  7.555   11.892  1.00 71.34  ? 1797 SER A N   1 
ATOM   2   C CA  . SER A 1 4   ? 16.748  7.156   10.615  1.00 82.55  ? 1797 SER A CA  1 
ATOM   3   C C   . SER A 1 4   ? 15.830  6.167   9.903   1.00 90.71  ? 1797 SER A C   1 
ATOM   4   O O   . SER A 1 4   ? 15.664  6.224   8.676   1.00 82.26  ? 1797 SER A O   1 
ATOM   5   C CB  . SER A 1 4   ? 18.144  6.547   10.816  1.00 76.73  ? 1797 SER A CB  1 
ATOM   6   O OG  . SER A 1 4   ? 18.142  5.534   11.813  1.00 75.85  ? 1797 SER A OG  1 
ATOM   7   N N   . ASP A 1 5   ? 15.234  5.266   10.690  1.00 97.06  ? 1798 ASP A N   1 
ATOM   8   C CA  . ASP A 1 5   ? 14.332  4.262   10.135  1.00 89.94  ? 1798 ASP A CA  1 
ATOM   9   C C   . ASP A 1 5   ? 13.137  4.917   9.453   1.00 83.11  ? 1798 ASP A C   1 
ATOM   10  O O   . ASP A 1 5   ? 12.917  4.742   8.246   1.00 82.20  ? 1798 ASP A O   1 
ATOM   11  C CB  . ASP A 1 5   ? 13.870  3.304   11.236  1.00 89.32  ? 1798 ASP A CB  1 
ATOM   12  C CG  . ASP A 1 5   ? 14.658  2.002   11.248  1.00 92.79  ? 1798 ASP A CG  1 
ATOM   13  O OD1 . ASP A 1 5   ? 15.725  1.947   10.596  1.00 91.18  ? 1798 ASP A OD1 1 
ATOM   14  O OD2 . ASP A 1 5   ? 14.201  1.035   11.901  1.00 91.59  ? 1798 ASP A OD2 1 
ATOM   15  N N   . LEU A 1 6   ? 12.355  5.688   10.214  1.00 73.66  ? 1799 LEU A N   1 
ATOM   16  C CA  . LEU A 1 6   ? 11.201  6.365   9.639   1.00 57.09  ? 1799 LEU A CA  1 
ATOM   17  C C   . LEU A 1 6   ? 11.588  7.414   8.599   1.00 54.00  ? 1799 LEU A C   1 
ATOM   18  O O   . LEU A 1 6   ? 10.695  7.959   7.941   1.00 60.31  ? 1799 LEU A O   1 
ATOM   19  C CB  . LEU A 1 6   ? 10.350  7.016   10.738  1.00 61.13  ? 1799 LEU A CB  1 
ATOM   20  C CG  . LEU A 1 6   ? 9.659   6.186   11.838  1.00 57.30  ? 1799 LEU A CG  1 
ATOM   21  C CD1 . LEU A 1 6   ? 8.625   7.023   12.627  1.00 47.39  ? 1799 LEU A CD1 1 
ATOM   22  C CD2 . LEU A 1 6   ? 9.023   4.906   11.294  1.00 41.79  ? 1799 LEU A CD2 1 
ATOM   23  N N   . THR A 1 7   ? 12.879  7.717   8.415   1.00 53.01  ? 1800 THR A N   1 
ATOM   24  C CA  . THR A 1 7   ? 13.229  8.628   7.326   1.00 55.43  ? 1800 THR A CA  1 
ATOM   25  C C   . THR A 1 7   ? 13.141  7.922   5.982   1.00 56.69  ? 1800 THR A C   1 
ATOM   26  O O   . THR A 1 7   ? 12.721  8.529   4.991   1.00 47.30  ? 1800 THR A O   1 
ATOM   27  C CB  . THR A 1 7   ? 14.619  9.245   7.530   1.00 59.70  ? 1800 THR A CB  1 
ATOM   28  O OG1 . THR A 1 7   ? 14.472  10.631  7.888   1.00 56.81  ? 1800 THR A OG1 1 
ATOM   29  C CG2 . THR A 1 7   ? 15.454  9.163   6.251   1.00 50.91  ? 1800 THR A CG2 1 
ATOM   30  N N   . PHE A 1 8   ? 13.501  6.633   5.934   1.00 69.72  ? 1801 PHE A N   1 
ATOM   31  C CA  . PHE A 1 8   ? 13.350  5.887   4.689   1.00 66.08  ? 1801 PHE A CA  1 
ATOM   32  C C   . PHE A 1 8   ? 11.878  5.632   4.369   1.00 58.59  ? 1801 PHE A C   1 
ATOM   33  O O   . PHE A 1 8   ? 11.468  5.714   3.202   1.00 58.17  ? 1801 PHE A O   1 
ATOM   34  C CB  . PHE A 1 8   ? 14.130  4.571   4.747   1.00 66.53  ? 1801 PHE A CB  1 
ATOM   35  C CG  . PHE A 1 8   ? 14.248  3.896   3.405   1.00 80.51  ? 1801 PHE A CG  1 
ATOM   36  C CD1 . PHE A 1 8   ? 14.997  4.478   2.386   1.00 82.72  ? 1801 PHE A CD1 1 
ATOM   37  C CD2 . PHE A 1 8   ? 13.584  2.705   3.142   1.00 79.64  ? 1801 PHE A CD2 1 
ATOM   38  C CE1 . PHE A 1 8   ? 15.104  3.878   1.135   1.00 73.01  ? 1801 PHE A CE1 1 
ATOM   39  C CE2 . PHE A 1 8   ? 13.683  2.104   1.890   1.00 78.04  ? 1801 PHE A CE2 1 
ATOM   40  C CZ  . PHE A 1 8   ? 14.449  2.694   0.887   1.00 71.42  ? 1801 PHE A CZ  1 
ATOM   41  N N   . CYS A 1 9   ? 11.068  5.330   5.392   1.00 45.14  ? 1802 CYS A N   1 
ATOM   42  C CA  . CYS A 1 9   ? 9.625   5.204   5.197   1.00 41.07  ? 1802 CYS A CA  1 
ATOM   43  C C   . CYS A 1 9   ? 9.023   6.471   4.597   1.00 44.10  ? 1802 CYS A C   1 
ATOM   44  O O   . CYS A 1 9   ? 8.119   6.413   3.748   1.00 33.16  ? 1802 CYS A O   1 
ATOM   45  C CB  . CYS A 1 9   ? 8.955   4.880   6.528   1.00 43.45  ? 1802 CYS A CB  1 
ATOM   46  S SG  . CYS A 1 9   ? 9.625   3.392   7.268   1.00 61.91  ? 1802 CYS A SG  1 
ATOM   47  N N   . GLU A 1 10  ? 9.502   7.631   5.027   1.00 42.73  ? 1803 GLU A N   1 
ATOM   48  C CA  . GLU A 1 10  ? 9.059   8.846   4.373   1.00 42.66  ? 1803 GLU A CA  1 
ATOM   49  C C   . GLU A 1 10  ? 9.433   8.824   2.892   1.00 43.29  ? 1803 GLU A C   1 
ATOM   50  O O   . GLU A 1 10  ? 8.592   9.096   2.028   1.00 45.11  ? 1803 GLU A O   1 
ATOM   51  C CB  . GLU A 1 10  ? 9.643   10.060  5.079   1.00 46.53  ? 1803 GLU A CB  1 
ATOM   52  C CG  . GLU A 1 10  ? 9.221   11.325  4.405   1.00 62.09  ? 1803 GLU A CG  1 
ATOM   53  C CD  . GLU A 1 10  ? 7.722   11.376  4.162   1.00 64.99  ? 1803 GLU A CD  1 
ATOM   54  O OE1 . GLU A 1 10  ? 6.961   11.128  5.128   1.00 57.00  ? 1803 GLU A OE1 1 
ATOM   55  O OE2 . GLU A 1 10  ? 7.314   11.659  3.007   1.00 63.52  ? 1803 GLU A OE2 1 
ATOM   56  N N   . ILE A 1 11  ? 10.678  8.461   2.577   1.00 34.41  ? 1804 ILE A N   1 
ATOM   57  C CA  . ILE A 1 11  ? 11.116  8.463   1.185   1.00 35.69  ? 1804 ILE A CA  1 
ATOM   58  C C   . ILE A 1 11  ? 10.266  7.510   0.355   1.00 40.03  ? 1804 ILE A C   1 
ATOM   59  O O   . ILE A 1 11  ? 9.776   7.857   -0.728  1.00 38.63  ? 1804 ILE A O   1 
ATOM   60  C CB  . ILE A 1 11  ? 12.603  8.085   1.082   1.00 35.43  ? 1804 ILE A CB  1 
ATOM   61  C CG1 . ILE A 1 11  ? 13.472  9.013   1.925   1.00 39.48  ? 1804 ILE A CG1 1 
ATOM   62  C CG2 . ILE A 1 11  ? 13.029  8.133   -0.384  1.00 40.78  ? 1804 ILE A CG2 1 
ATOM   63  C CD1 . ILE A 1 11  ? 14.982  8.848   1.681   1.00 35.37  ? 1804 ILE A CD1 1 
ATOM   64  N N   . ILE A 1 12  ? 10.098  6.283   0.841   1.00 34.25  ? 1805 ILE A N   1 
ATOM   65  C CA  . ILE A 1 12  ? 9.477   5.250   0.028   1.00 35.97  ? 1805 ILE A CA  1 
ATOM   66  C C   . ILE A 1 12  ? 7.966   5.470   -0.091  1.00 40.81  ? 1805 ILE A C   1 
ATOM   67  O O   . ILE A 1 12  ? 7.353   5.082   -1.101  1.00 33.01  ? 1805 ILE A O   1 
ATOM   68  C CB  . ILE A 1 12  ? 9.843   3.869   0.603   1.00 28.52  ? 1805 ILE A CB  1 
ATOM   69  C CG1 . ILE A 1 12  ? 9.531   2.763   -0.380  1.00 39.89  ? 1805 ILE A CG1 1 
ATOM   70  C CG2 . ILE A 1 12  ? 9.087   3.566   1.852   1.00 34.39  ? 1805 ILE A CG2 1 
ATOM   71  C CD1 . ILE A 1 12  ? 9.911   1.411   0.179   1.00 61.61  ? 1805 ILE A CD1 1 
ATOM   72  N N   . LEU A 1 13  ? 7.340   6.106   0.908   1.00 38.89  ? 1806 LEU A N   1 
ATOM   73  C CA  . LEU A 1 13  ? 5.923   6.419   0.779   1.00 42.99  ? 1806 LEU A CA  1 
ATOM   74  C C   . LEU A 1 13  ? 5.720   7.562   -0.201  1.00 47.37  ? 1806 LEU A C   1 
ATOM   75  O O   . LEU A 1 13  ? 4.795   7.525   -1.022  1.00 35.20  ? 1806 LEU A O   1 
ATOM   76  C CB  . LEU A 1 13  ? 5.318   6.757   2.144   1.00 41.59  ? 1806 LEU A CB  1 
ATOM   77  C CG  . LEU A 1 13  ? 3.804   7.034   2.163   1.00 33.20  ? 1806 LEU A CG  1 
ATOM   78  C CD1 . LEU A 1 13  ? 3.009   5.952   1.422   1.00 25.30  ? 1806 LEU A CD1 1 
ATOM   79  C CD2 . LEU A 1 13  ? 3.305   7.168   3.591   1.00 25.63  ? 1806 LEU A CD2 1 
ATOM   80  N N   . MET A 1 14  ? 6.577   8.588   -0.118  1.00 50.26  ? 1807 MET A N   1 
ATOM   81  C CA  . MET A 1 14  ? 6.636   9.627   -1.140  1.00 28.71  ? 1807 MET A CA  1 
ATOM   82  C C   . MET A 1 14  ? 6.836   9.027   -2.525  1.00 32.50  ? 1807 MET A C   1 
ATOM   83  O O   . MET A 1 14  ? 6.168   9.429   -3.487  1.00 44.10  ? 1807 MET A O   1 
ATOM   84  C CB  . MET A 1 14  ? 7.767   10.604  -0.817  1.00 35.84  ? 1807 MET A CB  1 
ATOM   85  C CG  . MET A 1 14  ? 8.244   11.446  -2.007  1.00 53.78  ? 1807 MET A CG  1 
ATOM   86  S SD  . MET A 1 14  ? 9.863   12.257  -1.823  1.00 63.63  ? 1807 MET A SD  1 
ATOM   87  C CE  . MET A 1 14  ? 11.042  10.951  -2.165  1.00 57.03  ? 1807 MET A CE  1 
ATOM   88  N N   . GLU A 1 15  ? 7.746   8.055   -2.652  1.00 27.35  ? 1808 GLU A N   1 
ATOM   89  C CA  . GLU A 1 15  ? 7.975   7.458   -3.964  1.00 37.46  ? 1808 GLU A CA  1 
ATOM   90  C C   . GLU A 1 15  ? 6.783   6.615   -4.431  1.00 35.11  ? 1808 GLU A C   1 
ATOM   91  O O   . GLU A 1 15  ? 6.453   6.621   -5.623  1.00 40.73  ? 1808 GLU A O   1 
ATOM   92  C CB  . GLU A 1 15  ? 9.275   6.646   -3.952  1.00 29.74  ? 1808 GLU A CB  1 
ATOM   93  C CG  . GLU A 1 15  ? 10.522  7.541   -3.999  1.00 45.24  ? 1808 GLU A CG  1 
ATOM   94  C CD  . GLU A 1 15  ? 11.831  6.788   -3.762  1.00 62.55  ? 1808 GLU A CD  1 
ATOM   95  O OE1 . GLU A 1 15  ? 11.793  5.676   -3.198  1.00 67.98  ? 1808 GLU A OE1 1 
ATOM   96  O OE2 . GLU A 1 15  ? 12.904  7.306   -4.141  1.00 66.51  ? 1808 GLU A OE2 1 
ATOM   97  N N   . MET A 1 16  ? 6.105   5.912   -3.523  1.00 26.55  ? 1809 MET A N   1 
ATOM   98  C CA  . MET A 1 16  ? 4.927   5.157   -3.950  1.00 32.83  ? 1809 MET A CA  1 
ATOM   99  C C   . MET A 1 16  ? 3.727   6.063   -4.210  1.00 31.98  ? 1809 MET A C   1 
ATOM   100 O O   . MET A 1 16  ? 2.937   5.786   -5.115  1.00 30.88  ? 1809 MET A O   1 
ATOM   101 C CB  . MET A 1 16  ? 4.562   4.092   -2.917  1.00 29.71  ? 1809 MET A CB  1 
ATOM   102 C CG  . MET A 1 16  ? 5.511   2.943   -2.868  1.00 23.19  ? 1809 MET A CG  1 
ATOM   103 S SD  . MET A 1 16  ? 4.920   1.743   -1.687  1.00 42.63  ? 1809 MET A SD  1 
ATOM   104 C CE  . MET A 1 16  ? 4.841   2.699   -0.171  1.00 52.21  ? 1809 MET A CE  1 
ATOM   105 N N   . GLU A 1 17  ? 3.564   7.135   -3.423  1.00 35.37  ? 1810 GLU A N   1 
ATOM   106 C CA  . GLU A 1 17  ? 2.458   8.072   -3.628  1.00 27.97  ? 1810 GLU A CA  1 
ATOM   107 C C   . GLU A 1 17  ? 2.491   8.706   -5.010  1.00 24.33  ? 1810 GLU A C   1 
ATOM   108 O O   . GLU A 1 17  ? 1.434   8.987   -5.586  1.00 26.11  ? 1810 GLU A O   1 
ATOM   109 C CB  . GLU A 1 17  ? 2.488   9.170   -2.560  1.00 24.76  ? 1810 GLU A CB  1 
ATOM   110 C CG  . GLU A 1 17  ? 2.020   8.722   -1.156  1.00 35.63  ? 1810 GLU A CG  1 
ATOM   111 C CD  . GLU A 1 17  ? 1.986   9.877   -0.164  1.00 42.15  ? 1810 GLU A CD  1 
ATOM   112 O OE1 . GLU A 1 17  ? 2.835   10.790  -0.329  1.00 45.98  ? 1810 GLU A OE1 1 
ATOM   113 O OE2 . GLU A 1 17  ? 1.108   9.881   0.751   1.00 25.17  ? 1810 GLU A OE2 1 
ATOM   114 N N   . SER A 1 18  ? 3.684   8.931   -5.563  1.00 29.28  ? 1811 SER A N   1 
ATOM   115 C CA  . SER A 1 18  ? 3.847   9.599   -6.844  1.00 25.72  ? 1811 SER A CA  1 
ATOM   116 C C   . SER A 1 18  ? 4.160   8.642   -7.985  1.00 27.67  ? 1811 SER A C   1 
ATOM   117 O O   . SER A 1 18  ? 4.442   9.097   -9.092  1.00 26.03  ? 1811 SER A O   1 
ATOM   118 C CB  . SER A 1 18  ? 4.952   10.630  -6.742  1.00 27.08  ? 1811 SER A CB  1 
ATOM   119 O OG  . SER A 1 18  ? 6.188   9.962   -6.721  1.00 27.40  ? 1811 SER A OG  1 
ATOM   120 N N   . HIS A 1 19  ? 4.107   7.338   -7.745  1.00 29.36  ? 1812 HIS A N   1 
ATOM   121 C CA  . HIS A 1 19  ? 4.369   6.353   -8.784  1.00 29.04  ? 1812 HIS A CA  1 
ATOM   122 C C   . HIS A 1 19  ? 3.212   6.305   -9.783  1.00 24.17  ? 1812 HIS A C   1 
ATOM   123 O O   . HIS A 1 19  ? 2.052   6.473   -9.416  1.00 28.25  ? 1812 HIS A O   1 
ATOM   124 C CB  . HIS A 1 19  ? 4.582   4.985   -8.127  1.00 31.54  ? 1812 HIS A CB  1 
ATOM   125 C CG  . HIS A 1 19  ? 5.146   3.946   -9.036  1.00 23.36  ? 1812 HIS A CG  1 
ATOM   126 N ND1 . HIS A 1 19  ? 4.446   3.438   -10.105 1.00 32.72  ? 1812 HIS A ND1 1 
ATOM   127 C CD2 . HIS A 1 19  ? 6.334   3.299   -9.020  1.00 25.94  ? 1812 HIS A CD2 1 
ATOM   128 C CE1 . HIS A 1 19  ? 5.187   2.537   -10.729 1.00 31.28  ? 1812 HIS A CE1 1 
ATOM   129 N NE2 . HIS A 1 19  ? 6.336   2.430   -10.088 1.00 29.37  ? 1812 HIS A NE2 1 
ATOM   130 N N   . ASP A 1 20  ? 3.543   6.087   -11.063 1.00 29.75  ? 1813 ASP A N   1 
ATOM   131 C CA  . ASP A 1 20  ? 2.527   5.945   -12.117 1.00 24.28  ? 1813 ASP A CA  1 
ATOM   132 C C   . ASP A 1 20  ? 1.429   4.972   -11.722 1.00 22.42  ? 1813 ASP A C   1 
ATOM   133 O O   . ASP A 1 20  ? 0.240   5.273   -11.848 1.00 30.85  ? 1813 ASP A O   1 
ATOM   134 C CB  . ASP A 1 20  ? 3.163   5.436   -13.411 1.00 32.05  ? 1813 ASP A CB  1 
ATOM   135 C CG  . ASP A 1 20  ? 3.847   6.503   -14.205 1.00 36.46  ? 1813 ASP A CG  1 
ATOM   136 O OD1 . ASP A 1 20  ? 3.830   7.684   -13.799 1.00 40.00  ? 1813 ASP A OD1 1 
ATOM   137 O OD2 . ASP A 1 20  ? 4.415   6.125   -15.249 1.00 45.26  ? 1813 ASP A OD2 1 
ATOM   138 N N   . ALA A 1 21  ? 1.821   3.778   -11.270 1.00 24.22  ? 1814 ALA A N   1 
ATOM   139 C CA  . ALA A 1 21  ? 0.924   2.677   -10.926 1.00 27.10  ? 1814 ALA A CA  1 
ATOM   140 C C   . ALA A 1 21  ? 0.222   2.855   -9.574  1.00 26.21  ? 1814 ALA A C   1 
ATOM   141 O O   . ALA A 1 21  ? -0.376  1.902   -9.055  1.00 19.60  ? 1814 ALA A O   1 
ATOM   142 C CB  . ALA A 1 21  ? 1.718   1.373   -10.914 1.00 20.48  ? 1814 ALA A CB  1 
ATOM   143 N N   . ALA A 1 22  ? 0.281   4.032   -8.973  1.00 23.45  ? 1815 ALA A N   1 
ATOM   144 C CA  . ALA A 1 22  ? -0.230  4.140   -7.622  1.00 20.56  ? 1815 ALA A CA  1 
ATOM   145 C C   . ALA A 1 22  ? -1.715  4.391   -7.587  1.00 20.17  ? 1815 ALA A C   1 
ATOM   146 O O   . ALA A 1 22  ? -2.313  4.300   -6.514  1.00 39.23  ? 1815 ALA A O   1 
ATOM   147 C CB  . ALA A 1 22  ? 0.480   5.270   -6.873  1.00 21.40  ? 1815 ALA A CB  1 
ATOM   148 N N   . TRP A 1 23  ? -2.328  4.695   -8.727  1.00 35.05  ? 1816 TRP A N   1 
ATOM   149 C CA  . TRP A 1 23  ? -3.706  5.169   -8.710  1.00 27.74  ? 1816 TRP A CA  1 
ATOM   150 C C   . TRP A 1 23  ? -4.715  4.255   -7.997  1.00 28.78  ? 1816 TRP A C   1 
ATOM   151 O O   . TRP A 1 23  ? -5.661  4.806   -7.423  1.00 36.39  ? 1816 TRP A O   1 
ATOM   152 C CB  . TRP A 1 23  ? -4.148  5.465   -10.143 1.00 20.52  ? 1816 TRP A CB  1 
ATOM   153 C CG  . TRP A 1 23  ? -4.060  4.311   -11.038 1.00 21.31  ? 1816 TRP A CG  1 
ATOM   154 C CD1 . TRP A 1 23  ? -3.022  3.991   -11.839 1.00 21.63  ? 1816 TRP A CD1 1 
ATOM   155 C CD2 . TRP A 1 23  ? -5.050  3.289   -11.231 1.00 24.62  ? 1816 TRP A CD2 1 
ATOM   156 N NE1 . TRP A 1 23  ? -3.293  2.827   -12.535 1.00 21.35  ? 1816 TRP A NE1 1 
ATOM   157 C CE2 . TRP A 1 23  ? -4.533  2.378   -12.177 1.00 23.93  ? 1816 TRP A CE2 1 
ATOM   158 C CE3 . TRP A 1 23  ? -6.319  3.057   -10.703 1.00 27.93  ? 1816 TRP A CE3 1 
ATOM   159 C CZ2 . TRP A 1 23  ? -5.244  1.244   -12.600 1.00 24.54  ? 1816 TRP A CZ2 1 
ATOM   160 C CZ3 . TRP A 1 23  ? -7.026  1.932   -11.128 1.00 34.72  ? 1816 TRP A CZ3 1 
ATOM   161 C CH2 . TRP A 1 23  ? -6.479  1.040   -12.065 1.00 30.84  ? 1816 TRP A CH2 1 
ATOM   162 N N   . PRO A 1 24  ? -4.594  2.918   -7.948  1.00 22.90  ? 1817 PRO A N   1 
ATOM   163 C CA  . PRO A 1 24  ? -5.613  2.156   -7.207  1.00 18.15  ? 1817 PRO A CA  1 
ATOM   164 C C   . PRO A 1 24  ? -5.483  2.251   -5.706  1.00 27.83  ? 1817 PRO A C   1 
ATOM   165 O O   . PRO A 1 24  ? -6.422  1.844   -5.001  1.00 28.43  ? 1817 PRO A O   1 
ATOM   166 C CB  . PRO A 1 24  ? -5.382  0.700   -7.655  1.00 17.55  ? 1817 PRO A CB  1 
ATOM   167 C CG  . PRO A 1 24  ? -4.422  0.762   -8.760  1.00 17.81  ? 1817 PRO A CG  1 
ATOM   168 C CD  . PRO A 1 24  ? -3.620  2.005   -8.559  1.00 26.50  ? 1817 PRO A CD  1 
ATOM   169 N N   . PHE A 1 25  ? -4.361  2.767   -5.191  1.00 25.28  ? 1818 PHE A N   1 
ATOM   170 C CA  . PHE A 1 25  ? -4.001  2.610   -3.783  1.00 20.93  ? 1818 PHE A CA  1 
ATOM   171 C C   . PHE A 1 25  ? -3.842  3.936   -3.065  1.00 25.23  ? 1818 PHE A C   1 
ATOM   172 O O   . PHE A 1 25  ? -3.409  3.947   -1.901  1.00 22.50  ? 1818 PHE A O   1 
ATOM   173 C CB  . PHE A 1 25  ? -2.716  1.782   -3.656  1.00 22.63  ? 1818 PHE A CB  1 
ATOM   174 C CG  . PHE A 1 25  ? -2.732  0.558   -4.510  1.00 18.15  ? 1818 PHE A CG  1 
ATOM   175 C CD1 . PHE A 1 25  ? -3.631  -0.454  -4.258  1.00 17.65  ? 1818 PHE A CD1 1 
ATOM   176 C CD2 . PHE A 1 25  ? -1.902  0.451   -5.604  1.00 18.27  ? 1818 PHE A CD2 1 
ATOM   177 C CE1 . PHE A 1 25  ? -3.683  -1.580  -5.067  1.00 25.79  ? 1818 PHE A CE1 1 
ATOM   178 C CE2 . PHE A 1 25  ? -1.943  -0.679  -6.422  1.00 24.20  ? 1818 PHE A CE2 1 
ATOM   179 C CZ  . PHE A 1 25  ? -2.844  -1.684  -6.159  1.00 20.33  ? 1818 PHE A CZ  1 
ATOM   180 N N   . LEU A 1 26  ? -4.201  5.048   -3.712  1.00 33.29  ? 1819 LEU A N   1 
ATOM   181 C CA  . LEU A 1 26  ? -3.957  6.350   -3.111  1.00 29.23  ? 1819 LEU A CA  1 
ATOM   182 C C   . LEU A 1 26  ? -4.997  6.687   -2.062  1.00 26.62  ? 1819 LEU A C   1 
ATOM   183 O O   . LEU A 1 26  ? -4.650  7.326   -1.063  1.00 38.15  ? 1819 LEU A O   1 
ATOM   184 C CB  . LEU A 1 26  ? -3.926  7.439   -4.180  1.00 26.10  ? 1819 LEU A CB  1 
ATOM   185 C CG  . LEU A 1 26  ? -2.760  7.393   -5.155  1.00 27.98  ? 1819 LEU A CG  1 
ATOM   186 C CD1 . LEU A 1 26  ? -3.161  8.090   -6.425  1.00 26.54  ? 1819 LEU A CD1 1 
ATOM   187 C CD2 . LEU A 1 26  ? -1.520  8.040   -4.549  1.00 26.23  ? 1819 LEU A CD2 1 
ATOM   188 N N   . GLU A 1 27  ? -6.243  6.246   -2.247  1.00 36.00  ? 1820 GLU A N   1 
ATOM   189 C CA  . GLU A 1 27  ? -7.376  6.478   -1.348  1.00 50.54  ? 1820 GLU A CA  1 
ATOM   190 C C   . GLU A 1 27  ? -8.101  5.180   -0.977  1.00 41.60  ? 1820 GLU A C   1 
ATOM   191 O O   . GLU A 1 27  ? -8.112  4.227   -1.765  1.00 38.18  ? 1820 GLU A O   1 
ATOM   192 C CB  . GLU A 1 27  ? -8.394  7.417   -2.014  1.00 61.80  ? 1820 GLU A CB  1 
ATOM   193 C CG  . GLU A 1 27  ? -7.832  8.789   -2.385  1.00 64.79  ? 1820 GLU A CG  1 
ATOM   194 C CD  . GLU A 1 27  ? -7.488  9.621   -1.154  1.00 70.88  ? 1820 GLU A CD  1 
ATOM   195 O OE1 . GLU A 1 27  ? -8.093  9.372   -0.086  1.00 76.54  ? 1820 GLU A OE1 1 
ATOM   196 O OE2 . GLU A 1 27  ? -6.617  10.519  -1.243  1.00 70.16  ? 1820 GLU A OE2 1 
ATOM   197 N N   . PRO A 1 28  ? -8.701  5.114   0.219   1.00 36.36  ? 1821 PRO A N   1 
ATOM   198 C CA  . PRO A 1 28  ? -9.429  3.891   0.608   1.00 29.96  ? 1821 PRO A CA  1 
ATOM   199 C C   . PRO A 1 28  ? -10.401 3.416   -0.455  1.00 23.52  ? 1821 PRO A C   1 
ATOM   200 O O   . PRO A 1 28  ? -10.954 4.206   -1.220  1.00 41.90  ? 1821 PRO A O   1 
ATOM   201 C CB  . PRO A 1 28  ? -10.149 4.296   1.899   1.00 24.31  ? 1821 PRO A CB  1 
ATOM   202 C CG  . PRO A 1 28  ? -9.273  5.293   2.492   1.00 25.56  ? 1821 PRO A CG  1 
ATOM   203 C CD  . PRO A 1 28  ? -8.682  6.089   1.312   1.00 39.74  ? 1821 PRO A CD  1 
ATOM   204 N N   . VAL A 1 29  ? -10.612 2.104   -0.496  1.00 24.68  ? 1822 VAL A N   1 
ATOM   205 C CA  . VAL A 1 29  ? -11.594 1.564   -1.430  1.00 29.77  ? 1822 VAL A CA  1 
ATOM   206 C C   . VAL A 1 29  ? -12.979 1.960   -0.946  1.00 31.24  ? 1822 VAL A C   1 
ATOM   207 O O   . VAL A 1 29  ? -13.298 1.847   0.242   1.00 32.89  ? 1822 VAL A O   1 
ATOM   208 C CB  . VAL A 1 29  ? -11.456 0.039   -1.568  1.00 29.71  ? 1822 VAL A CB  1 
ATOM   209 C CG1 . VAL A 1 29  ? -12.626 -0.510  -2.337  1.00 25.56  ? 1822 VAL A CG1 1 
ATOM   210 C CG2 . VAL A 1 29  ? -10.180 -0.314  -2.324  1.00 34.59  ? 1822 VAL A CG2 1 
ATOM   211 N N   . ASN A 1 30  ? -13.796 2.461   -1.852  1.00 39.93  ? 1823 ASN A N   1 
ATOM   212 C CA  . ASN A 1 30  ? -15.149 2.785   -1.439  1.00 39.17  ? 1823 ASN A CA  1 
ATOM   213 C C   . ASN A 1 30  ? -16.036 1.561   -1.563  1.00 34.39  ? 1823 ASN A C   1 
ATOM   214 O O   . ASN A 1 30  ? -16.443 1.203   -2.676  1.00 33.88  ? 1823 ASN A O   1 
ATOM   215 C CB  . ASN A 1 30  ? -15.723 3.918   -2.280  1.00 48.68  ? 1823 ASN A CB  1 
ATOM   216 C CG  . ASN A 1 30  ? -17.102 4.349   -1.803  1.00 48.76  ? 1823 ASN A CG  1 
ATOM   217 O OD1 . ASN A 1 30  ? -17.772 3.621   -1.057  1.00 36.63  ? 1823 ASN A OD1 1 
ATOM   218 N ND2 . ASN A 1 30  ? -17.532 5.534   -2.230  1.00 47.91  ? 1823 ASN A ND2 1 
ATOM   219 N N   . PRO A 1 31  ? -16.405 0.925   -0.453  1.00 36.04  ? 1824 PRO A N   1 
ATOM   220 C CA  . PRO A 1 31  ? -17.202 -0.302  -0.557  1.00 35.28  ? 1824 PRO A CA  1 
ATOM   221 C C   . PRO A 1 31  ? -18.616 -0.046  -1.051  1.00 37.06  ? 1824 PRO A C   1 
ATOM   222 O O   . PRO A 1 31  ? -19.295 -0.985  -1.484  1.00 47.25  ? 1824 PRO A O   1 
ATOM   223 C CB  . PRO A 1 31  ? -17.183 -0.843  0.872   1.00 31.01  ? 1824 PRO A CB  1 
ATOM   224 C CG  . PRO A 1 31  ? -17.131 0.396   1.689   1.00 27.01  ? 1824 PRO A CG  1 
ATOM   225 C CD  . PRO A 1 31  ? -16.269 1.377   0.936   1.00 24.47  ? 1824 PRO A CD  1 
ATOM   226 N N   . ARG A 1 32  ? -19.083 1.198   -1.035  1.00 41.09  ? 1825 ARG A N   1 
ATOM   227 C CA  . ARG A 1 32  ? -20.352 1.473   -1.700  1.00 41.80  ? 1825 ARG A CA  1 
ATOM   228 C C   . ARG A 1 32  ? -20.250 1.296   -3.204  1.00 32.22  ? 1825 ARG A C   1 
ATOM   229 O O   . ARG A 1 32  ? -21.276 1.092   -3.854  1.00 39.94  ? 1825 ARG A O   1 
ATOM   230 C CB  . ARG A 1 32  ? -20.832 2.890   -1.389  1.00 29.24  ? 1825 ARG A CB  1 
ATOM   231 C CG  . ARG A 1 32  ? -21.269 3.100   0.033   1.00 26.47  ? 1825 ARG A CG  1 
ATOM   232 C CD  . ARG A 1 32  ? -21.544 4.539   0.267   1.00 26.97  ? 1825 ARG A CD  1 
ATOM   233 N NE  . ARG A 1 32  ? -21.946 4.785   1.643   1.00 35.19  ? 1825 ARG A NE  1 
ATOM   234 C CZ  . ARG A 1 32  ? -22.112 5.997   2.168   1.00 45.30  ? 1825 ARG A CZ  1 
ATOM   235 N NH1 . ARG A 1 32  ? -21.893 7.084   1.426   1.00 37.55  ? 1825 ARG A NH1 1 
ATOM   236 N NH2 . ARG A 1 32  ? -22.500 6.120   3.435   1.00 46.74  ? 1825 ARG A NH2 1 
ATOM   237 N N   . LEU A 1 33  ? -19.041 1.370   -3.763  1.00 27.28  ? 1826 LEU A N   1 
ATOM   238 C CA  . LEU A 1 33  ? -18.815 1.311   -5.198  1.00 30.77  ? 1826 LEU A CA  1 
ATOM   239 C C   . LEU A 1 33  ? -18.171 0.020   -5.661  1.00 31.93  ? 1826 LEU A C   1 
ATOM   240 O O   . LEU A 1 33  ? -18.254 -0.292  -6.850  1.00 42.54  ? 1826 LEU A O   1 
ATOM   241 C CB  . LEU A 1 33  ? -17.918 2.471   -5.658  1.00 38.84  ? 1826 LEU A CB  1 
ATOM   242 C CG  . LEU A 1 33  ? -18.449 3.871   -5.324  1.00 40.14  ? 1826 LEU A CG  1 
ATOM   243 C CD1 . LEU A 1 33  ? -17.324 4.926   -5.337  1.00 30.73  ? 1826 LEU A CD1 1 
ATOM   244 C CD2 . LEU A 1 33  ? -19.568 4.237   -6.278  1.00 30.65  ? 1826 LEU A CD2 1 
ATOM   245 N N   . VAL A 1 34  ? -17.526 -0.722  -4.775  1.00 30.73  ? 1827 VAL A N   1 
ATOM   246 C CA  . VAL A 1 34  ? -16.851 -1.961  -5.143  1.00 30.22  ? 1827 VAL A CA  1 
ATOM   247 C C   . VAL A 1 34  ? -17.636 -3.101  -4.514  1.00 38.52  ? 1827 VAL A C   1 
ATOM   248 O O   . VAL A 1 34  ? -17.481 -3.399  -3.324  1.00 37.26  ? 1827 VAL A O   1 
ATOM   249 C CB  . VAL A 1 34  ? -15.391 -1.972  -4.691  1.00 24.23  ? 1827 VAL A CB  1 
ATOM   250 C CG1 . VAL A 1 34  ? -14.708 -3.244  -5.175  1.00 29.62  ? 1827 VAL A CG1 1 
ATOM   251 C CG2 . VAL A 1 34  ? -14.684 -0.764  -5.229  1.00 23.47  ? 1827 VAL A CG2 1 
ATOM   252 N N   . SER A 1 35  ? -18.478 -3.748  -5.311  1.00 43.23  ? 1828 SER A N   1 
ATOM   253 C CA  . SER A 1 35  ? -19.314 -4.811  -4.775  1.00 48.80  ? 1828 SER A CA  1 
ATOM   254 C C   . SER A 1 35  ? -18.455 -5.961  -4.263  1.00 44.66  ? 1828 SER A C   1 
ATOM   255 O O   . SER A 1 35  ? -17.502 -6.393  -4.919  1.00 41.15  ? 1828 SER A O   1 
ATOM   256 C CB  . SER A 1 35  ? -20.288 -5.311  -5.833  1.00 52.77  ? 1828 SER A CB  1 
ATOM   257 O OG  . SER A 1 35  ? -21.203 -6.213  -5.240  1.00 64.17  ? 1828 SER A OG  1 
ATOM   258 N N   . GLY A 1 36  ? -18.787 -6.433  -3.063  1.00 41.45  ? 1829 GLY A N   1 
ATOM   259 C CA  . GLY A 1 36  ? -18.074 -7.526  -2.440  1.00 29.91  ? 1829 GLY A CA  1 
ATOM   260 C C   . GLY A 1 36  ? -16.808 -7.150  -1.703  1.00 25.94  ? 1829 GLY A C   1 
ATOM   261 O O   . GLY A 1 36  ? -16.181 -8.029  -1.106  1.00 35.26  ? 1829 GLY A O   1 
ATOM   262 N N   . TYR A 1 37  ? -16.399 -5.880  -1.715  1.00 34.02  ? 1830 TYR A N   1 
ATOM   263 C CA  . TYR A 1 37  ? -15.128 -5.527  -1.086  1.00 33.99  ? 1830 TYR A CA  1 
ATOM   264 C C   . TYR A 1 37  ? -15.209 -5.659  0.432   1.00 31.87  ? 1830 TYR A C   1 
ATOM   265 O O   . TYR A 1 37  ? -14.316 -6.237  1.071   1.00 25.79  ? 1830 TYR A O   1 
ATOM   266 C CB  . TYR A 1 37  ? -14.707 -4.106  -1.477  1.00 28.85  ? 1830 TYR A CB  1 
ATOM   267 C CG  . TYR A 1 37  ? -13.237 -3.897  -1.256  1.00 27.18  ? 1830 TYR A CG  1 
ATOM   268 C CD1 . TYR A 1 37  ? -12.300 -4.403  -2.156  1.00 34.33  ? 1830 TYR A CD1 1 
ATOM   269 C CD2 . TYR A 1 37  ? -12.776 -3.257  -0.119  1.00 24.94  ? 1830 TYR A CD2 1 
ATOM   270 C CE1 . TYR A 1 37  ? -10.936 -4.253  -1.929  1.00 39.45  ? 1830 TYR A CE1 1 
ATOM   271 C CE2 . TYR A 1 37  ? -11.403 -3.098  0.111   1.00 26.04  ? 1830 TYR A CE2 1 
ATOM   272 C CZ  . TYR A 1 37  ? -10.498 -3.598  -0.791  1.00 29.15  ? 1830 TYR A CZ  1 
ATOM   273 O OH  . TYR A 1 37  ? -9.150  -3.433  -0.562  1.00 30.60  ? 1830 TYR A OH  1 
ATOM   274 N N   . ARG A 1 38  ? -16.285 -5.130  1.017   1.00 36.90  ? 1831 ARG A N   1 
ATOM   275 C CA  . ARG A 1 38  ? -16.415 -5.092  2.466   1.00 32.41  ? 1831 ARG A CA  1 
ATOM   276 C C   . ARG A 1 38  ? -16.326 -6.484  3.058   1.00 36.97  ? 1831 ARG A C   1 
ATOM   277 O O   . ARG A 1 38  ? -15.721 -6.672  4.122   1.00 37.57  ? 1831 ARG A O   1 
ATOM   278 C CB  . ARG A 1 38  ? -17.739 -4.430  2.834   1.00 43.43  ? 1831 ARG A CB  1 
ATOM   279 C CG  . ARG A 1 38  ? -17.902 -4.121  4.306   1.00 53.04  ? 1831 ARG A CG  1 
ATOM   280 C CD  . ARG A 1 38  ? -19.359 -3.822  4.661   1.00 54.01  ? 1831 ARG A CD  1 
ATOM   281 N NE  . ARG A 1 38  ? -19.898 -2.675  3.931   1.00 51.19  ? 1831 ARG A NE  1 
ATOM   282 C CZ  . ARG A 1 38  ? -19.569 -1.411  4.180   1.00 48.19  ? 1831 ARG A CZ  1 
ATOM   283 N NH1 . ARG A 1 38  ? -18.693 -1.136  5.129   1.00 41.85  ? 1831 ARG A NH1 1 
ATOM   284 N NH2 . ARG A 1 38  ? -20.108 -0.417  3.478   1.00 61.40  ? 1831 ARG A NH2 1 
ATOM   285 N N   . ARG A 1 39  ? -16.879 -7.484  2.342   1.00 43.46  ? 1832 ARG A N   1 
ATOM   286 C CA  . ARG A 1 39  ? -16.990 -8.872  2.802   1.00 31.67  ? 1832 ARG A CA  1 
ATOM   287 C C   . ARG A 1 39  ? -15.676 -9.629  2.670   1.00 31.37  ? 1832 ARG A C   1 
ATOM   288 O O   . ARG A 1 39  ? -15.346 -10.450 3.539   1.00 29.54  ? 1832 ARG A O   1 
ATOM   289 C CB  . ARG A 1 39  ? -18.103 -9.585  2.025   1.00 26.23  ? 1832 ARG A CB  1 
ATOM   290 C CG  . ARG A 1 39  ? -18.081 -11.086 2.069   1.00 37.12  ? 1832 ARG A CG  1 
ATOM   291 C CD  . ARG A 1 39  ? -19.255 -11.741 1.308   1.00 34.68  ? 1832 ARG A CD  1 
ATOM   292 N NE  . ARG A 1 39  ? -19.312 -11.403 -0.122  1.00 45.73  ? 1832 ARG A NE  1 
ATOM   293 C CZ  . ARG A 1 39  ? -18.588 -11.978 -1.090  1.00 45.48  ? 1832 ARG A CZ  1 
ATOM   294 N NH1 . ARG A 1 39  ? -17.712 -12.931 -0.810  1.00 51.79  ? 1832 ARG A NH1 1 
ATOM   295 N NH2 . ARG A 1 39  ? -18.729 -11.587 -2.350  1.00 45.41  ? 1832 ARG A NH2 1 
ATOM   296 N N   . ILE A 1 40  ? -14.898 -9.343  1.622   1.00 29.87  ? 1833 ILE A N   1 
ATOM   297 C CA  . ILE A 1 40  ? -13.713 -10.146 1.331   1.00 27.29  ? 1833 ILE A CA  1 
ATOM   298 C C   . ILE A 1 40  ? -12.443 -9.611  1.994   1.00 34.44  ? 1833 ILE A C   1 
ATOM   299 O O   . ILE A 1 40  ? -11.541 -10.397 2.312   1.00 36.91  ? 1833 ILE A O   1 
ATOM   300 C CB  . ILE A 1 40  ? -13.533 -10.266 -0.190  1.00 36.37  ? 1833 ILE A CB  1 
ATOM   301 C CG1 . ILE A 1 40  ? -14.626 -11.150 -0.779  1.00 34.92  ? 1833 ILE A CG1 1 
ATOM   302 C CG2 . ILE A 1 40  ? -12.152 -10.819 -0.570  1.00 30.93  ? 1833 ILE A CG2 1 
ATOM   303 C CD1 . ILE A 1 40  ? -14.634 -11.131 -2.285  1.00 33.91  ? 1833 ILE A CD1 1 
ATOM   304 N N   . ILE A 1 41  ? -12.352 -8.300  2.224   1.00 34.29  ? 1834 ILE A N   1 
ATOM   305 C CA  . ILE A 1 41  ? -11.124 -7.661  2.699   1.00 32.55  ? 1834 ILE A CA  1 
ATOM   306 C C   . ILE A 1 41  ? -11.328 -7.267  4.162   1.00 35.80  ? 1834 ILE A C   1 
ATOM   307 O O   . ILE A 1 41  ? -11.973 -6.252  4.458   1.00 32.05  ? 1834 ILE A O   1 
ATOM   308 C CB  . ILE A 1 41  ? -10.750 -6.457  1.828   1.00 21.26  ? 1834 ILE A CB  1 
ATOM   309 C CG1 . ILE A 1 41  ? -10.284 -6.917  0.440   1.00 17.23  ? 1834 ILE A CG1 1 
ATOM   310 C CG2 . ILE A 1 41  ? -9.680  -5.615  2.499   1.00 22.48  ? 1834 ILE A CG2 1 
ATOM   311 C CD1 . ILE A 1 41  ? -9.400  -8.177  0.481   1.00 17.97  ? 1834 ILE A CD1 1 
ATOM   312 N N   . LYS A 1 42  ? -10.745 -8.054  5.084   1.00 28.93  ? 1835 LYS A N   1 
ATOM   313 C CA  . LYS A 1 42  ? -10.976 -7.835  6.514   1.00 25.61  ? 1835 LYS A CA  1 
ATOM   314 C C   . LYS A 1 42  ? -10.309 -6.572  7.041   1.00 28.30  ? 1835 LYS A C   1 
ATOM   315 O O   . LYS A 1 42  ? -10.839 -5.943  7.957   1.00 35.03  ? 1835 LYS A O   1 
ATOM   316 C CB  . LYS A 1 42  ? -10.479 -9.025  7.329   1.00 37.86  ? 1835 LYS A CB  1 
ATOM   317 C CG  . LYS A 1 42  ? -11.212 -10.311 7.047   1.00 57.42  ? 1835 LYS A CG  1 
ATOM   318 C CD  . LYS A 1 42  ? -12.670 -10.221 7.501   1.00 73.35  ? 1835 LYS A CD  1 
ATOM   319 C CE  . LYS A 1 42  ? -13.527 -11.337 6.890   1.00 73.58  ? 1835 LYS A CE  1 
ATOM   320 N NZ  . LYS A 1 42  ? -13.645 -11.201 5.398   1.00 62.85  ? 1835 LYS A NZ  1 
ATOM   321 N N   . ASN A 1 43  ? -9.139  -6.203  6.531   1.00 33.12  ? 1836 ASN A N   1 
ATOM   322 C CA  . ASN A 1 43  ? -8.376  -5.073  7.070   1.00 31.64  ? 1836 ASN A CA  1 
ATOM   323 C C   . ASN A 1 43  ? -7.854  -4.238  5.924   1.00 27.46  ? 1836 ASN A C   1 
ATOM   324 O O   . ASN A 1 43  ? -6.701  -4.377  5.516   1.00 26.83  ? 1836 ASN A O   1 
ATOM   325 C CB  . ASN A 1 43  ? -7.224  -5.543  7.952   1.00 24.66  ? 1836 ASN A CB  1 
ATOM   326 C CG  . ASN A 1 43  ? -7.707  -6.457  9.024   1.00 33.35  ? 1836 ASN A CG  1 
ATOM   327 O OD1 . ASN A 1 43  ? -7.481  -7.677  8.984   1.00 34.22  ? 1836 ASN A OD1 1 
ATOM   328 N ND2 . ASN A 1 43  ? -8.446  -5.895  9.960   1.00 28.28  ? 1836 ASN A ND2 1 
ATOM   329 N N   . PRO A 1 44  ? -8.710  -3.373  5.378   1.00 29.26  ? 1837 PRO A N   1 
ATOM   330 C CA  . PRO A 1 44  ? -8.296  -2.521  4.252   1.00 19.65  ? 1837 PRO A CA  1 
ATOM   331 C C   . PRO A 1 44  ? -7.138  -1.619  4.633   1.00 19.81  ? 1837 PRO A C   1 
ATOM   332 O O   . PRO A 1 44  ? -6.941  -1.288  5.794   1.00 25.25  ? 1837 PRO A O   1 
ATOM   333 C CB  . PRO A 1 44  ? -9.564  -1.700  3.940   1.00 20.08  ? 1837 PRO A CB  1 
ATOM   334 C CG  . PRO A 1 44  ? -10.498 -1.929  5.092   1.00 21.38  ? 1837 PRO A CG  1 
ATOM   335 C CD  . PRO A 1 44  ? -10.148 -3.266  5.674   1.00 21.44  ? 1837 PRO A CD  1 
ATOM   336 N N   . MET A 1 45  ? -6.371  -1.212  3.627   1.00 19.43  ? 1838 MET A N   1 
ATOM   337 C CA  . MET A 1 45  ? -5.245  -0.321  3.855   1.00 23.72  ? 1838 MET A CA  1 
ATOM   338 C C   . MET A 1 45  ? -4.926  0.357   2.540   1.00 24.34  ? 1838 MET A C   1 
ATOM   339 O O   . MET A 1 45  ? -5.119  -0.229  1.475   1.00 29.71  ? 1838 MET A O   1 
ATOM   340 C CB  . MET A 1 45  ? -4.026  -1.080  4.395   1.00 25.09  ? 1838 MET A CB  1 
ATOM   341 C CG  . MET A 1 45  ? -2.805  -0.224  4.686   1.00 26.82  ? 1838 MET A CG  1 
ATOM   342 S SD  . MET A 1 45  ? -3.133  1.021   5.941   1.00 34.18  ? 1838 MET A SD  1 
ATOM   343 C CE  . MET A 1 45  ? -4.002  0.096   7.188   1.00 21.93  ? 1838 MET A CE  1 
ATOM   344 N N   . ASP A 1 46  ? -4.444  1.595   2.626   1.00 20.81  ? 1839 ASP A N   1 
ATOM   345 C CA  . ASP A 1 46  ? -4.131  2.396   1.450   1.00 18.25  ? 1839 ASP A CA  1 
ATOM   346 C C   . ASP A 1 46  ? -3.030  3.398   1.807   1.00 27.55  ? 1839 ASP A C   1 
ATOM   347 O O   . ASP A 1 46  ? -2.674  3.581   2.980   1.00 26.20  ? 1839 ASP A O   1 
ATOM   348 C CB  . ASP A 1 46  ? -5.378  3.117   0.945   1.00 24.64  ? 1839 ASP A CB  1 
ATOM   349 C CG  . ASP A 1 46  ? -5.889  4.133   1.950   1.00 44.82  ? 1839 ASP A CG  1 
ATOM   350 O OD1 . ASP A 1 46  ? -6.516  3.739   2.958   1.00 50.23  ? 1839 ASP A OD1 1 
ATOM   351 O OD2 . ASP A 1 46  ? -5.615  5.329   1.759   1.00 62.30  ? 1839 ASP A OD2 1 
ATOM   352 N N   . PHE A 1 47  ? -2.483  4.063   0.783   1.00 26.35  ? 1840 PHE A N   1 
ATOM   353 C CA  . PHE A 1 47  ? -1.328  4.918   1.044   1.00 33.97  ? 1840 PHE A CA  1 
ATOM   354 C C   . PHE A 1 47  ? -1.710  6.140   1.874   1.00 38.92  ? 1840 PHE A C   1 
ATOM   355 O O   . PHE A 1 47  ? -0.913  6.594   2.707   1.00 37.93  ? 1840 PHE A O   1 
ATOM   356 C CB  . PHE A 1 47  ? -0.655  5.341   -0.262  1.00 36.14  ? 1840 PHE A CB  1 
ATOM   357 C CG  . PHE A 1 47  ? -0.038  4.201   -1.036  1.00 20.54  ? 1840 PHE A CG  1 
ATOM   358 C CD1 . PHE A 1 47  ? 0.425   3.067   -0.386  1.00 24.44  ? 1840 PHE A CD1 1 
ATOM   359 C CD2 . PHE A 1 47  ? 0.076   4.272   -2.408  1.00 22.14  ? 1840 PHE A CD2 1 
ATOM   360 C CE1 . PHE A 1 47  ? 0.984   2.006   -1.102  1.00 17.05  ? 1840 PHE A CE1 1 
ATOM   361 C CE2 . PHE A 1 47  ? 0.640   3.222   -3.137  1.00 35.11  ? 1840 PHE A CE2 1 
ATOM   362 C CZ  . PHE A 1 47  ? 1.095   2.083   -2.481  1.00 22.90  ? 1840 PHE A CZ  1 
ATOM   363 N N   . SER A 1 48  ? -2.902  6.668   1.681   1.00 44.76  ? 1841 SER A N   1 
ATOM   364 C CA  . SER A 1 48  ? -3.271  7.841   2.502   1.00 46.33  ? 1841 SER A CA  1 
ATOM   365 C C   . SER A 1 48  ? -3.372  7.473   3.991   1.00 44.02  ? 1841 SER A C   1 
ATOM   366 O O   . SER A 1 48  ? -2.837  8.254   4.768   1.00 40.93  ? 1841 SER A O   1 
ATOM   367 C CB  . SER A 1 48  ? -4.425  8.548   1.961   1.00 41.44  ? 1841 SER A CB  1 
ATOM   368 O OG  . SER A 1 48  ? -5.574  7.900   2.383   1.00 54.22  ? 1841 SER A OG  1 
ATOM   369 N N   . THR A 1 49  ? -3.949  6.320   4.352   1.00 31.05  ? 1842 THR A N   1 
ATOM   370 C CA  . THR A 1 49  ? -3.987  5.915   5.754   1.00 22.75  ? 1842 THR A CA  1 
ATOM   371 C C   . THR A 1 49  ? -2.582  5.761   6.333   1.00 36.37  ? 1842 THR A C   1 
ATOM   372 O O   . THR A 1 49  ? -2.355  6.072   7.509   1.00 43.35  ? 1842 THR A O   1 
ATOM   373 C CB  . THR A 1 49  ? -4.763  4.613   5.893   1.00 22.97  ? 1842 THR A CB  1 
ATOM   374 O OG1 . THR A 1 49  ? -6.024  4.742   5.233   1.00 27.16  ? 1842 THR A OG1 1 
ATOM   375 C CG2 . THR A 1 49  ? -4.976  4.284   7.337   1.00 23.60  ? 1842 THR A CG2 1 
ATOM   376 N N   . MET A 1 50  ? -1.624  5.268   5.535   1.00 22.77  ? 1843 MET A N   1 
ATOM   377 C CA  . MET A 1 50  ? -0.255  5.206   6.040   1.00 26.74  ? 1843 MET A CA  1 
ATOM   378 C C   . MET A 1 50  ? 0.324   6.608   6.186   1.00 39.04  ? 1843 MET A C   1 
ATOM   379 O O   . MET A 1 50  ? 1.028   6.901   7.163   1.00 43.82  ? 1843 MET A O   1 
ATOM   380 C CB  . MET A 1 50  ? 0.618   4.339   5.125   1.00 32.59  ? 1843 MET A CB  1 
ATOM   381 C CG  . MET A 1 50  ? 0.194   2.872   5.085   1.00 20.92  ? 1843 MET A CG  1 
ATOM   382 S SD  . MET A 1 50  ? 0.664   2.016   3.572   1.00 29.02  ? 1843 MET A SD  1 
ATOM   383 C CE  . MET A 1 50  ? 2.445   2.012   3.749   1.00 29.06  ? 1843 MET A CE  1 
ATOM   384 N N   . ARG A 1 51  ? 0.014   7.496   5.241   1.00 35.35  ? 1844 ARG A N   1 
ATOM   385 C CA  . ARG A 1 51  ? 0.465   8.879   5.363   1.00 41.73  ? 1844 ARG A CA  1 
ATOM   386 C C   . ARG A 1 51  ? -0.110  9.525   6.621   1.00 47.35  ? 1844 ARG A C   1 
ATOM   387 O O   . ARG A 1 51  ? 0.636   10.051  7.454   1.00 49.18  ? 1844 ARG A O   1 
ATOM   388 C CB  . ARG A 1 51  ? 0.087   9.663   4.102   1.00 32.12  ? 1844 ARG A CB  1 
ATOM   389 C CG  . ARG A 1 51  ? 0.244   11.131  4.243   1.00 35.07  ? 1844 ARG A CG  1 
ATOM   390 C CD  . ARG A 1 51  ? 1.694   11.484  4.406   1.00 42.22  ? 1844 ARG A CD  1 
ATOM   391 N NE  . ARG A 1 51  ? 2.479   11.097  3.240   1.00 39.73  ? 1844 ARG A NE  1 
ATOM   392 C CZ  . ARG A 1 51  ? 3.804   11.141  3.211   1.00 36.71  ? 1844 ARG A CZ  1 
ATOM   393 N NH1 . ARG A 1 51  ? 4.455   11.552  4.285   1.00 49.72  ? 1844 ARG A NH1 1 
ATOM   394 N NH2 . ARG A 1 51  ? 4.481   10.767  2.133   1.00 31.38  ? 1844 ARG A NH2 1 
ATOM   395 N N   . GLU A 1 52  ? -1.439  9.481   6.784   1.00 52.05  ? 1845 GLU A N   1 
ATOM   396 C CA  . GLU A 1 52  ? -2.056  9.943   8.027   1.00 45.73  ? 1845 GLU A CA  1 
ATOM   397 C C   . GLU A 1 52  ? -1.337  9.368   9.240   1.00 46.36  ? 1845 GLU A C   1 
ATOM   398 O O   . GLU A 1 52  ? -1.023  10.095  10.187  1.00 54.23  ? 1845 GLU A O   1 
ATOM   399 C CB  . GLU A 1 52  ? -3.540  9.549   8.088   1.00 43.68  ? 1845 GLU A CB  1 
ATOM   400 C CG  . GLU A 1 52  ? -4.478  10.112  7.010   1.00 45.08  ? 1845 GLU A CG  1 
ATOM   401 C CD  . GLU A 1 52  ? -5.898  9.495   7.074   1.00 61.12  ? 1845 GLU A CD  1 
ATOM   402 O OE1 . GLU A 1 52  ? -6.383  9.181   8.187   1.00 64.01  ? 1845 GLU A OE1 1 
ATOM   403 O OE2 . GLU A 1 52  ? -6.526  9.315   6.004   1.00 64.54  ? 1845 GLU A OE2 1 
ATOM   404 N N   . ARG A 1 53  ? -1.047  8.063   9.215   1.00 42.45  ? 1846 ARG A N   1 
ATOM   405 C CA  . ARG A 1 53  ? -0.456  7.414   10.383  1.00 45.34  ? 1846 ARG A CA  1 
ATOM   406 C C   . ARG A 1 53  ? 1.004   7.823   10.580  1.00 51.34  ? 1846 ARG A C   1 
ATOM   407 O O   . ARG A 1 53  ? 1.452   8.015   11.718  1.00 50.38  ? 1846 ARG A O   1 
ATOM   408 C CB  . ARG A 1 53  ? -0.593  5.891   10.270  1.00 31.60  ? 1846 ARG A CB  1 
ATOM   409 C CG  . ARG A 1 53  ? -0.045  5.158   11.479  1.00 43.54  ? 1846 ARG A CG  1 
ATOM   410 C CD  . ARG A 1 53  ? -0.439  3.682   11.557  1.00 55.72  ? 1846 ARG A CD  1 
ATOM   411 N NE  . ARG A 1 53  ? 0.271   3.018   12.656  1.00 58.37  ? 1846 ARG A NE  1 
ATOM   412 C CZ  . ARG A 1 53  ? 0.616   1.733   12.667  1.00 60.95  ? 1846 ARG A CZ  1 
ATOM   413 N NH1 . ARG A 1 53  ? 0.323   0.947   11.634  1.00 70.01  ? 1846 ARG A NH1 1 
ATOM   414 N NH2 . ARG A 1 53  ? 1.268   1.232   13.705  1.00 60.58  ? 1846 ARG A NH2 1 
ATOM   415 N N   . LEU A 1 54  ? 1.758   7.971   9.489   1.00 56.20  ? 1847 LEU A N   1 
ATOM   416 C CA  . LEU A 1 54  ? 3.152   8.397   9.598   1.00 50.81  ? 1847 LEU A CA  1 
ATOM   417 C C   . LEU A 1 54  ? 3.258   9.843   10.094  1.00 54.18  ? 1847 LEU A C   1 
ATOM   418 O O   . LEU A 1 54  ? 4.063   10.146  10.987  1.00 52.74  ? 1847 LEU A O   1 
ATOM   419 C CB  . LEU A 1 54  ? 3.834   8.232   8.243   1.00 35.29  ? 1847 LEU A CB  1 
ATOM   420 C CG  . LEU A 1 54  ? 5.352   8.264   8.232   1.00 34.50  ? 1847 LEU A CG  1 
ATOM   421 C CD1 . LEU A 1 54  ? 5.861   7.176   9.131   1.00 47.46  ? 1847 LEU A CD1 1 
ATOM   422 C CD2 . LEU A 1 54  ? 5.864   8.058   6.823   1.00 39.43  ? 1847 LEU A CD2 1 
ATOM   423 N N   . LEU A 1 55  ? 2.446   10.748  9.527   1.00 49.66  ? 1848 LEU A N   1 
ATOM   424 C CA  . LEU A 1 55  ? 2.472   12.163  9.910   1.00 43.02  ? 1848 LEU A CA  1 
ATOM   425 C C   . LEU A 1 55  ? 2.064   12.362  11.366  1.00 54.46  ? 1848 LEU A C   1 
ATOM   426 O O   . LEU A 1 55  ? 2.696   13.128  12.100  1.00 66.32  ? 1848 LEU A O   1 
ATOM   427 C CB  . LEU A 1 55  ? 1.552   12.976  8.997   1.00 33.17  ? 1848 LEU A CB  1 
ATOM   428 C CG  . LEU A 1 55  ? 1.899   13.124  7.506   1.00 48.78  ? 1848 LEU A CG  1 
ATOM   429 C CD1 . LEU A 1 55  ? 0.800   13.930  6.807   1.00 53.19  ? 1848 LEU A CD1 1 
ATOM   430 C CD2 . LEU A 1 55  ? 3.313   13.731  7.224   1.00 37.49  ? 1848 LEU A CD2 1 
ATOM   431 N N   . ARG A 1 56  ? 0.991   11.694  11.796  1.00 55.62  ? 1849 ARG A N   1 
ATOM   432 C CA  . ARG A 1 56  ? 0.602   11.655  13.202  1.00 47.98  ? 1849 ARG A CA  1 
ATOM   433 C C   . ARG A 1 56  ? 1.643   10.956  14.092  1.00 40.85  ? 1849 ARG A C   1 
ATOM   434 O O   . ARG A 1 56  ? 1.592   11.111  15.314  1.00 45.94  ? 1849 ARG A O   1 
ATOM   435 C CB  . ARG A 1 56  ? -0.776  10.970  13.316  1.00 43.20  ? 1849 ARG A CB  1 
ATOM   436 C CG  . ARG A 1 56  ? -1.479  11.130  14.660  1.00 46.32  ? 1849 ARG A CG  1 
ATOM   437 C CD  . ARG A 1 56  ? -2.886  10.515  14.669  1.00 50.19  ? 1849 ARG A CD  1 
ATOM   438 N NE  . ARG A 1 56  ? -3.340  10.289  16.046  1.00 70.98  ? 1849 ARG A NE  1 
ATOM   439 C CZ  . ARG A 1 56  ? -4.613  10.289  16.448  1.00 78.47  ? 1849 ARG A CZ  1 
ATOM   440 N NH1 . ARG A 1 56  ? -5.593  10.515  15.582  1.00 85.30  ? 1849 ARG A NH1 1 
ATOM   441 N NH2 . ARG A 1 56  ? -4.905  10.080  17.731  1.00 69.44  ? 1849 ARG A NH2 1 
ATOM   442 N N   . GLY A 1 57  ? 2.584   10.201  13.522  1.00 49.96  ? 1850 GLY A N   1 
ATOM   443 C CA  . GLY A 1 57  ? 3.637   9.559   14.284  1.00 65.71  ? 1850 GLY A CA  1 
ATOM   444 C C   . GLY A 1 57  ? 3.356   8.144   14.761  1.00 72.67  ? 1850 GLY A C   1 
ATOM   445 O O   . GLY A 1 57  ? 4.118   7.625   15.598  1.00 70.87  ? 1850 GLY A O   1 
ATOM   446 N N   . GLY A 1 58  ? 2.312   7.495   14.236  1.00 60.20  ? 1851 GLY A N   1 
ATOM   447 C CA  . GLY A 1 58  ? 1.800   6.256   14.790  1.00 50.94  ? 1851 GLY A CA  1 
ATOM   448 C C   . GLY A 1 58  ? 2.574   5.006   14.412  1.00 55.57  ? 1851 GLY A C   1 
ATOM   449 O O   . GLY A 1 58  ? 2.090   3.893   14.639  1.00 59.40  ? 1851 GLY A O   1 
ATOM   450 N N   . TYR A 1 59  ? 3.776   5.153   13.856  1.00 51.51  ? 1852 TYR A N   1 
ATOM   451 C CA  . TYR A 1 59  ? 4.638   4.011   13.574  1.00 57.89  ? 1852 TYR A CA  1 
ATOM   452 C C   . TYR A 1 59  ? 5.816   3.894   14.527  1.00 70.70  ? 1852 TYR A C   1 
ATOM   453 O O   . TYR A 1 59  ? 6.592   4.845   14.681  1.00 83.24  ? 1852 TYR A O   1 
ATOM   454 C CB  . TYR A 1 59  ? 5.133   4.117   12.130  1.00 58.23  ? 1852 TYR A CB  1 
ATOM   455 C CG  . TYR A 1 59  ? 4.084   3.768   11.104  1.00 48.98  ? 1852 TYR A CG  1 
ATOM   456 C CD1 . TYR A 1 59  ? 3.635   2.462   10.957  1.00 44.21  ? 1852 TYR A CD1 1 
ATOM   457 C CD2 . TYR A 1 59  ? 3.544   4.748   10.282  1.00 44.71  ? 1852 TYR A CD2 1 
ATOM   458 C CE1 . TYR A 1 59  ? 2.673   2.149   10.014  1.00 38.51  ? 1852 TYR A CE1 1 
ATOM   459 C CE2 . TYR A 1 59  ? 2.591   4.449   9.348   1.00 35.98  ? 1852 TYR A CE2 1 
ATOM   460 C CZ  . TYR A 1 59  ? 2.155   3.151   9.211   1.00 33.30  ? 1852 TYR A CZ  1 
ATOM   461 O OH  . TYR A 1 59  ? 1.186   2.869   8.274   1.00 27.12  ? 1852 TYR A OH  1 
ATOM   462 N N   . THR A 1 60  ? 5.948   2.722   15.152  1.00 71.13  ? 1853 THR A N   1 
ATOM   463 C CA  . THR A 1 60  ? 7.013   2.475   16.114  1.00 73.18  ? 1853 THR A CA  1 
ATOM   464 C C   . THR A 1 60  ? 8.325   2.113   15.428  1.00 78.39  ? 1853 THR A C   1 
ATOM   465 O O   . THR A 1 60  ? 9.401   2.514   15.893  1.00 88.29  ? 1853 THR A O   1 
ATOM   466 C CB  . THR A 1 60  ? 6.575   1.372   17.077  1.00 79.64  ? 1853 THR A CB  1 
ATOM   467 O OG1 . THR A 1 60  ? 5.535   1.875   17.926  1.00 83.20  ? 1853 THR A OG1 1 
ATOM   468 C CG2 . THR A 1 60  ? 7.738   0.890   17.935  1.00 88.17  ? 1853 THR A CG2 1 
ATOM   469 N N   . SER A 1 61  ? 8.264   1.381   14.316  1.00 71.50  ? 1854 SER A N   1 
ATOM   470 C CA  . SER A 1 61  ? 9.472   0.965   13.617  1.00 68.05  ? 1854 SER A CA  1 
ATOM   471 C C   . SER A 1 61  ? 9.203   0.896   12.121  1.00 70.73  ? 1854 SER A C   1 
ATOM   472 O O   . SER A 1 61  ? 8.111   1.211   11.642  1.00 66.77  ? 1854 SER A O   1 
ATOM   473 C CB  . SER A 1 61  ? 9.969   -0.390  14.121  1.00 65.74  ? 1854 SER A CB  1 
ATOM   474 O OG  . SER A 1 61  ? 8.998   -1.392  13.885  1.00 64.43  ? 1854 SER A OG  1 
ATOM   475 N N   . SER A 1 62  ? 10.223  0.467   11.378  1.00 71.41  ? 1855 SER A N   1 
ATOM   476 C CA  . SER A 1 62  ? 10.040  0.242   9.953   1.00 62.11  ? 1855 SER A CA  1 
ATOM   477 C C   . SER A 1 62  ? 9.246   -1.034  9.693   1.00 59.01  ? 1855 SER A C   1 
ATOM   478 O O   . SER A 1 62  ? 8.567   -1.140  8.666   1.00 57.47  ? 1855 SER A O   1 
ATOM   479 C CB  . SER A 1 62  ? 11.398  0.192   9.258   1.00 56.64  ? 1855 SER A CB  1 
ATOM   480 O OG  . SER A 1 62  ? 12.186  -0.855  9.789   1.00 64.01  ? 1855 SER A OG  1 
ATOM   481 N N   . GLU A 1 63  ? 9.300   -2.005  10.609  1.00 50.67  ? 1856 GLU A N   1 
ATOM   482 C CA  . GLU A 1 63  ? 8.525   -3.231  10.421  1.00 41.28  ? 1856 GLU A CA  1 
ATOM   483 C C   . GLU A 1 63  ? 7.034   -2.935  10.411  1.00 39.11  ? 1856 GLU A C   1 
ATOM   484 O O   . GLU A 1 63  ? 6.313   -3.349  9.498   1.00 51.85  ? 1856 GLU A O   1 
ATOM   485 C CB  . GLU A 1 63  ? 8.868   -4.257  11.503  1.00 48.32  ? 1856 GLU A CB  1 
ATOM   486 C CG  . GLU A 1 63  ? 10.205  -4.969  11.300  1.00 57.78  ? 1856 GLU A CG  1 
ATOM   487 C CD  . GLU A 1 63  ? 11.419  -4.111  11.645  1.00 68.74  ? 1856 GLU A CD  1 
ATOM   488 O OE1 . GLU A 1 63  ? 11.242  -2.927  12.007  1.00 76.18  ? 1856 GLU A OE1 1 
ATOM   489 O OE2 . GLU A 1 63  ? 12.555  -4.625  11.558  1.00 69.77  ? 1856 GLU A OE2 1 
ATOM   490 N N   . GLU A 1 64  ? 6.552   -2.216  11.421  1.00 50.44  ? 1857 GLU A N   1 
ATOM   491 C CA  . GLU A 1 64  ? 5.150   -1.821  11.427  1.00 65.90  ? 1857 GLU A CA  1 
ATOM   492 C C   . GLU A 1 64  ? 4.774   -1.129  10.122  1.00 64.80  ? 1857 GLU A C   1 
ATOM   493 O O   . GLU A 1 64  ? 3.727   -1.424  9.531   1.00 65.57  ? 1857 GLU A O   1 
ATOM   494 C CB  . GLU A 1 64  ? 4.858   -0.911  12.626  1.00 68.64  ? 1857 GLU A CB  1 
ATOM   495 C CG  . GLU A 1 64  ? 5.029   -1.565  13.987  1.00 70.83  ? 1857 GLU A CG  1 
ATOM   496 C CD  . GLU A 1 64  ? 4.369   -0.761  15.098  1.00 87.11  ? 1857 GLU A CD  1 
ATOM   497 O OE1 . GLU A 1 64  ? 4.298   -1.252  16.249  1.00 97.18  ? 1857 GLU A OE1 1 
ATOM   498 O OE2 . GLU A 1 64  ? 3.915   0.367   14.818  1.00 90.26  ? 1857 GLU A OE2 1 
ATOM   499 N N   . PHE A 1 65  ? 5.629   -0.220  9.646   1.00 59.90  ? 1858 PHE A N   1 
ATOM   500 C CA  . PHE A 1 65  ? 5.340   0.471   8.392   1.00 43.84  ? 1858 PHE A CA  1 
ATOM   501 C C   . PHE A 1 65  ? 5.247   -0.509  7.239   1.00 38.74  ? 1858 PHE A C   1 
ATOM   502 O O   . PHE A 1 65  ? 4.313   -0.442  6.432   1.00 44.62  ? 1858 PHE A O   1 
ATOM   503 C CB  . PHE A 1 65  ? 6.407   1.514   8.110   1.00 38.30  ? 1858 PHE A CB  1 
ATOM   504 C CG  . PHE A 1 65  ? 6.300   2.135   6.757   1.00 25.52  ? 1858 PHE A CG  1 
ATOM   505 C CD1 . PHE A 1 65  ? 7.085   1.680   5.712   1.00 23.53  ? 1858 PHE A CD1 1 
ATOM   506 C CD2 . PHE A 1 65  ? 5.428   3.186   6.537   1.00 25.76  ? 1858 PHE A CD2 1 
ATOM   507 C CE1 . PHE A 1 65  ? 7.000   2.262   4.459   1.00 30.42  ? 1858 PHE A CE1 1 
ATOM   508 C CE2 . PHE A 1 65  ? 5.327   3.773   5.296   1.00 28.38  ? 1858 PHE A CE2 1 
ATOM   509 C CZ  . PHE A 1 65  ? 6.114   3.311   4.247   1.00 25.70  ? 1858 PHE A CZ  1 
ATOM   510 N N   . ALA A 1 66  ? 6.191   -1.446  7.163   1.00 37.06  ? 1859 ALA A N   1 
ATOM   511 C CA  . ALA A 1 66  ? 6.218   -2.396  6.057   1.00 30.32  ? 1859 ALA A CA  1 
ATOM   512 C C   . ALA A 1 66  ? 5.044   -3.367  6.104   1.00 31.43  ? 1859 ALA A C   1 
ATOM   513 O O   . ALA A 1 66  ? 4.578   -3.816  5.052   1.00 35.09  ? 1859 ALA A O   1 
ATOM   514 C CB  . ALA A 1 66  ? 7.542   -3.150  6.054   1.00 33.04  ? 1859 ALA A CB  1 
ATOM   515 N N   . ALA A 1 67  ? 4.537   -3.691  7.289   1.00 23.13  ? 1860 ALA A N   1 
ATOM   516 C CA  . ALA A 1 67  ? 3.351   -4.537  7.344   1.00 24.04  ? 1860 ALA A CA  1 
ATOM   517 C C   . ALA A 1 67  ? 2.174   -3.886  6.629   1.00 36.02  ? 1860 ALA A C   1 
ATOM   518 O O   . ALA A 1 67  ? 1.472   -4.542  5.851   1.00 47.61  ? 1860 ALA A O   1 
ATOM   519 C CB  . ALA A 1 67  ? 2.975   -4.861  8.790   1.00 32.24  ? 1860 ALA A CB  1 
ATOM   520 N N   . ASP A 1 68  ? 1.931   -2.597  6.883   1.00 33.51  ? 1861 ASP A N   1 
ATOM   521 C CA  . ASP A 1 68  ? 0.811   -1.942  6.212   1.00 27.15  ? 1861 ASP A CA  1 
ATOM   522 C C   . ASP A 1 68  ? 1.035   -1.903  4.706   1.00 29.31  ? 1861 ASP A C   1 
ATOM   523 O O   . ASP A 1 68  ? 0.120   -2.200  3.930   1.00 26.53  ? 1861 ASP A O   1 
ATOM   524 C CB  . ASP A 1 68  ? 0.582   -0.530  6.762   1.00 26.25  ? 1861 ASP A CB  1 
ATOM   525 C CG  . ASP A 1 68  ? -0.196  -0.518  8.084   1.00 41.40  ? 1861 ASP A CG  1 
ATOM   526 O OD1 . ASP A 1 68  ? -0.566  -1.592  8.605   1.00 51.05  ? 1861 ASP A OD1 1 
ATOM   527 O OD2 . ASP A 1 68  ? -0.430  0.584   8.623   1.00 49.82  ? 1861 ASP A OD2 1 
ATOM   528 N N   . ALA A 1 69  ? 2.250   -1.564  4.271   1.00 27.35  ? 1862 ALA A N   1 
ATOM   529 C CA  . ALA A 1 69  ? 2.547   -1.619  2.847   1.00 20.28  ? 1862 ALA A CA  1 
ATOM   530 C C   . ALA A 1 69  ? 2.225   -2.996  2.270   1.00 27.98  ? 1862 ALA A C   1 
ATOM   531 O O   . ALA A 1 69  ? 1.559   -3.098  1.233   1.00 29.96  ? 1862 ALA A O   1 
ATOM   532 C CB  . ALA A 1 69  ? 4.001   -1.242  2.607   1.00 19.12  ? 1862 ALA A CB  1 
ATOM   533 N N   . LEU A 1 70  ? 2.636   -4.072  2.943   1.00 29.95  ? 1863 LEU A N   1 
ATOM   534 C CA  . LEU A 1 70  ? 2.376   -5.387  2.359   1.00 31.42  ? 1863 LEU A CA  1 
ATOM   535 C C   . LEU A 1 70  ? 0.901   -5.745  2.430   1.00 27.00  ? 1863 LEU A C   1 
ATOM   536 O O   . LEU A 1 70  ? 0.408   -6.508  1.593   1.00 23.95  ? 1863 LEU A O   1 
ATOM   537 C CB  . LEU A 1 70  ? 3.209   -6.467  3.047   1.00 22.39  ? 1863 LEU A CB  1 
ATOM   538 C CG  . LEU A 1 70  ? 4.720   -6.284  2.990   1.00 30.58  ? 1863 LEU A CG  1 
ATOM   539 C CD1 . LEU A 1 70  ? 5.390   -7.245  3.958   1.00 20.67  ? 1863 LEU A CD1 1 
ATOM   540 C CD2 . LEU A 1 70  ? 5.232   -6.446  1.577   1.00 28.41  ? 1863 LEU A CD2 1 
ATOM   541 N N   . LEU A 1 71  ? 0.186   -5.219  3.420   1.00 24.06  ? 1864 LEU A N   1 
ATOM   542 C CA  . LEU A 1 71  ? -1.248  -5.456  3.514   1.00 24.21  ? 1864 LEU A CA  1 
ATOM   543 C C   . LEU A 1 71  ? -1.998  -4.813  2.349   1.00 27.82  ? 1864 LEU A C   1 
ATOM   544 O O   . LEU A 1 71  ? -3.022  -5.346  1.900   1.00 25.04  ? 1864 LEU A O   1 
ATOM   545 C CB  . LEU A 1 71  ? -1.742  -4.923  4.856   1.00 21.52  ? 1864 LEU A CB  1 
ATOM   546 C CG  . LEU A 1 71  ? -3.223  -4.821  5.131   1.00 19.22  ? 1864 LEU A CG  1 
ATOM   547 C CD1 . LEU A 1 71  ? -3.869  -6.182  5.104   1.00 19.48  ? 1864 LEU A CD1 1 
ATOM   548 C CD2 . LEU A 1 71  ? -3.368  -4.170  6.486   1.00 20.76  ? 1864 LEU A CD2 1 
ATOM   549 N N   . VAL A 1 72  ? -1.511  -3.666  1.861   1.00 21.92  ? 1865 VAL A N   1 
ATOM   550 C CA  . VAL A 1 72  ? -2.068  -3.056  0.652   1.00 22.21  ? 1865 VAL A CA  1 
ATOM   551 C C   . VAL A 1 72  ? -2.026  -4.063  -0.494  1.00 18.70  ? 1865 VAL A C   1 
ATOM   552 O O   . VAL A 1 72  ? -3.054  -4.384  -1.105  1.00 22.78  ? 1865 VAL A O   1 
ATOM   553 C CB  . VAL A 1 72  ? -1.311  -1.754  0.311   1.00 16.33  ? 1865 VAL A CB  1 
ATOM   554 C CG1 . VAL A 1 72  ? -1.798  -1.181  -0.942  1.00 15.82  ? 1865 VAL A CG1 1 
ATOM   555 C CG2 . VAL A 1 72  ? -1.504  -0.745  1.413   1.00 17.15  ? 1865 VAL A CG2 1 
ATOM   556 N N   . PHE A 1 73  ? -0.843  -4.624  -0.758  1.00 23.20  ? 1866 PHE A N   1 
ATOM   557 C CA  . PHE A 1 73  ? -0.672  -5.519  -1.899  1.00 18.46  ? 1866 PHE A CA  1 
ATOM   558 C C   . PHE A 1 73  ? -1.228  -6.914  -1.634  1.00 14.78  ? 1866 PHE A C   1 
ATOM   559 O O   . PHE A 1 73  ? -1.692  -7.568  -2.566  1.00 18.95  ? 1866 PHE A O   1 
ATOM   560 C CB  . PHE A 1 73  ? 0.807   -5.581  -2.290  1.00 18.80  ? 1866 PHE A CB  1 
ATOM   561 C CG  . PHE A 1 73  ? 1.462   -4.232  -2.351  1.00 21.74  ? 1866 PHE A CG  1 
ATOM   562 C CD1 . PHE A 1 73  ? 0.872   -3.192  -3.051  1.00 21.38  ? 1866 PHE A CD1 1 
ATOM   563 C CD2 . PHE A 1 73  ? 2.647   -3.986  -1.670  1.00 32.15  ? 1866 PHE A CD2 1 
ATOM   564 C CE1 . PHE A 1 73  ? 1.482   -1.924  -3.095  1.00 22.16  ? 1866 PHE A CE1 1 
ATOM   565 C CE2 . PHE A 1 73  ? 3.260   -2.722  -1.706  1.00 32.87  ? 1866 PHE A CE2 1 
ATOM   566 C CZ  . PHE A 1 73  ? 2.680   -1.698  -2.429  1.00 22.89  ? 1866 PHE A CZ  1 
ATOM   567 N N   . ASP A 1 74  ? -1.202  -7.387  -0.386  1.00 24.18  ? 1867 ASP A N   1 
ATOM   568 C CA  . ASP A 1 74  ? -1.900  -8.625  -0.056  1.00 16.00  ? 1867 ASP A CA  1 
ATOM   569 C C   . ASP A 1 74  ? -3.396  -8.491  -0.293  1.00 21.55  ? 1867 ASP A C   1 
ATOM   570 O O   . ASP A 1 74  ? -4.030  -9.399  -0.842  1.00 30.64  ? 1867 ASP A O   1 
ATOM   571 C CB  . ASP A 1 74  ? -1.632  -9.016  1.394   1.00 22.23  ? 1867 ASP A CB  1 
ATOM   572 C CG  . ASP A 1 74  ? -0.239  -9.558  1.598   1.00 29.69  ? 1867 ASP A CG  1 
ATOM   573 O OD1 . ASP A 1 74  ? 0.435   -9.803  0.571   1.00 31.12  ? 1867 ASP A OD1 1 
ATOM   574 O OD2 . ASP A 1 74  ? 0.175   -9.733  2.774   1.00 30.75  ? 1867 ASP A OD2 1 
ATOM   575 N N   . ASN A 1 75  ? -3.984  -7.369  0.137   1.00 28.20  ? 1868 ASN A N   1 
ATOM   576 C CA  . ASN A 1 75  ? -5.382  -7.097  -0.177  1.00 18.40  ? 1868 ASN A CA  1 
ATOM   577 C C   . ASN A 1 75  ? -5.593  -7.023  -1.676  1.00 20.06  ? 1868 ASN A C   1 
ATOM   578 O O   . ASN A 1 75  ? -6.594  -7.533  -2.199  1.00 16.82  ? 1868 ASN A O   1 
ATOM   579 C CB  . ASN A 1 75  ? -5.841  -5.795  0.476   1.00 15.93  ? 1868 ASN A CB  1 
ATOM   580 C CG  . ASN A 1 75  ? -6.081  -5.952  1.947   1.00 16.88  ? 1868 ASN A CG  1 
ATOM   581 O OD1 . ASN A 1 75  ? -6.576  -6.980  2.399   1.00 50.35  ? 1868 ASN A OD1 1 
ATOM   582 N ND2 . ASN A 1 75  ? -5.709  -4.953  2.712   1.00 20.72  ? 1868 ASN A ND2 1 
ATOM   583 N N   . CYS A 1 76  ? -4.657  -6.399  -2.388  1.00 21.46  ? 1869 CYS A N   1 
ATOM   584 C CA  . CYS A 1 76  ? -4.844  -6.226  -3.819  1.00 21.76  ? 1869 CYS A CA  1 
ATOM   585 C C   . CYS A 1 76  ? -4.930  -7.568  -4.529  1.00 16.69  ? 1869 CYS A C   1 
ATOM   586 O O   . CYS A 1 76  ? -5.763  -7.750  -5.424  1.00 26.19  ? 1869 CYS A O   1 
ATOM   587 C CB  . CYS A 1 76  ? -3.719  -5.400  -4.401  1.00 19.59  ? 1869 CYS A CB  1 
ATOM   588 S SG  . CYS A 1 76  ? -3.959  -5.263  -6.134  1.00 24.96  ? 1869 CYS A SG  1 
ATOM   589 N N   . GLN A 1 77  ? -4.089  -8.520  -4.135  1.00 16.53  ? 1870 GLN A N   1 
ATOM   590 C CA  . GLN A 1 77  ? -4.079  -9.821  -4.788  1.00 17.63  ? 1870 GLN A CA  1 
ATOM   591 C C   . GLN A 1 77  ? -5.274  -10.669 -4.375  1.00 26.83  ? 1870 GLN A C   1 
ATOM   592 O O   . GLN A 1 77  ? -5.797  -11.422 -5.204  1.00 28.71  ? 1870 GLN A O   1 
ATOM   593 C CB  . GLN A 1 77  ? -2.761  -10.534 -4.498  1.00 13.63  ? 1870 GLN A CB  1 
ATOM   594 C CG  . GLN A 1 77  ? -1.600  -10.009 -5.352  1.00 13.52  ? 1870 GLN A CG  1 
ATOM   595 C CD  . GLN A 1 77  ? -0.238  -10.355 -4.753  1.00 24.64  ? 1870 GLN A CD  1 
ATOM   596 O OE1 . GLN A 1 77  ? 0.323   -11.430 -4.992  1.00 31.39  ? 1870 GLN A OE1 1 
ATOM   597 N NE2 . GLN A 1 77  ? 0.295   -9.440  -3.959  1.00 21.08  ? 1870 GLN A NE2 1 
ATOM   598 N N   . THR A 1 78  ? -5.740  -10.528 -3.126  1.00 29.97  ? 1871 THR A N   1 
ATOM   599 C CA  . THR A 1 78  ? -6.965  -11.196 -2.696  1.00 14.90  ? 1871 THR A CA  1 
ATOM   600 C C   . THR A 1 78  ? -8.163  -10.731 -3.515  1.00 22.30  ? 1871 THR A C   1 
ATOM   601 O O   . THR A 1 78  ? -8.928  -11.545 -4.038  1.00 27.76  ? 1871 THR A O   1 
ATOM   602 C CB  . THR A 1 78  ? -7.223  -10.936 -1.214  1.00 18.46  ? 1871 THR A CB  1 
ATOM   603 O OG1 . THR A 1 78  ? -6.064  -11.284 -0.448  1.00 31.48  ? 1871 THR A OG1 1 
ATOM   604 C CG2 . THR A 1 78  ? -8.367  -11.764 -0.736  1.00 15.72  ? 1871 THR A CG2 1 
ATOM   605 N N   . PHE A 1 79  ? -8.357  -9.424  -3.633  1.00 23.22  ? 1872 PHE A N   1 
ATOM   606 C CA  . PHE A 1 79  ? -9.591  -8.983  -4.255  1.00 21.26  ? 1872 PHE A CA  1 
ATOM   607 C C   . PHE A 1 79  ? -9.534  -8.947  -5.773  1.00 24.34  ? 1872 PHE A C   1 
ATOM   608 O O   . PHE A 1 79  ? -10.566 -9.148  -6.428  1.00 31.06  ? 1872 PHE A O   1 
ATOM   609 C CB  . PHE A 1 79  ? -9.987  -7.601  -3.776  1.00 25.91  ? 1872 PHE A CB  1 
ATOM   610 C CG  . PHE A 1 79  ? -11.355 -7.234  -4.206  1.00 27.29  ? 1872 PHE A CG  1 
ATOM   611 C CD1 . PHE A 1 79  ? -12.456 -7.728  -3.520  1.00 22.14  ? 1872 PHE A CD1 1 
ATOM   612 C CD2 . PHE A 1 79  ? -11.556 -6.470  -5.342  1.00 25.81  ? 1872 PHE A CD2 1 
ATOM   613 C CE1 . PHE A 1 79  ? -13.721 -7.428  -3.925  1.00 23.07  ? 1872 PHE A CE1 1 
ATOM   614 C CE2 . PHE A 1 79  ? -12.827 -6.170  -5.756  1.00 16.86  ? 1872 PHE A CE2 1 
ATOM   615 C CZ  . PHE A 1 79  ? -13.914 -6.640  -5.042  1.00 16.80  ? 1872 PHE A CZ  1 
ATOM   616 N N   . ASN A 1 80  ? -8.384  -8.640  -6.358  1.00 18.75  ? 1873 ASN A N   1 
ATOM   617 C CA  . ASN A 1 80  ? -8.301  -8.405  -7.793  1.00 22.04  ? 1873 ASN A CA  1 
ATOM   618 C C   . ASN A 1 80  ? -7.565  -9.531  -8.494  1.00 17.70  ? 1873 ASN A C   1 
ATOM   619 O O   . ASN A 1 80  ? -6.556  -10.025 -7.989  1.00 23.37  ? 1873 ASN A O   1 
ATOM   620 C CB  . ASN A 1 80  ? -7.607  -7.091  -8.086  1.00 23.26  ? 1873 ASN A CB  1 
ATOM   621 C CG  . ASN A 1 80  ? -8.238  -5.967  -7.356  1.00 32.76  ? 1873 ASN A CG  1 
ATOM   622 O OD1 . ASN A 1 80  ? -9.192  -5.356  -7.837  1.00 45.69  ? 1873 ASN A OD1 1 
ATOM   623 N ND2 . ASN A 1 80  ? -7.741  -5.700  -6.160  1.00 17.84  ? 1873 ASN A ND2 1 
ATOM   624 N N   . GLU A 1 81  ? -8.097  -9.943  -9.646  1.00 26.24  ? 1874 GLU A N   1 
ATOM   625 C CA  . GLU A 1 81  ? -7.415  -10.911 -10.493 1.00 25.35  ? 1874 GLU A CA  1 
ATOM   626 C C   . GLU A 1 81  ? -6.079  -10.355 -10.982 1.00 31.36  ? 1874 GLU A C   1 
ATOM   627 O O   . GLU A 1 81  ? -5.980  -9.186  -11.370 1.00 31.58  ? 1874 GLU A O   1 
ATOM   628 C CB  . GLU A 1 81  ? -8.288  -11.261 -11.695 1.00 28.75  ? 1874 GLU A CB  1 
ATOM   629 C CG  . GLU A 1 81  ? -9.722  -11.556 -11.370 1.00 46.32  ? 1874 GLU A CG  1 
ATOM   630 C CD  . GLU A 1 81  ? -10.142 -12.924 -11.866 1.00 63.00  ? 1874 GLU A CD  1 
ATOM   631 O OE1 . GLU A 1 81  ? -9.578  -13.937 -11.391 1.00 70.46  ? 1874 GLU A OE1 1 
ATOM   632 O OE2 . GLU A 1 81  ? -11.030 -12.990 -12.740 1.00 68.37  ? 1874 GLU A OE2 1 
ATOM   633 N N   . ASP A 1 82  ? -5.051  -11.216 -10.994 1.00 27.45  ? 1875 ASP A N   1 
ATOM   634 C CA  . ASP A 1 82  ? -3.727  -10.821 -11.469 1.00 25.75  ? 1875 ASP A CA  1 
ATOM   635 C C   . ASP A 1 82  ? -3.744  -10.124 -12.825 1.00 27.88  ? 1875 ASP A C   1 
ATOM   636 O O   . ASP A 1 82  ? -2.815  -9.374  -13.124 1.00 25.53  ? 1875 ASP A O   1 
ATOM   637 C CB  . ASP A 1 82  ? -2.802  -12.037 -11.553 1.00 17.43  ? 1875 ASP A CB  1 
ATOM   638 C CG  . ASP A 1 82  ? -2.552  -12.668 -10.199 1.00 26.44  ? 1875 ASP A CG  1 
ATOM   639 O OD1 . ASP A 1 82  ? -2.403  -11.918 -9.196  1.00 15.66  ? 1875 ASP A OD1 1 
ATOM   640 O OD2 . ASP A 1 82  ? -2.516  -13.917 -10.137 1.00 23.29  ? 1875 ASP A OD2 1 
ATOM   641 N N   . ASP A 1 83  ? -4.752  -10.335 -13.664 1.00 36.76  ? 1876 ASP A N   1 
ATOM   642 C CA  . ASP A 1 83  ? -4.752  -9.657  -14.954 1.00 48.39  ? 1876 ASP A CA  1 
ATOM   643 C C   . ASP A 1 83  ? -5.756  -8.514  -15.035 1.00 47.47  ? 1876 ASP A C   1 
ATOM   644 O O   . ASP A 1 83  ? -5.863  -7.876  -16.090 1.00 49.47  ? 1876 ASP A O   1 
ATOM   645 C CB  . ASP A 1 83  ? -4.995  -10.655 -16.092 1.00 44.56  ? 1876 ASP A CB  1 
ATOM   646 C CG  . ASP A 1 83  ? -6.304  -11.360 -15.971 1.00 41.43  ? 1876 ASP A CG  1 
ATOM   647 O OD1 . ASP A 1 83  ? -7.074  -11.014 -15.058 1.00 41.16  ? 1876 ASP A OD1 1 
ATOM   648 O OD2 . ASP A 1 83  ? -6.560  -12.265 -16.791 1.00 46.55  ? 1876 ASP A OD2 1 
ATOM   649 N N   . SER A 1 84  ? -6.483  -8.238  -13.955 1.00 31.55  ? 1877 SER A N   1 
ATOM   650 C CA  . SER A 1 84  ? -7.298  -7.034  -13.903 1.00 36.59  ? 1877 SER A CA  1 
ATOM   651 C C   . SER A 1 84  ? -6.407  -5.797  -13.914 1.00 33.19  ? 1877 SER A C   1 
ATOM   652 O O   . SER A 1 84  ? -5.215  -5.866  -13.618 1.00 39.29  ? 1877 SER A O   1 
ATOM   653 C CB  . SER A 1 84  ? -8.173  -7.024  -12.652 1.00 24.05  ? 1877 SER A CB  1 
ATOM   654 O OG  . SER A 1 84  ? -7.361  -6.930  -11.500 1.00 41.00  ? 1877 SER A OG  1 
ATOM   655 N N   . GLU A 1 85  ? -7.007  -4.646  -14.244 1.00 28.49  ? 1878 GLU A N   1 
ATOM   656 C CA  . GLU A 1 85  ? -6.229  -3.410  -14.315 1.00 29.74  ? 1878 GLU A CA  1 
ATOM   657 C C   . GLU A 1 85  ? -5.693  -3.024  -12.939 1.00 34.85  ? 1878 GLU A C   1 
ATOM   658 O O   . GLU A 1 85  ? -4.567  -2.530  -12.810 1.00 34.73  ? 1878 GLU A O   1 
ATOM   659 C CB  . GLU A 1 85  ? -7.079  -2.280  -14.907 1.00 24.60  ? 1878 GLU A CB  1 
ATOM   660 C CG  . GLU A 1 85  ? -7.286  -2.386  -16.385 1.00 51.79  ? 1878 GLU A CG  1 
ATOM   661 C CD  . GLU A 1 85  ? -6.040  -1.985  -17.155 1.00 66.86  ? 1878 GLU A CD  1 
ATOM   662 O OE1 . GLU A 1 85  ? -5.479  -0.906  -16.836 1.00 65.39  ? 1878 GLU A OE1 1 
ATOM   663 O OE2 . GLU A 1 85  ? -5.615  -2.751  -18.057 1.00 63.56  ? 1878 GLU A OE2 1 
ATOM   664 N N   . VAL A 1 86  ? -6.491  -3.234  -11.899 1.00 32.04  ? 1879 VAL A N   1 
ATOM   665 C CA  . VAL A 1 86  ? -6.004  -2.961  -10.559 1.00 25.56  ? 1879 VAL A CA  1 
ATOM   666 C C   . VAL A 1 86  ? -4.977  -3.996  -10.163 1.00 28.71  ? 1879 VAL A C   1 
ATOM   667 O O   . VAL A 1 86  ? -3.939  -3.661  -9.579  1.00 23.39  ? 1879 VAL A O   1 
ATOM   668 C CB  . VAL A 1 86  ? -7.175  -2.914  -9.575  1.00 24.82  ? 1879 VAL A CB  1 
ATOM   669 C CG1 . VAL A 1 86  ? -6.665  -2.877  -8.118  1.00 18.20  ? 1879 VAL A CG1 1 
ATOM   670 C CG2 . VAL A 1 86  ? -8.056  -1.704  -9.925  1.00 20.65  ? 1879 VAL A CG2 1 
ATOM   671 N N   . GLY A 1 87  ? -5.248  -5.267  -10.484 1.00 32.83  ? 1880 GLY A N   1 
ATOM   672 C CA  . GLY A 1 87  ? -4.303  -6.351  -10.333 1.00 16.74  ? 1880 GLY A CA  1 
ATOM   673 C C   . GLY A 1 87  ? -2.942  -6.045  -10.931 1.00 25.78  ? 1880 GLY A C   1 
ATOM   674 O O   . GLY A 1 87  ? -1.946  -6.049  -10.194 1.00 31.89  ? 1880 GLY A O   1 
ATOM   675 N N   . LYS A 1 88  ? -2.872  -5.787  -12.254 1.00 22.82  ? 1881 LYS A N   1 
ATOM   676 C CA  . LYS A 1 88  ? -1.579  -5.530  -12.902 1.00 17.58  ? 1881 LYS A CA  1 
ATOM   677 C C   . LYS A 1 88  ? -0.904  -4.303  -12.318 1.00 25.07  ? 1881 LYS A C   1 
ATOM   678 O O   . LYS A 1 88  ? 0.326   -4.243  -12.269 1.00 34.99  ? 1881 LYS A O   1 
ATOM   679 C CB  . LYS A 1 88  ? -1.715  -5.305  -14.408 1.00 21.15  ? 1881 LYS A CB  1 
ATOM   680 C CG  . LYS A 1 88  ? -2.472  -6.324  -15.218 1.00 26.46  ? 1881 LYS A CG  1 
ATOM   681 C CD  . LYS A 1 88  ? -2.430  -5.943  -16.703 1.00 35.16  ? 1881 LYS A CD  1 
ATOM   682 C CE  . LYS A 1 88  ? -3.636  -5.102  -17.094 1.00 46.12  ? 1881 LYS A CE  1 
ATOM   683 N NZ  . LYS A 1 88  ? -3.993  -5.295  -18.529 1.00 50.30  ? 1881 LYS A NZ  1 
ATOM   684 N N   . ALA A 1 89  ? -1.683  -3.299  -11.902 1.00 17.81  ? 1882 ALA A N   1 
ATOM   685 C CA  . ALA A 1 89  ? -1.085  -2.172  -11.198 1.00 17.66  ? 1882 ALA A CA  1 
ATOM   686 C C   . ALA A 1 89  ? -0.551  -2.616  -9.850  1.00 29.36  ? 1882 ALA A C   1 
ATOM   687 O O   . ALA A 1 89  ? 0.519   -2.168  -9.418  1.00 32.02  ? 1882 ALA A O   1 
ATOM   688 C CB  . ALA A 1 89  ? -2.111  -1.054  -11.013 1.00 23.14  ? 1882 ALA A CB  1 
ATOM   689 N N   . GLY A 1 90  ? -1.301  -3.488  -9.168  1.00 25.50  ? 1883 GLY A N   1 
ATOM   690 C CA  . GLY A 1 90  ? -0.880  -3.959  -7.861  1.00 23.59  ? 1883 GLY A CA  1 
ATOM   691 C C   . GLY A 1 90  ? 0.490   -4.600  -7.895  1.00 26.30  ? 1883 GLY A C   1 
ATOM   692 O O   . GLY A 1 90  ? 1.331   -4.329  -7.030  1.00 21.73  ? 1883 GLY A O   1 
ATOM   693 N N   . HIS A 1 91  ? 0.754   -5.415  -8.927  1.00 19.42  ? 1884 HIS A N   1 
ATOM   694 C CA  . HIS A 1 91  ? 2.044   -6.098  -8.998  1.00 18.57  ? 1884 HIS A CA  1 
ATOM   695 C C   . HIS A 1 91  ? 3.170   -5.124  -9.279  1.00 24.25  ? 1884 HIS A C   1 
ATOM   696 O O   . HIS A 1 91  ? 4.284   -5.291  -8.766  1.00 28.14  ? 1884 HIS A O   1 
ATOM   697 C CB  . HIS A 1 91  ? 2.015   -7.169  -10.063 1.00 18.36  ? 1884 HIS A CB  1 
ATOM   698 C CG  . HIS A 1 91  ? 1.118   -8.303  -9.725  1.00 21.40  ? 1884 HIS A CG  1 
ATOM   699 N ND1 . HIS A 1 91  ? 1.316   -9.091  -8.612  1.00 24.23  ? 1884 HIS A ND1 1 
ATOM   700 C CD2 . HIS A 1 91  ? 0.003   -8.766  -10.332 1.00 15.27  ? 1884 HIS A CD2 1 
ATOM   701 C CE1 . HIS A 1 91  ? 0.365   -10.005 -8.550  1.00 21.16  ? 1884 HIS A CE1 1 
ATOM   702 N NE2 . HIS A 1 91  ? -0.445  -9.827  -9.583  1.00 32.21  ? 1884 HIS A NE2 1 
ATOM   703 N N   . ILE A 1 92  ? 2.908   -4.104  -10.096 1.00 23.31  ? 1885 ILE A N   1 
ATOM   704 C CA  . ILE A 1 92  ? 3.915   -3.075  -10.309 1.00 24.42  ? 1885 ILE A CA  1 
ATOM   705 C C   . ILE A 1 92  ? 4.253   -2.384  -8.991  1.00 18.94  ? 1885 ILE A C   1 
ATOM   706 O O   . ILE A 1 92  ? 5.424   -2.137  -8.686  1.00 29.03  ? 1885 ILE A O   1 
ATOM   707 C CB  . ILE A 1 92  ? 3.444   -2.075  -11.379 1.00 24.75  ? 1885 ILE A CB  1 
ATOM   708 C CG1 . ILE A 1 92  ? 3.199   -2.801  -12.705 1.00 30.02  ? 1885 ILE A CG1 1 
ATOM   709 C CG2 . ILE A 1 92  ? 4.494   -1.049  -11.590 1.00 19.83  ? 1885 ILE A CG2 1 
ATOM   710 C CD1 . ILE A 1 92  ? 2.518   -1.961  -13.752 1.00 19.43  ? 1885 ILE A CD1 1 
ATOM   711 N N   . MET A 1 93  ? 3.248   -2.082  -8.172  1.00 26.15  ? 1886 MET A N   1 
ATOM   712 C CA  . MET A 1 93  ? 3.551   -1.383  -6.930  1.00 24.61  ? 1886 MET A CA  1 
ATOM   713 C C   . MET A 1 93  ? 4.267   -2.301  -5.948  1.00 28.47  ? 1886 MET A C   1 
ATOM   714 O O   . MET A 1 93  ? 5.236   -1.887  -5.297  1.00 39.56  ? 1886 MET A O   1 
ATOM   715 C CB  . MET A 1 93  ? 2.274   -0.821  -6.306  1.00 26.91  ? 1886 MET A CB  1 
ATOM   716 C CG  . MET A 1 93  ? 1.640   0.333   -7.071  1.00 21.67  ? 1886 MET A CG  1 
ATOM   717 S SD  . MET A 1 93  ? 2.829   1.621   -7.481  1.00 27.53  ? 1886 MET A SD  1 
ATOM   718 C CE  . MET A 1 93  ? 3.370   2.142   -5.854  1.00 31.39  ? 1886 MET A CE  1 
ATOM   719 N N   . ARG A 1 94  ? 3.814   -3.554  -5.830  1.00 21.79  ? 1887 ARG A N   1 
ATOM   720 C CA  . ARG A 1 94  ? 4.430   -4.466  -4.865  1.00 24.60  ? 1887 ARG A CA  1 
ATOM   721 C C   . ARG A 1 94  ? 5.887   -4.743  -5.220  1.00 17.18  ? 1887 ARG A C   1 
ATOM   722 O O   . ARG A 1 94  ? 6.761   -4.677  -4.356  1.00 17.82  ? 1887 ARG A O   1 
ATOM   723 C CB  . ARG A 1 94  ? 3.632   -5.768  -4.763  1.00 20.20  ? 1887 ARG A CB  1 
ATOM   724 C CG  . ARG A 1 94  ? 4.279   -6.839  -3.893  1.00 18.57  ? 1887 ARG A CG  1 
ATOM   725 C CD  . ARG A 1 94  ? 3.486   -8.116  -3.976  1.00 14.35  ? 1887 ARG A CD  1 
ATOM   726 N NE  . ARG A 1 94  ? 3.298   -8.467  -5.373  1.00 14.25  ? 1887 ARG A NE  1 
ATOM   727 C CZ  . ARG A 1 94  ? 4.232   -8.990  -6.168  1.00 19.13  ? 1887 ARG A CZ  1 
ATOM   728 N NH1 . ARG A 1 94  ? 5.458   -9.267  -5.725  1.00 15.08  ? 1887 ARG A NH1 1 
ATOM   729 N NH2 . ARG A 1 94  ? 3.937   -9.233  -7.437  1.00 17.33  ? 1887 ARG A NH2 1 
ATOM   730 N N   . ARG A 1 95  ? 6.176   -5.035  -6.486  1.00 16.24  ? 1888 ARG A N   1 
ATOM   731 C CA  . ARG A 1 95  ? 7.566   -5.233  -6.875  1.00 26.47  ? 1888 ARG A CA  1 
ATOM   732 C C   . ARG A 1 95  ? 8.392   -3.986  -6.570  1.00 28.86  ? 1888 ARG A C   1 
ATOM   733 O O   . ARG A 1 95  ? 9.489   -4.079  -6.005  1.00 33.76  ? 1888 ARG A O   1 
ATOM   734 C CB  . ARG A 1 95  ? 7.658   -5.624  -8.353  1.00 17.32  ? 1888 ARG A CB  1 
ATOM   735 C CG  . ARG A 1 95  ? 7.167   -7.028  -8.641  1.00 16.75  ? 1888 ARG A CG  1 
ATOM   736 C CD  . ARG A 1 95  ? 7.534   -7.445  -10.060 1.00 17.40  ? 1888 ARG A CD  1 
ATOM   737 N NE  . ARG A 1 95  ? 6.766   -6.703  -11.051 1.00 26.87  ? 1888 ARG A NE  1 
ATOM   738 C CZ  . ARG A 1 95  ? 5.628   -7.132  -11.596 1.00 28.79  ? 1888 ARG A CZ  1 
ATOM   739 N NH1 . ARG A 1 95  ? 5.109   -8.310  -11.255 1.00 16.59  ? 1888 ARG A NH1 1 
ATOM   740 N NH2 . ARG A 1 95  ? 5.004   -6.382  -12.490 1.00 22.04  ? 1888 ARG A NH2 1 
ATOM   741 N N   . PHE A 1 96  ? 7.853   -2.802  -6.886  1.00 24.66  ? 1889 PHE A N   1 
ATOM   742 C CA  . PHE A 1 96  ? 8.581   -1.573  -6.588  1.00 20.46  ? 1889 PHE A CA  1 
ATOM   743 C C   . PHE A 1 96  ? 8.887   -1.473  -5.100  1.00 34.28  ? 1889 PHE A C   1 
ATOM   744 O O   . PHE A 1 96  ? 10.043  -1.274  -4.709  1.00 36.88  ? 1889 PHE A O   1 
ATOM   745 C CB  . PHE A 1 96  ? 7.788   -0.350  -7.054  1.00 27.41  ? 1889 PHE A CB  1 
ATOM   746 C CG  . PHE A 1 96  ? 8.445   0.967   -6.695  1.00 30.72  ? 1889 PHE A CG  1 
ATOM   747 C CD1 . PHE A 1 96  ? 9.364   1.545   -7.544  1.00 22.55  ? 1889 PHE A CD1 1 
ATOM   748 C CD2 . PHE A 1 96  ? 8.147   1.614   -5.494  1.00 29.10  ? 1889 PHE A CD2 1 
ATOM   749 C CE1 . PHE A 1 96  ? 9.981   2.741   -7.199  1.00 33.82  ? 1889 PHE A CE1 1 
ATOM   750 C CE2 . PHE A 1 96  ? 8.764   2.793   -5.149  1.00 29.43  ? 1889 PHE A CE2 1 
ATOM   751 C CZ  . PHE A 1 96  ? 9.679   3.361   -5.999  1.00 36.13  ? 1889 PHE A CZ  1 
ATOM   752 N N   . PHE A 1 97  ? 7.856   -1.609  -4.250  1.00 25.77  ? 1890 PHE A N   1 
ATOM   753 C CA  . PHE A 1 97  ? 8.069   -1.536  -2.806  1.00 22.59  ? 1890 PHE A CA  1 
ATOM   754 C C   . PHE A 1 97  ? 9.086   -2.566  -2.329  1.00 28.35  ? 1890 PHE A C   1 
ATOM   755 O O   . PHE A 1 97  ? 9.942   -2.258  -1.494  1.00 30.59  ? 1890 PHE A O   1 
ATOM   756 C CB  . PHE A 1 97  ? 6.771   -1.749  -2.026  1.00 18.55  ? 1890 PHE A CB  1 
ATOM   757 C CG  . PHE A 1 97  ? 7.015   -1.898  -0.542  1.00 25.70  ? 1890 PHE A CG  1 
ATOM   758 C CD1 . PHE A 1 97  ? 7.211   -0.769  0.262   1.00 24.82  ? 1890 PHE A CD1 1 
ATOM   759 C CD2 . PHE A 1 97  ? 7.123   -3.150  0.041   1.00 24.76  ? 1890 PHE A CD2 1 
ATOM   760 C CE1 . PHE A 1 97  ? 7.481   -0.886  1.618   1.00 21.25  ? 1890 PHE A CE1 1 
ATOM   761 C CE2 . PHE A 1 97  ? 7.385   -3.276  1.399   1.00 24.01  ? 1890 PHE A CE2 1 
ATOM   762 C CZ  . PHE A 1 97  ? 7.559   -2.140  2.191   1.00 23.65  ? 1890 PHE A CZ  1 
ATOM   763 N N   . GLU A 1 98  ? 8.945   -3.822  -2.782  1.00 34.96  ? 1891 GLU A N   1 
ATOM   764 C CA  . GLU A 1 98  ? 9.854   -4.885  -2.359  1.00 23.62  ? 1891 GLU A CA  1 
ATOM   765 C C   . GLU A 1 98  ? 11.294  -4.518  -2.682  1.00 36.64  ? 1891 GLU A C   1 
ATOM   766 O O   . GLU A 1 98  ? 12.186  -4.647  -1.831  1.00 39.78  ? 1891 GLU A O   1 
ATOM   767 C CB  . GLU A 1 98  ? 9.473   -6.198  -3.033  1.00 18.53  ? 1891 GLU A CB  1 
ATOM   768 C CG  . GLU A 1 98  ? 8.353   -6.987  -2.341  1.00 41.14  ? 1891 GLU A CG  1 
ATOM   769 C CD  . GLU A 1 98  ? 7.979   -8.301  -3.086  1.00 50.09  ? 1891 GLU A CD  1 
ATOM   770 O OE1 . GLU A 1 98  ? 8.790   -8.790  -3.931  1.00 43.63  ? 1891 GLU A OE1 1 
ATOM   771 O OE2 . GLU A 1 98  ? 6.866   -8.833  -2.827  1.00 37.54  ? 1891 GLU A OE2 1 
ATOM   772 N N   . SER A 1 99  ? 11.533  -4.029  -3.905  1.00 30.07  ? 1892 SER A N   1 
ATOM   773 C CA  . SER A 1 99  ? 12.873  -3.615  -4.310  1.00 29.27  ? 1892 SER A CA  1 
ATOM   774 C C   . SER A 1 99  ? 13.417  -2.519  -3.401  1.00 37.21  ? 1892 SER A C   1 
ATOM   775 O O   . SER A 1 99  ? 14.393  -2.733  -2.681  1.00 43.56  ? 1892 SER A O   1 
ATOM   776 C CB  . SER A 1 99  ? 12.858  -3.153  -5.768  1.00 37.41  ? 1892 SER A CB  1 
ATOM   777 O OG  . SER A 1 99  ? 12.717  -4.266  -6.633  1.00 53.51  ? 1892 SER A OG  1 
ATOM   778 N N   . ARG A 1 100 ? 12.794  -1.331  -3.429  1.00 41.68  ? 1893 ARG A N   1 
ATOM   779 C CA  . ARG A 1 100 ? 13.299  -0.188  -2.665  1.00 43.38  ? 1893 ARG A CA  1 
ATOM   780 C C   . ARG A 1 100 ? 13.564  -0.553  -1.213  1.00 46.78  ? 1893 ARG A C   1 
ATOM   781 O O   . ARG A 1 100 ? 14.578  -0.142  -0.633  1.00 66.36  ? 1893 ARG A O   1 
ATOM   782 C CB  . ARG A 1 100 ? 12.307  0.981   -2.724  1.00 49.24  ? 1893 ARG A CB  1 
ATOM   783 C CG  . ARG A 1 100 ? 12.334  1.788   -4.005  1.00 52.65  ? 1893 ARG A CG  1 
ATOM   784 C CD  . ARG A 1 100 ? 13.654  2.495   -4.142  1.00 56.02  ? 1893 ARG A CD  1 
ATOM   785 N NE  . ARG A 1 100 ? 13.699  3.739   -3.381  1.00 58.91  ? 1893 ARG A NE  1 
ATOM   786 C CZ  . ARG A 1 100 ? 14.801  4.229   -2.821  1.00 57.24  ? 1893 ARG A CZ  1 
ATOM   787 N NH1 . ARG A 1 100 ? 15.950  3.566   -2.916  1.00 59.16  ? 1893 ARG A NH1 1 
ATOM   788 N NH2 . ARG A 1 100 ? 14.750  5.372   -2.153  1.00 46.44  ? 1893 ARG A NH2 1 
ATOM   789 N N   . TRP A 1 101 ? 12.662  -1.317  -0.607  1.00 39.51  ? 1894 TRP A N   1 
ATOM   790 C CA  . TRP A 1 101 ? 12.843  -1.714  0.784   1.00 44.16  ? 1894 TRP A CA  1 
ATOM   791 C C   . TRP A 1 101 ? 14.156  -2.447  0.981   1.00 46.75  ? 1894 TRP A C   1 
ATOM   792 O O   . TRP A 1 101 ? 14.864  -2.207  1.962   1.00 51.77  ? 1894 TRP A O   1 
ATOM   793 C CB  . TRP A 1 101 ? 11.685  -2.595  1.227   1.00 43.34  ? 1894 TRP A CB  1 
ATOM   794 C CG  . TRP A 1 101 ? 11.622  -2.804  2.689   1.00 41.95  ? 1894 TRP A CG  1 
ATOM   795 C CD1 . TRP A 1 101 ? 11.984  -3.924  3.372   1.00 38.55  ? 1894 TRP A CD1 1 
ATOM   796 C CD2 . TRP A 1 101 ? 11.149  -1.867  3.664   1.00 40.47  ? 1894 TRP A CD2 1 
ATOM   797 N NE1 . TRP A 1 101 ? 11.766  -3.745  4.717   1.00 40.25  ? 1894 TRP A NE1 1 
ATOM   798 C CE2 . TRP A 1 101 ? 11.251  -2.493  4.923   1.00 32.86  ? 1894 TRP A CE2 1 
ATOM   799 C CE3 . TRP A 1 101 ? 10.663  -0.550  3.595   1.00 52.34  ? 1894 TRP A CE3 1 
ATOM   800 C CZ2 . TRP A 1 101 ? 10.888  -1.855  6.105   1.00 41.32  ? 1894 TRP A CZ2 1 
ATOM   801 C CZ3 . TRP A 1 101 ? 10.295  0.086   4.772   1.00 47.56  ? 1894 TRP A CZ3 1 
ATOM   802 C CH2 . TRP A 1 101 ? 10.413  -0.570  6.010   1.00 52.88  ? 1894 TRP A CH2 1 
ATOM   803 N N   . GLU A 1 102 ? 14.503  -3.336  0.049   1.00 55.17  ? 1895 GLU A N   1 
ATOM   804 C CA  . GLU A 1 102 ? 15.709  -4.144  0.176   1.00 56.37  ? 1895 GLU A CA  1 
ATOM   805 C C   . GLU A 1 102 ? 16.978  -3.372  -0.124  1.00 56.31  ? 1895 GLU A C   1 
ATOM   806 O O   . GLU A 1 102 ? 18.043  -3.766  0.353   1.00 69.10  ? 1895 GLU A O   1 
ATOM   807 C CB  . GLU A 1 102 ? 15.628  -5.371  -0.735  1.00 56.36  ? 1895 GLU A CB  1 
ATOM   808 C CG  . GLU A 1 102 ? 14.759  -6.488  -0.162  1.00 63.09  ? 1895 GLU A CG  1 
ATOM   809 C CD  . GLU A 1 102 ? 14.195  -7.409  -1.229  1.00 79.27  ? 1895 GLU A CD  1 
ATOM   810 O OE1 . GLU A 1 102 ? 14.693  -7.371  -2.380  1.00 83.95  ? 1895 GLU A OE1 1 
ATOM   811 O OE2 . GLU A 1 102 ? 13.247  -8.164  -0.916  1.00 84.47  ? 1895 GLU A OE2 1 
ATOM   812 N N   . GLU A 1 103 ? 16.909  -2.291  -0.894  1.00 59.78  ? 1896 GLU A N   1 
ATOM   813 C CA  . GLU A 1 103 ? 18.085  -1.455  -1.069  1.00 68.41  ? 1896 GLU A CA  1 
ATOM   814 C C   . GLU A 1 103 ? 18.150  -0.321  -0.044  1.00 67.12  ? 1896 GLU A C   1 
ATOM   815 O O   . GLU A 1 103 ? 18.801  0.700   -0.297  1.00 66.82  ? 1896 GLU A O   1 
ATOM   816 C CB  . GLU A 1 103 ? 18.170  -0.925  -2.507  1.00 74.83  ? 1896 GLU A CB  1 
ATOM   817 C CG  . GLU A 1 103 ? 17.178  0.150   -2.922  1.00 77.18  ? 1896 GLU A CG  1 
ATOM   818 C CD  . GLU A 1 103 ? 17.323  0.496   -4.400  1.00 83.59  ? 1896 GLU A CD  1 
ATOM   819 O OE1 . GLU A 1 103 ? 18.420  0.950   -4.791  1.00 79.76  ? 1896 GLU A OE1 1 
ATOM   820 O OE2 . GLU A 1 103 ? 16.356  0.283   -5.172  1.00 87.71  ? 1896 GLU A OE2 1 
ATOM   821 N N   . PHE A 1 104 ? 17.480  -0.478  1.100   1.00 62.94  ? 1897 PHE A N   1 
ATOM   822 C CA  . PHE A 1 104 ? 17.900  0.169   2.336   1.00 71.88  ? 1897 PHE A CA  1 
ATOM   823 C C   . PHE A 1 104 ? 18.134  -0.821  3.468   1.00 79.94  ? 1897 PHE A C   1 
ATOM   824 O O   . PHE A 1 104 ? 18.952  -0.541  4.349   1.00 89.60  ? 1897 PHE A O   1 
ATOM   825 C CB  . PHE A 1 104 ? 16.884  1.224   2.794   1.00 78.33  ? 1897 PHE A CB  1 
ATOM   826 C CG  . PHE A 1 104 ? 17.470  2.277   3.728   1.00 102.77 ? 1897 PHE A CG  1 
ATOM   827 C CD1 . PHE A 1 104 ? 18.022  3.459   3.228   1.00 110.42 ? 1897 PHE A CD1 1 
ATOM   828 C CD2 . PHE A 1 104 ? 17.460  2.091   5.111   1.00 110.60 ? 1897 PHE A CD2 1 
ATOM   829 C CE1 . PHE A 1 104 ? 18.553  4.438   4.096   1.00 110.33 ? 1897 PHE A CE1 1 
ATOM   830 C CE2 . PHE A 1 104 ? 17.994  3.064   5.979   1.00 110.70 ? 1897 PHE A CE2 1 
ATOM   831 C CZ  . PHE A 1 104 ? 18.536  4.234   5.471   1.00 107.97 ? 1897 PHE A CZ  1 
ATOM   832 N N   . TYR A 1 105 ? 17.462  -1.976  3.457   1.00 75.23  ? 1898 TYR A N   1 
ATOM   833 C CA  . TYR A 1 105 ? 17.679  -3.033  4.453   1.00 69.20  ? 1898 TYR A CA  1 
ATOM   834 C C   . TYR A 1 105 ? 18.077  -4.359  3.788   1.00 68.26  ? 1898 TYR A C   1 
ATOM   835 O O   . TYR A 1 105 ? 19.244  -4.761  3.793   1.00 66.57  ? 1898 TYR A O   1 
ATOM   836 C CB  . TYR A 1 105 ? 16.422  -3.234  5.300   1.00 64.72  ? 1898 TYR A CB  1 
ATOM   837 C CG  . TYR A 1 105 ? 15.844  -1.950  5.854   1.00 71.82  ? 1898 TYR A CG  1 
ATOM   838 C CD1 . TYR A 1 105 ? 16.455  -1.280  6.915   1.00 76.81  ? 1898 TYR A CD1 1 
ATOM   839 C CD2 . TYR A 1 105 ? 14.689  -1.404  5.320   1.00 74.49  ? 1898 TYR A CD2 1 
ATOM   840 C CE1 . TYR A 1 105 ? 15.923  -0.100  7.425   1.00 70.81  ? 1898 TYR A CE1 1 
ATOM   841 C CE2 . TYR A 1 105 ? 14.153  -0.222  5.823   1.00 75.21  ? 1898 TYR A CE2 1 
ATOM   842 C CZ  . TYR A 1 105 ? 14.773  0.419   6.869   1.00 72.57  ? 1898 TYR A CZ  1 
ATOM   843 O OH  . TYR A 1 105 ? 14.228  1.581   7.349   1.00 82.50  ? 1898 TYR A OH  1 
HETATM 844 C C05 . GIU B 2 .   ? -9.631  3.484   -6.122  1.00 39.16  ? 1901 GIU A C05 1 
HETATM 845 C C06 . GIU B 2 .   ? -9.938  4.957   -6.382  1.00 40.23  ? 1901 GIU A C06 1 
HETATM 846 C C07 . GIU B 2 .   ? -10.729 5.306   -5.354  1.00 44.21  ? 1901 GIU A C07 1 
HETATM 847 C C09 . GIU B 2 .   ? -9.691  3.324   -4.554  1.00 37.90  ? 1901 GIU A C09 1 
HETATM 848 C C10 . GIU B 2 .   ? -10.721 -0.206  -7.488  1.00 25.08  ? 1901 GIU A C10 1 
HETATM 849 C C11 . GIU B 2 .   ? -9.935  -0.945  -6.538  1.00 32.20  ? 1901 GIU A C11 1 
HETATM 850 C C12 . GIU B 2 .   ? -8.814  -0.381  -5.893  1.00 29.49  ? 1901 GIU A C12 1 
HETATM 851 C C13 . GIU B 2 .   ? -8.090  -1.150  -4.962  1.00 38.68  ? 1901 GIU A C13 1 
HETATM 852 C C15 . GIU B 2 .   ? -9.514  -2.965  -5.260  1.00 23.48  ? 1901 GIU A C15 1 
HETATM 853 C C16 . GIU B 2 .   ? -10.278 -2.212  -6.226  1.00 25.37  ? 1901 GIU A C16 1 
HETATM 854 C C17 . GIU B 2 .   ? -11.394 -2.817  -6.857  1.00 20.96  ? 1901 GIU A C17 1 
HETATM 855 C C18 . GIU B 2 .   ? -12.146 -2.076  -7.790  1.00 29.66  ? 1901 GIU A C18 1 
HETATM 856 C C19 . GIU B 2 .   ? -11.802 -0.774  -8.106  1.00 18.37  ? 1901 GIU A C19 1 
HETATM 857 N N04 . GIU B 2 .   ? -10.706 2.653   -6.722  1.00 44.93  ? 1901 GIU A N04 1 
HETATM 858 N N08 . GIU B 2 .   ? -10.248 4.415   -4.081  1.00 41.34  ? 1901 GIU A N08 1 
HETATM 859 N N14 . GIU B 2 .   ? -8.459  -2.415  -4.667  1.00 35.70  ? 1901 GIU A N14 1 
HETATM 860 O O01 . GIU B 2 .   ? -10.772 1.749   -9.288  1.00 48.55  ? 1901 GIU A O01 1 
HETATM 861 O O03 . GIU B 2 .   ? -8.838  1.602   -8.166  1.00 59.40  ? 1901 GIU A O03 1 
HETATM 862 S S02 . GIU B 2 .   ? -10.270 1.494   -7.940  1.00 42.67  ? 1901 GIU A S02 1 
HETATM 863 O O   . HOH C 3 .   ? -7.609  -1.945  0.713   1.00 51.17  ? 2001 HOH A O   1 
HETATM 864 O O   . HOH C 3 .   ? 17.394  4.844   14.092  1.00 49.56  ? 2002 HOH A O   1 
HETATM 865 O O   . HOH C 3 .   ? -1.224  9.182   0.192   1.00 35.54  ? 2003 HOH A O   1 
HETATM 866 O O   . HOH C 3 .   ? -4.955  -2.998  -2.025  1.00 28.24  ? 2004 HOH A O   1 
HETATM 867 O O   . HOH C 3 .   ? -3.279  -15.762 -11.788 1.00 30.53  ? 2005 HOH A O   1 
HETATM 868 O O   . HOH C 3 .   ? -7.406  1.489   -2.583  1.00 26.23  ? 2006 HOH A O   1 
HETATM 869 O O   . HOH C 3 .   ? -10.375 -5.859  -10.170 1.00 29.18  ? 2007 HOH A O   1 
HETATM 870 O O   . HOH C 3 .   ? -22.951 -6.809  -3.318  1.00 37.24  ? 2008 HOH A O   1 
HETATM 871 O O   . HOH C 3 .   ? -7.100  9.162   18.976  1.00 36.03  ? 2009 HOH A O   1 
HETATM 872 O O   . HOH C 3 .   ? -7.407  -8.199  4.651   1.00 42.78  ? 2010 HOH A O   1 
HETATM 873 O O   . HOH C 3 .   ? 0.428   -7.476  -5.892  1.00 22.55  ? 2011 HOH A O   1 
HETATM 874 O O   . HOH C 3 .   ? -7.327  -4.033  -2.710  1.00 23.70  ? 2012 HOH A O   1 
HETATM 875 O O   . HOH C 3 .   ? -1.924  -7.384  -7.711  1.00 16.02  ? 2013 HOH A O   1 
HETATM 876 O O   . HOH C 3 .   ? 7.811   -10.708 -6.377  1.00 18.06  ? 2014 HOH A O   1 
HETATM 877 O O   . HOH C 3 .   ? 7.856   7.406   -7.974  1.00 26.33  ? 2015 HOH A O   1 
HETATM 878 O O   . HOH C 3 .   ? -18.903 -6.599  0.529   1.00 30.82  ? 2016 HOH A O   1 
HETATM 879 O O   . HOH C 3 .   ? -7.051  5.163   -4.824  1.00 33.08  ? 2017 HOH A O   1 
HETATM 880 O O   . HOH C 3 .   ? -21.305 -5.219  -2.110  1.00 36.06  ? 2018 HOH A O   1 
HETATM 881 O O   . HOH C 3 .   ? -3.499  -9.253  -8.490  1.00 20.35  ? 2019 HOH A O   1 
HETATM 882 O O   . HOH C 3 .   ? -9.821  -12.857 2.480   0.50 51.82  ? 2020 HOH A O   1 
HETATM 883 O O   . HOH C 3 .   ? -5.463  -10.037 2.248   1.00 28.69  ? 2021 HOH A O   1 
HETATM 884 O O   . HOH C 3 .   ? -9.953  -4.813  -15.007 1.00 26.81  ? 2022 HOH A O   1 
HETATM 885 O O   . HOH C 3 .   ? -13.224 2.992   -4.928  1.00 12.08  ? 2023 HOH A O   1 
HETATM 886 O O   . HOH C 3 .   ? -11.424 0.404   2.293   1.00 36.99  ? 2024 HOH A O   1 
HETATM 887 O O   . HOH C 3 .   ? 8.301   0.045   -10.749 1.00 34.32  ? 2025 HOH A O   1 
HETATM 888 O O   . HOH C 3 .   ? -9.585  -3.944  -12.214 1.00 32.70  ? 2026 HOH A O   1 
HETATM 889 O O   . HOH C 3 .   ? -4.015  11.938  20.172  1.00 35.96  ? 2027 HOH A O   1 
HETATM 890 O O   . HOH C 3 .   ? 6.561   5.955   -12.145 1.00 21.48  ? 2028 HOH A O   1 
HETATM 891 O O   . HOH C 3 .   ? 11.564  -6.470  -8.703  1.00 40.37  ? 2029 HOH A O   1 
HETATM 892 O O   . HOH C 3 .   ? 7.590   -3.783  -12.525 1.00 26.26  ? 2030 HOH A O   1 
HETATM 893 O O   . HOH C 3 .   ? -16.042 -8.905  7.523   1.00 25.25  ? 2031 HOH A O   1 
HETATM 894 O O   . HOH C 3 .   ? 9.452   5.999   -8.954  1.00 45.75  ? 2032 HOH A O   1 
# 
loop_
_atom_site_anisotrop.id 
_atom_site_anisotrop.type_symbol 
_atom_site_anisotrop.pdbx_label_atom_id 
_atom_site_anisotrop.pdbx_label_alt_id 
_atom_site_anisotrop.pdbx_label_comp_id 
_atom_site_anisotrop.pdbx_label_asym_id 
_atom_site_anisotrop.pdbx_label_seq_id 
_atom_site_anisotrop.pdbx_PDB_ins_code 
_atom_site_anisotrop.U[1][1] 
_atom_site_anisotrop.U[2][2] 
_atom_site_anisotrop.U[3][3] 
_atom_site_anisotrop.U[1][2] 
_atom_site_anisotrop.U[1][3] 
_atom_site_anisotrop.U[2][3] 
_atom_site_anisotrop.pdbx_auth_seq_id 
_atom_site_anisotrop.pdbx_auth_comp_id 
_atom_site_anisotrop.pdbx_auth_asym_id 
_atom_site_anisotrop.pdbx_auth_atom_id 
1   N N   . SER A 4   ? 0.9724 0.6158 1.1226 -0.0511 -0.2023 0.0035  1797 SER A N   
2   C CA  . SER A 4   ? 1.0873 0.7631 1.2862 -0.0495 -0.1898 0.0075  1797 SER A CA  
3   C C   . SER A 4   ? 1.1924 0.8774 1.3769 -0.0401 -0.1722 0.0156  1797 SER A C   
4   O O   . SER A 4   ? 1.0720 0.7760 1.2775 -0.0385 -0.1502 0.0203  1797 SER A O   
5   C CB  . SER A 4   ? 0.9932 0.6864 1.2355 -0.0510 -0.2121 0.0029  1797 SER A CB  
6   O OG  . SER A 4   ? 0.9943 0.6754 1.2123 -0.0455 -0.2345 0.0024  1797 SER A OG  
7   N N   . ASP A 5   ? 1.2901 0.9605 1.4372 -0.0342 -0.1820 0.0169  1798 ASP A N   
8   C CA  . ASP A 5   ? 1.2031 0.8802 1.3340 -0.0258 -0.1669 0.0238  1798 ASP A CA  
9   C C   . ASP A 5   ? 1.1242 0.7987 1.2347 -0.0244 -0.1404 0.0275  1798 ASP A C   
10  O O   . ASP A 5   ? 1.0995 0.7943 1.2294 -0.0212 -0.1209 0.0323  1798 ASP A O   
11  C CB  . ASP A 5   ? 1.2160 0.8726 1.3054 -0.0217 -0.1823 0.0242  1798 ASP A CB  
12  C CG  . ASP A 5   ? 1.2480 0.9174 1.3603 -0.0169 -0.1978 0.0255  1798 ASP A CG  
13  O OD1 . ASP A 5   ? 1.2027 0.8962 1.3657 -0.0177 -0.2007 0.0240  1798 ASP A OD1 
14  O OD2 . ASP A 5   ? 1.2485 0.9031 1.3283 -0.0125 -0.2062 0.0280  1798 ASP A OD2 
15  N N   . LEU A 6   ? 1.0263 0.6753 1.0972 -0.0266 -0.1398 0.0248  1799 LEU A N   
16  C CA  . LEU A 6   ? 0.8240 0.4693 0.8759 -0.0244 -0.1164 0.0274  1799 LEU A CA  
17  C C   . LEU A 6   ? 0.7697 0.4276 0.8545 -0.0281 -0.1025 0.0287  1799 LEU A C   
18  O O   . LEU A 6   ? 0.8536 0.5107 0.9274 -0.0252 -0.0831 0.0320  1799 LEU A O   
19  C CB  . LEU A 6   ? 0.9008 0.5158 0.9061 -0.0260 -0.1194 0.0226  1799 LEU A CB  
20  C CG  . LEU A 6   ? 0.8737 0.4694 0.8339 -0.0233 -0.1282 0.0212  1799 LEU A CG  
21  C CD1 . LEU A 6   ? 0.7716 0.3407 0.6882 -0.0248 -0.1225 0.0161  1799 LEU A CD1 
22  C CD2 . LEU A 6   ? 0.6744 0.2836 0.6298 -0.0160 -0.1178 0.0273  1799 LEU A CD2 
23  N N   . THR A 7   ? 0.7400 0.4092 0.8650 -0.0345 -0.1119 0.0263  1800 THR A N   
24  C CA  . THR A 7   ? 0.7564 0.4378 0.9120 -0.0387 -0.0960 0.0286  1800 THR A CA  
25  C C   . THR A 7   ? 0.7563 0.4637 0.9339 -0.0336 -0.0782 0.0356  1800 THR A C   
26  O O   . THR A 7   ? 0.6348 0.3469 0.8156 -0.0331 -0.0582 0.0403  1800 THR A O   
27  C CB  . THR A 7   ? 0.7966 0.4821 0.9897 -0.0487 -0.1094 0.0229  1800 THR A CB  
28  O OG1 . THR A 7   ? 0.7711 0.4356 0.9520 -0.0551 -0.1081 0.0194  1800 THR A OG1 
29  C CG2 . THR A 7   ? 0.6595 0.3735 0.9013 -0.0513 -0.0972 0.0261  1800 THR A CG2 
30  N N   . PHE A 8   ? 0.9117 0.6351 1.1022 -0.0292 -0.0852 0.0362  1801 PHE A N   
31  C CA  . PHE A 8   ? 0.8517 0.5989 1.0599 -0.0240 -0.0681 0.0419  1801 PHE A CA  
32  C C   . PHE A 8   ? 0.7712 0.5126 0.9423 -0.0162 -0.0524 0.0468  1801 PHE A C   
33  O O   . PHE A 8   ? 0.7595 0.5138 0.9371 -0.0135 -0.0327 0.0519  1801 PHE A O   
34  C CB  . PHE A 8   ? 0.8437 0.6081 1.0762 -0.0210 -0.0802 0.0405  1801 PHE A CB  
35  C CG  . PHE A 8   ? 1.0028 0.7941 1.2621 -0.0173 -0.0630 0.0446  1801 PHE A CG  
36  C CD1 . PHE A 8   ? 1.0125 0.8213 1.3093 -0.0229 -0.0504 0.0450  1801 PHE A CD1 
37  C CD2 . PHE A 8   ? 0.9943 0.7919 1.2396 -0.0090 -0.0580 0.0477  1801 PHE A CD2 
38  C CE1 . PHE A 8   ? 0.8741 0.7068 1.1932 -0.0200 -0.0334 0.0483  1801 PHE A CE1 
39  C CE2 . PHE A 8   ? 0.9583 0.7800 1.2270 -0.0059 -0.0416 0.0507  1801 PHE A CE2 
40  C CZ  . PHE A 8   ? 0.8565 0.6957 1.1613 -0.0113 -0.0294 0.0509  1801 PHE A CZ  
41  N N   . CYS A 9   ? 0.6203 0.3423 0.7522 -0.0129 -0.0607 0.0450  1802 CYS A N   
42  C CA  . CYS A 9   ? 0.5825 0.2982 0.6797 -0.0064 -0.0460 0.0481  1802 CYS A CA  
43  C C   . CYS A 9   ? 0.6249 0.3349 0.7158 -0.0070 -0.0299 0.0501  1802 CYS A C   
44  O O   . CYS A 9   ? 0.4867 0.2041 0.5691 -0.0011 -0.0127 0.0544  1802 CYS A O   
45  C CB  . CYS A 9   ? 0.6339 0.3266 0.6903 -0.0052 -0.0577 0.0444  1802 CYS A CB  
46  S SG  . CYS A 9   ? 0.8663 0.5608 0.9252 -0.0039 -0.0780 0.0433  1802 CYS A SG  
47  N N   . GLU A 10  ? 0.6110 0.3068 0.7057 -0.0136 -0.0358 0.0468  1803 GLU A N   
48  C CA  . GLU A 10  ? 0.6128 0.3026 0.7054 -0.0142 -0.0209 0.0493  1803 GLU A CA  
49  C C   . GLU A 10  ? 0.6035 0.3153 0.7261 -0.0139 -0.0053 0.0559  1803 GLU A C   
50  O O   . GLU A 10  ? 0.6290 0.3443 0.7406 -0.0088 0.0112  0.0607  1803 GLU A O   
51  C CB  . GLU A 10  ? 0.6676 0.3381 0.7624 -0.0225 -0.0306 0.0443  1803 GLU A CB  
52  C CG  . GLU A 10  ? 0.8683 0.5315 0.9593 -0.0229 -0.0154 0.0470  1803 GLU A CG  
53  C CD  . GLU A 10  ? 0.9178 0.5746 0.9768 -0.0134 -0.0022 0.0497  1803 GLU A CD  
54  O OE1 . GLU A 10  ? 0.8313 0.4731 0.8613 -0.0100 -0.0081 0.0452  1803 GLU A OE1 
55  O OE2 . GLU A 10  ? 0.8945 0.5629 0.9560 -0.0094 0.0132  0.0553  1803 GLU A OE2 
56  N N   . ILE A 11  ? 0.4731 0.2018 0.6325 -0.0193 -0.0105 0.0554  1804 ILE A N   
57  C CA  . ILE A 11  ? 0.4728 0.2221 0.6610 -0.0205 0.0054  0.0608  1804 ILE A CA  
58  C C   . ILE A 11  ? 0.5267 0.2905 0.7041 -0.0114 0.0185  0.0657  1804 ILE A C   
59  O O   . ILE A 11  ? 0.5079 0.2779 0.6819 -0.0088 0.0356  0.0712  1804 ILE A O   
60  C CB  . ILE A 11  ? 0.4492 0.2162 0.6808 -0.0275 -0.0028 0.0576  1804 ILE A CB  
61  C CG1 . ILE A 11  ? 0.5005 0.2544 0.7450 -0.0372 -0.0172 0.0517  1804 ILE A CG1 
62  C CG2 . ILE A 11  ? 0.5009 0.2883 0.7603 -0.0297 0.0162  0.0628  1804 ILE A CG2 
63  C CD1 . ILE A 11  ? 0.4256 0.1991 0.7192 -0.0452 -0.0231 0.0479  1804 ILE A CD1 
64  N N   . ILE A 12  ? 0.4533 0.2235 0.6244 -0.0066 0.0098  0.0635  1805 ILE A N   
65  C CA  . ILE A 12  ? 0.4709 0.2576 0.6381 0.0009  0.0211  0.0670  1805 ILE A CA  
66  C C   . ILE A 12  ? 0.5477 0.3244 0.6784 0.0079  0.0316  0.0696  1805 ILE A C   
67  O O   . ILE A 12  ? 0.4453 0.2352 0.5736 0.0133  0.0458  0.0736  1805 ILE A O   
68  C CB  . ILE A 12  ? 0.3719 0.1665 0.5450 0.0032  0.0079  0.0637  1805 ILE A CB  
69  C CG1 . ILE A 12  ? 0.5068 0.3220 0.6867 0.0092  0.0197  0.0666  1805 ILE A CG1 
70  C CG2 . ILE A 12  ? 0.4647 0.2395 0.6025 0.0060  -0.0038 0.0608  1805 ILE A CG2 
71  C CD1 . ILE A 12  ? 0.7781 0.5987 0.9643 0.0118  0.0066  0.0635  1805 ILE A CD1 
72  N N   . LEU A 13  ? 0.5401 0.2944 0.6433 0.0081  0.0249  0.0665  1806 LEU A N   
73  C CA  . LEU A 13  ? 0.6047 0.3523 0.6764 0.0147  0.0350  0.0673  1806 LEU A CA  
74  C C   . LEU A 13  ? 0.6587 0.4094 0.7319 0.0147  0.0470  0.0707  1806 LEU A C   
75  O O   . LEU A 13  ? 0.5049 0.2655 0.5670 0.0211  0.0583  0.0731  1806 LEU A O   
76  C CB  . LEU A 13  ? 0.6050 0.3277 0.6476 0.0147  0.0256  0.0620  1806 LEU A CB  
77  C CG  . LEU A 13  ? 0.5107 0.2283 0.5223 0.0217  0.0348  0.0605  1806 LEU A CG  
78  C CD1 . LEU A 13  ? 0.4049 0.1432 0.4130 0.0284  0.0443  0.0624  1806 LEU A CD1 
79  C CD2 . LEU A 13  ? 0.4326 0.1255 0.4158 0.0209  0.0264  0.0543  1806 LEU A CD2 
80  N N   . MET A 14  ? 0.6936 0.4353 0.7808 0.0075  0.0437  0.0706  1807 MET A N   
81  C CA  . MET A 14  ? 0.4180 0.1623 0.5106 0.0059  0.0549  0.0749  1807 MET A CA  
82  C C   . MET A 14  ? 0.4525 0.2201 0.5621 0.0078  0.0678  0.0805  1807 MET A C   
83  O O   . MET A 14  ? 0.6015 0.3737 0.7006 0.0122  0.0792  0.0847  1807 MET A O   
84  C CB  . MET A 14  ? 0.5060 0.2392 0.6166 -0.0042 0.0490  0.0734  1807 MET A CB  
85  C CG  . MET A 14  ? 0.7264 0.4654 0.8516 -0.0084 0.0612  0.0788  1807 MET A CG  
86  S SD  . MET A 14  ? 0.8416 0.5762 0.9999 -0.0226 0.0563  0.0767  1807 MET A SD  
87  C CE  . MET A 14  ? 0.7354 0.4961 0.9352 -0.0265 0.0551  0.0762  1807 MET A CE  
88  N N   . GLU A 15  ? 0.3737 0.1556 0.5098 0.0047  0.0657  0.0805  1808 GLU A N   
89  C CA  . GLU A 15  ? 0.4890 0.2921 0.6421 0.0061  0.0792  0.0852  1808 GLU A CA  
90  C C   . GLU A 15  ? 0.4628 0.2757 0.5953 0.0159  0.0860  0.0865  1808 GLU A C   
91  O O   . GLU A 15  ? 0.5309 0.3548 0.6620 0.0190  0.0993  0.0910  1808 GLU A O   
92  C CB  . GLU A 15  ? 0.3743 0.1906 0.5652 0.0004  0.0750  0.0837  1808 GLU A CB  
93  C CG  . GLU A 15  ? 0.5619 0.3760 0.7809 -0.0105 0.0739  0.0831  1808 GLU A CG  
94  C CD  . GLU A 15  ? 0.7630 0.5925 1.0210 -0.0161 0.0653  0.0783  1808 GLU A CD  
95  O OE1 . GLU A 15  ? 0.8295 0.6661 1.0873 -0.0113 0.0544  0.0744  1808 GLU A OE1 
96  O OE2 . GLU A 15  ? 0.8010 0.6367 1.0894 -0.0251 0.0689  0.0776  1808 GLU A OE2 
97  N N   . MET A 16  ? 0.3617 0.1701 0.4770 0.0206  0.0774  0.0824  1809 MET A N   
98  C CA  . MET A 16  ? 0.4443 0.2622 0.5409 0.0290  0.0843  0.0826  1809 MET A CA  
99  C C   . MET A 16  ? 0.4442 0.2555 0.5153 0.0341  0.0900  0.0833  1809 MET A C   
100 O O   . MET A 16  ? 0.4290 0.2519 0.4924 0.0402  0.0998  0.0854  1809 MET A O   
101 C CB  . MET A 16  ? 0.4094 0.2242 0.4951 0.0314  0.0746  0.0780  1809 MET A CB  
102 C CG  . MET A 16  ? 0.3154 0.1403 0.4253 0.0294  0.0697  0.0776  1809 MET A CG  
103 S SD  . MET A 16  ? 0.5707 0.3882 0.6606 0.0327  0.0587  0.0730  1809 MET A SD  
104 C CE  . MET A 16  ? 0.7085 0.4979 0.7774 0.0287  0.0451  0.0693  1809 MET A CE  
105 N N   . GLU A 17  ? 0.4975 0.2899 0.5564 0.0321  0.0836  0.0809  1810 GLU A N   
106 C CA  . GLU A 17  ? 0.4131 0.1984 0.4512 0.0374  0.0880  0.0811  1810 GLU A CA  
107 C C   . GLU A 17  ? 0.3629 0.1552 0.4062 0.0387  0.0991  0.0874  1810 GLU A C   
108 O O   . GLU A 17  ? 0.3896 0.1844 0.4182 0.0459  0.1050  0.0886  1810 GLU A O   
109 C CB  . GLU A 17  ? 0.3833 0.1457 0.4116 0.0341  0.0793  0.0773  1810 GLU A CB  
110 C CG  . GLU A 17  ? 0.5303 0.2810 0.5426 0.0349  0.0700  0.0706  1810 GLU A CG  
111 C CD  . GLU A 17  ? 0.6246 0.3515 0.6255 0.0321  0.0628  0.0665  1810 GLU A CD  
112 O OE1 . GLU A 17  ? 0.6717 0.3906 0.6846 0.0261  0.0608  0.0686  1810 GLU A OE1 
113 O OE2 . GLU A 17  ? 0.4199 0.1360 0.4004 0.0353  0.0602  0.0609  1810 GLU A OE2 
114 N N   . SER A 18  ? 0.4177 0.2128 0.4819 0.0317  0.1020  0.0914  1811 SER A N   
115 C CA  . SER A 18  ? 0.3705 0.1688 0.4379 0.0313  0.1129  0.0979  1811 SER A CA  
116 C C   . SER A 18  ? 0.3844 0.2025 0.4645 0.0322  0.1235  0.1018  1811 SER A C   
117 O O   . SER A 18  ? 0.3617 0.1825 0.4449 0.0308  0.1331  0.1072  1811 SER A O   
118 C CB  . SER A 18  ? 0.3872 0.1734 0.4684 0.0216  0.1114  0.0995  1811 SER A CB  
119 O OG  . SER A 18  ? 0.3786 0.1748 0.4875 0.0143  0.1113  0.0992  1811 SER A OG  
120 N N   . HIS A 19  ? 0.3993 0.2303 0.4858 0.0345  0.1219  0.0989  1812 HIS A N   
121 C CA  . HIS A 19  ? 0.3851 0.2345 0.4838 0.0358  0.1319  0.1018  1812 HIS A CA  
122 C C   . HIS A 19  ? 0.3280 0.1839 0.4066 0.0446  0.1404  0.1045  1812 HIS A C   
123 O O   . HIS A 19  ? 0.3881 0.2391 0.4462 0.0513  0.1368  0.1021  1812 HIS A O   
124 C CB  . HIS A 19  ? 0.4100 0.2685 0.5199 0.0362  0.1262  0.0976  1812 HIS A CB  
125 C CG  . HIS A 19  ? 0.2938 0.1702 0.4235 0.0356  0.1355  0.0996  1812 HIS A CG  
126 N ND1 . HIS A 19  ? 0.4118 0.3000 0.5313 0.0417  0.1463  0.1020  1812 HIS A ND1 
127 C CD2 . HIS A 19  ? 0.3136 0.1991 0.4730 0.0298  0.1351  0.0984  1812 HIS A CD2 
128 C CE1 . HIS A 19  ? 0.3813 0.2852 0.5221 0.0390  0.1530  0.1021  1812 HIS A CE1 
129 N NE2 . HIS A 19  ? 0.3484 0.2532 0.5143 0.0321  0.1457  0.0988  1812 HIS A NE2 
130 N N   . ASP A 20  ? 0.3929 0.2597 0.4779 0.0443  0.1518  0.1089  1813 ASP A N   
131 C CA  . ASP A 20  ? 0.3276 0.2010 0.3941 0.0527  0.1588  0.1112  1813 ASP A CA  
132 C C   . ASP A 20  ? 0.3050 0.1860 0.3608 0.0607  0.1558  0.1069  1813 ASP A C   
133 O O   . ASP A 20  ? 0.4192 0.2974 0.4555 0.0685  0.1551  0.1065  1813 ASP A O   
134 C CB  . ASP A 20  ? 0.4180 0.3053 0.4946 0.0506  0.1692  0.1135  1813 ASP A CB  
135 C CG  . ASP A 20  ? 0.4762 0.3558 0.5535 0.0449  0.1750  0.1184  1813 ASP A CG  
136 O OD1 . ASP A 20  ? 0.5287 0.3917 0.5993 0.0427  0.1714  0.1207  1813 ASP A OD1 
137 O OD2 . ASP A 20  ? 0.5820 0.4719 0.6659 0.0421  0.1830  0.1190  1813 ASP A OD2 
138 N N   . ALA A 21  ? 0.3201 0.2107 0.3896 0.0588  0.1543  0.1037  1814 ALA A N   
139 C CA  . ALA A 21  ? 0.3568 0.2549 0.4181 0.0648  0.1526  0.0996  1814 ALA A CA  
140 C C   . ALA A 21  ? 0.3534 0.2403 0.4020 0.0663  0.1421  0.0943  1814 ALA A C   
141 O O   . ALA A 21  ? 0.2701 0.1612 0.3133 0.0691  0.1396  0.0899  1814 ALA A O   
142 C CB  . ALA A 21  ? 0.2622 0.1725 0.3437 0.0611  0.1543  0.0981  1814 ALA A CB  
143 N N   . ALA A 22  ? 0.3253 0.1974 0.3682 0.0637  0.1361  0.0940  1815 ALA A N   
144 C CA  . ALA A 22  ? 0.2962 0.1572 0.3277 0.0637  0.1264  0.0881  1815 ALA A CA  
145 C C   . ALA A 22  ? 0.2987 0.1584 0.3094 0.0717  0.1281  0.0855  1815 ALA A C   
146 O O   . ALA A 22  ? 0.5461 0.3983 0.5461 0.0725  0.1224  0.0799  1815 ALA A O   
147 C CB  . ALA A 22  ? 0.3115 0.1558 0.3461 0.0574  0.1187  0.0879  1815 ALA A CB  
148 N N   . TRP A 23  ? 0.4868 0.3530 0.4918 0.0780  0.1358  0.0894  1816 TRP A N   
149 C CA  . TRP A 23  ? 0.4009 0.2643 0.3886 0.0860  0.1365  0.0873  1816 TRP A CA  
150 C C   . TRP A 23  ? 0.4153 0.2838 0.3943 0.0896  0.1354  0.0806  1816 TRP A C   
151 O O   . TRP A 23  ? 0.5181 0.3794 0.4851 0.0934  0.1332  0.0765  1816 TRP A O   
152 C CB  . TRP A 23  ? 0.3088 0.1792 0.2918 0.0927  0.1439  0.0932  1816 TRP A CB  
153 C CG  . TRP A 23  ? 0.3114 0.1981 0.3000 0.0949  0.1509  0.0952  1816 TRP A CG  
154 C CD1 . TRP A 23  ? 0.3092 0.2022 0.3106 0.0907  0.1554  0.0993  1816 TRP A CD1 
155 C CD2 . TRP A 23  ? 0.3520 0.2503 0.3331 0.0997  0.1526  0.0933  1816 TRP A CD2 
156 N NE1 . TRP A 23  ? 0.3003 0.2072 0.3037 0.0937  0.1568  0.0976  1816 TRP A NE1 
157 C CE2 . TRP A 23  ? 0.3364 0.2458 0.3271 0.0970  0.1506  0.0934  1816 TRP A CE2 
158 C CE3 . TRP A 23  ? 0.3967 0.2977 0.3669 0.1017  0.1452  0.0864  1816 TRP A CE3 
159 C CZ2 . TRP A 23  ? 0.3399 0.2650 0.3276 0.0946  0.1423  0.0865  1816 TRP A CZ2 
160 C CZ3 . TRP A 23  ? 0.4774 0.3943 0.4474 0.0999  0.1378  0.0805  1816 TRP A CZ3 
161 C CH2 . TRP A 23  ? 0.4217 0.3502 0.3999 0.0961  0.1364  0.0805  1816 TRP A CH2 
162 N N   . PRO A 24  ? 0.3354 0.2149 0.3198 0.0881  0.1370  0.0785  1817 PRO A N   
163 C CA  . PRO A 24  ? 0.2777 0.1603 0.2518 0.0897  0.1355  0.0715  1817 PRO A CA  
164 C C   . PRO A 24  ? 0.4076 0.2742 0.3758 0.0858  0.1291  0.0663  1817 PRO A C   
165 O O   . PRO A 24  ? 0.4193 0.2848 0.3762 0.0873  0.1293  0.0600  1817 PRO A O   
166 C CB  . PRO A 24  ? 0.2622 0.1604 0.2441 0.0866  0.1364  0.0708  1817 PRO A CB  
167 C CG  . PRO A 24  ? 0.2593 0.1633 0.2541 0.0860  0.1409  0.0777  1817 PRO A CG  
168 C CD  . PRO A 24  ? 0.3724 0.2624 0.3721 0.0846  0.1402  0.0818  1817 PRO A CD  
169 N N   . PHE A 25  ? 0.3770 0.2316 0.3519 0.0795  0.1227  0.0683  1818 PHE A N   
170 C CA  . PHE A 25  ? 0.3288 0.1684 0.2981 0.0740  0.1144  0.0639  1818 PHE A CA  
171 C C   . PHE A 25  ? 0.3915 0.2129 0.3544 0.0718  0.1087  0.0629  1818 PHE A C   
172 O O   . PHE A 25  ? 0.3637 0.1701 0.3211 0.0665  0.1008  0.0598  1818 PHE A O   
173 C CB  . PHE A 25  ? 0.3444 0.1867 0.3287 0.0674  0.1088  0.0660  1818 PHE A CB  
174 C CG  . PHE A 25  ? 0.2787 0.1388 0.2722 0.0696  0.1149  0.0674  1818 PHE A CG  
175 C CD1 . PHE A 25  ? 0.2745 0.1384 0.2575 0.0725  0.1183  0.0632  1818 PHE A CD1 
176 C CD2 . PHE A 25  ? 0.2700 0.1421 0.2819 0.0688  0.1189  0.0725  1818 PHE A CD2 
177 C CE1 . PHE A 25  ? 0.3692 0.2499 0.3608 0.0745  0.1238  0.0635  1818 PHE A CE1 
178 C CE2 . PHE A 25  ? 0.3371 0.2251 0.3572 0.0713  0.1254  0.0732  1818 PHE A CE2 
179 C CZ  . PHE A 25  ? 0.2899 0.1829 0.2999 0.0742  0.1272  0.0682  1818 PHE A CZ  
180 N N   . LEU A 26  ? 0.3858 0.3783 0.5009 0.1255  0.0902  0.1047  1819 LEU A N   
181 C CA  . LEU A 26  ? 0.3251 0.3172 0.4683 0.1265  0.0922  0.0951  1819 LEU A CA  
182 C C   . LEU A 26  ? 0.2852 0.2867 0.4396 0.1308  0.0896  0.0845  1819 LEU A C   
183 O O   . LEU A 26  ? 0.4224 0.4324 0.5947 0.1324  0.0900  0.0686  1819 LEU A O   
184 C CB  . LEU A 26  ? 0.2844 0.2629 0.4446 0.1255  0.0947  0.1069  1819 LEU A CB  
185 C CG  . LEU A 26  ? 0.3123 0.2829 0.4679 0.1221  0.0991  0.1169  1819 LEU A CG  
186 C CD1 . LEU A 26  ? 0.2961 0.2578 0.4544 0.1204  0.0998  0.1334  1819 LEU A CD1 
187 C CD2 . LEU A 26  ? 0.2827 0.2536 0.4603 0.1196  0.1038  0.1043  1819 LEU A CD2 
188 N N   . GLU A 27  ? 0.4070 0.4098 0.5511 0.1321  0.0862  0.0912  1820 GLU A N   
189 C CA  . GLU A 27  ? 0.5854 0.5979 0.7369 0.1349  0.0832  0.0827  1820 GLU A CA  
190 C C   . GLU A 27  ? 0.4758 0.4976 0.6073 0.1362  0.0824  0.0847  1820 GLU A C   
191 O O   . GLU A 27  ? 0.4396 0.4571 0.5537 0.1343  0.0825  0.0949  1820 GLU A O   
192 C CB  . GLU A 27  ? 0.7266 0.7304 0.8910 0.1344  0.0802  0.0890  1820 GLU A CB  
193 C CG  . GLU A 27  ? 0.7599 0.7535 0.9484 0.1326  0.0819  0.0885  1820 GLU A CG  
194 C CD  . GLU A 27  ? 0.8261 0.8284 1.0386 0.1341  0.0820  0.0687  1820 GLU A CD  
195 O OE1 . GLU A 27  ? 0.8935 0.9105 1.1042 0.1377  0.0793  0.0567  1820 GLU A OE1 
196 O OE2 . GLU A 27  ? 0.8120 0.8082 1.0456 0.1317  0.0846  0.0641  1820 GLU A OE2 
197 N N   . PRO A 28  ? 0.4038 0.4394 0.5385 0.1393  0.0817  0.0749  1821 PRO A N   
198 C CA  . PRO A 28  ? 0.3251 0.3693 0.4440 0.1401  0.0825  0.0785  1821 PRO A CA  
199 C C   . PRO A 28  ? 0.2477 0.2838 0.3621 0.1379  0.0802  0.0906  1821 PRO A C   
200 O O   . PRO A 28  ? 0.4799 0.5083 0.6037 0.1374  0.0768  0.0939  1821 PRO A O   
201 C CB  . PRO A 28  ? 0.2453 0.3054 0.3731 0.1440  0.0817  0.0669  1821 PRO A CB  
202 C CG  . PRO A 28  ? 0.2550 0.3200 0.3962 0.1458  0.0810  0.0527  1821 PRO A CG  
203 C CD  . PRO A 28  ? 0.4369 0.4837 0.5894 0.1424  0.0806  0.0584  1821 PRO A CD  
204 N N   . VAL A 29  ? 0.2661 0.3046 0.3671 0.1369  0.0819  0.0963  1822 VAL A N   
205 C CA  . VAL A 29  ? 0.3326 0.3668 0.4319 0.1352  0.0791  0.1042  1822 VAL A CA  
206 C C   . VAL A 29  ? 0.3450 0.3859 0.4562 0.1372  0.0776  0.1009  1822 VAL A C   
207 O O   . VAL A 29  ? 0.3611 0.4135 0.4753 0.1394  0.0806  0.0953  1822 VAL A O   
208 C CB  . VAL A 29  ? 0.3350 0.3706 0.4231 0.1334  0.0816  0.1090  1822 VAL A CB  
209 C CG1 . VAL A 29  ? 0.2812 0.3162 0.3736 0.1323  0.0783  0.1131  1822 VAL A CG1 
210 C CG2 . VAL A 29  ? 0.4033 0.4313 0.4796 0.1313  0.0815  0.1126  1822 VAL A CG2 
211 N N   . ASN A 30  ? 0.4548 0.4900 0.5722 0.1369  0.0726  0.1041  1823 ASN A N   
212 C CA  . ASN A 30  ? 0.4389 0.4811 0.5681 0.1390  0.0708  0.1007  1823 ASN A CA  
213 C C   . ASN A 30  ? 0.3769 0.4246 0.5053 0.1382  0.0717  0.1038  1823 ASN A C   
214 O O   . ASN A 30  ? 0.3719 0.4156 0.4995 0.1375  0.0676  0.1080  1823 ASN A O   
215 C CB  . ASN A 30  ? 0.5588 0.5940 0.6968 0.1400  0.0650  0.1021  1823 ASN A CB  
216 C CG  . ASN A 30  ? 0.5530 0.5956 0.7042 0.1427  0.0628  0.0972  1823 ASN A CG  
217 O OD1 . ASN A 30  ? 0.3952 0.4484 0.5484 0.1431  0.0656  0.0945  1823 ASN A OD1 
218 N ND2 . ASN A 30  ? 0.5406 0.5781 0.7018 0.1445  0.0584  0.0967  1823 ASN A ND2 
219 N N   . PRO A 31  ? 0.3933 0.4517 0.5242 0.1388  0.0772  0.1015  1824 PRO A N   
220 C CA  . PRO A 31  ? 0.3809 0.4436 0.5160 0.1374  0.0797  0.1053  1824 PRO A CA  
221 C C   . PRO A 31  ? 0.3979 0.4634 0.5470 0.1384  0.0751  0.1036  1824 PRO A C   
222 O O   . PRO A 31  ? 0.5235 0.5913 0.6804 0.1372  0.0755  0.1053  1824 PRO A O   
223 C CB  . PRO A 31  ? 0.3233 0.3974 0.4576 0.1384  0.0878  0.1048  1824 PRO A CB  
224 C CG  . PRO A 31  ? 0.2702 0.3502 0.4057 0.1417  0.0863  0.0971  1824 PRO A CG  
225 C CD  . PRO A 31  ? 0.2428 0.3116 0.3753 0.1415  0.0809  0.0949  1824 PRO A CD  
226 N N   . ARG A 32  ? 0.4470 0.5122 0.6017 0.1409  0.0706  0.0995  1825 ARG A N   
227 C CA  . ARG A 32  ? 0.4516 0.5187 0.6180 0.1425  0.0650  0.0982  1825 ARG A CA  
228 C C   . ARG A 32  ? 0.3342 0.3944 0.4957 0.1428  0.0585  0.1021  1825 ARG A C   
229 O O   . ARG A 32  ? 0.4273 0.4924 0.5979 0.1449  0.0540  0.1005  1825 ARG A O   
230 C CB  . ARG A 32  ? 0.2899 0.3575 0.4636 0.1454  0.0613  0.0931  1825 ARG A CB  
231 C CG  . ARG A 32  ? 0.2485 0.3278 0.4295 0.1469  0.0659  0.0868  1825 ARG A CG  
232 C CD  . ARG A 32  ? 0.2519 0.3309 0.4418 0.1500  0.0614  0.0802  1825 ARG A CD  
233 N NE  . ARG A 32  ? 0.3491 0.4424 0.5456 0.1523  0.0649  0.0722  1825 ARG A NE  
234 C CZ  . ARG A 32  ? 0.4727 0.5695 0.6792 0.1557  0.0618  0.0630  1825 ARG A CZ  
235 N NH1 . ARG A 32  ? 0.3765 0.4613 0.5891 0.1564  0.0560  0.0626  1825 ARG A NH1 
236 N NH2 . ARG A 32  ? 0.4837 0.5970 0.6953 0.1584  0.0646  0.0545  1825 ARG A NH2 
237 N N   . LEU A 33  ? 0.2791 0.3305 0.4269 0.1416  0.0579  0.1062  1826 LEU A N   
238 C CA  . LEU A 33  ? 0.3273 0.3745 0.4674 0.1431  0.0518  0.1104  1826 LEU A CA  
239 C C   . LEU A 33  ? 0.3442 0.3919 0.4771 0.1411  0.0533  0.1121  1826 LEU A C   
240 O O   . LEU A 33  ? 0.4794 0.5292 0.6079 0.1428  0.0473  0.1126  1826 LEU A O   
241 C CB  . LEU A 33  ? 0.4358 0.4730 0.5669 0.1433  0.0502  0.1146  1826 LEU A CB  
242 C CG  . LEU A 33  ? 0.4496 0.4846 0.5910 0.1453  0.0484  0.1127  1826 LEU A CG  
243 C CD1 . LEU A 33  ? 0.3346 0.3593 0.4737 0.1440  0.0504  0.1157  1826 LEU A CD1 
244 C CD2 . LEU A 33  ? 0.3269 0.3652 0.4725 0.1501  0.0413  0.1142  1826 LEU A CD2 
245 N N   . VAL A 34  ? 0.3302 0.3771 0.4601 0.1372  0.0602  0.1118  1827 VAL A N   
246 C CA  . VAL A 34  ? 0.3262 0.3723 0.4495 0.1336  0.0616  0.1122  1827 VAL A CA  
247 C C   . VAL A 34  ? 0.4242 0.4772 0.5620 0.1310  0.0663  0.1093  1827 VAL A C   
248 O O   . VAL A 34  ? 0.4068 0.4617 0.5471 0.1301  0.0744  0.1113  1827 VAL A O   
249 C CB  . VAL A 34  ? 0.2572 0.2968 0.3666 0.1317  0.0665  0.1154  1827 VAL A CB  
250 C CG1 . VAL A 34  ? 0.3280 0.3664 0.4311 0.1283  0.0671  0.1157  1827 VAL A CG1 
251 C CG2 . VAL A 34  ? 0.2527 0.2855 0.3535 0.1339  0.0634  0.1186  1827 VAL A CG2 
252 N N   . SER A 35  ? 0.4784 0.5366 0.6277 0.1305  0.0616  0.1046  1828 SER A N   
253 C CA  . SER A 35  ? 0.5400 0.6044 0.7096 0.1276  0.0668  0.1017  1828 SER A CA  
254 C C   . SER A 35  ? 0.4892 0.5500 0.6577 0.1239  0.0748  0.1055  1828 SER A C   
255 O O   . SER A 35  ? 0.4499 0.5059 0.6075 0.1224  0.0723  0.1053  1828 SER A O   
256 C CB  . SER A 35  ? 0.5825 0.6545 0.7680 0.1279  0.0593  0.0929  1828 SER A CB  
257 O OG  . SER A 35  ? 0.7166 0.7944 0.9274 0.1248  0.0654  0.0900  1828 SER A OG  
258 N N   . GLY A 36  ? 0.4437 0.5080 0.6234 0.1231  0.0850  0.1098  1829 GLY A N   
259 C CA  . GLY A 36  ? 0.2980 0.3599 0.4785 0.1210  0.0941  0.1158  1829 GLY A CA  
260 C C   . GLY A 36  ? 0.2563 0.3149 0.4145 0.1234  0.0984  0.1219  1829 GLY A C   
261 O O   . GLY A 36  ? 0.3749 0.4328 0.5322 0.1232  0.1064  0.1279  1829 GLY A O   
262 N N   . TYR A 37  ? 0.4319 0.3670 0.4936 0.0694  0.1545  0.0515  1830 TYR A N   
263 C CA  . TYR A 37  ? 0.4481 0.3599 0.4834 0.0668  0.1562  0.0520  1830 TYR A CA  
264 C C   . TYR A 37  ? 0.4342 0.3268 0.4500 0.0601  0.1694  0.0495  1830 TYR A C   
265 O O   . TYR A 37  ? 0.3693 0.2463 0.3645 0.0542  0.1701  0.0503  1830 TYR A O   
266 C CB  . TYR A 37  ? 0.3877 0.2932 0.4154 0.0710  0.1532  0.0519  1830 TYR A CB  
267 C CG  . TYR A 37  ? 0.3795 0.2672 0.3861 0.0684  0.1506  0.0521  1830 TYR A CG  
268 C CD1 . TYR A 37  ? 0.4669 0.3613 0.4762 0.0678  0.1394  0.0531  1830 TYR A CD1 
269 C CD2 . TYR A 37  ? 0.3662 0.2307 0.3506 0.0654  0.1590  0.0497  1830 TYR A CD2 
270 C CE1 . TYR A 37  ? 0.5412 0.4224 0.5354 0.0646  0.1363  0.0513  1830 TYR A CE1 
271 C CE2 . TYR A 37  ? 0.3916 0.2403 0.3575 0.0626  0.1559  0.0488  1830 TYR A CE2 
272 C CZ  . TYR A 37  ? 0.4251 0.2844 0.3981 0.0622  0.1441  0.0491  1830 TYR A CZ  
273 O OH  . TYR A 37  ? 0.4512 0.2999 0.4116 0.0584  0.1376  0.0453  1830 TYR A OH  
274 N N   . ARG A 38  ? 0.4960 0.3898 0.5163 0.0596  0.1793  0.0461  1831 ARG A N   
275 C CA  . ARG A 38  ? 0.4530 0.3276 0.4508 0.0516  0.1917  0.0422  1831 ARG A CA  
276 C C   . ARG A 38  ? 0.5155 0.3864 0.5027 0.0418  0.1930  0.0438  1831 ARG A C   
277 O O   . ARG A 38  ? 0.5412 0.3897 0.4967 0.0328  0.1952  0.0432  1831 ARG A O   
278 C CB  . ARG A 38  ? 0.5855 0.4672 0.5973 0.0527  0.2027  0.0375  1831 ARG A CB  
279 C CG  . ARG A 38  ? 0.7226 0.5832 0.7095 0.0444  0.2165  0.0319  1831 ARG A CG  
280 C CD  . ARG A 38  ? 0.7245 0.5965 0.7312 0.0441  0.2293  0.0265  1831 ARG A CD  
281 N NE  . ARG A 38  ? 0.6764 0.5612 0.7072 0.0544  0.2278  0.0253  1831 ARG A NE  
282 C CZ  . ARG A 38  ? 0.6464 0.5178 0.6668 0.0575  0.2306  0.0231  1831 ARG A CZ  
283 N NH1 . ARG A 38  ? 0.5860 0.4313 0.5726 0.0511  0.2346  0.0212  1831 ARG A NH1 
284 N NH2 . ARG A 38  ? 0.8020 0.6857 0.8451 0.0667  0.2286  0.0226  1831 ARG A NH2 
285 N N   . ARG A 39  ? 0.5825 0.4744 0.5945 0.0422  0.1894  0.0465  1832 ARG A N   
286 C CA  . ARG A 39  ? 0.4351 0.3261 0.4422 0.0317  0.1901  0.0492  1832 ARG A CA  
287 C C   . ARG A 39  ? 0.4404 0.3201 0.4317 0.0272  0.1780  0.0553  1832 ARG A C   
288 O O   . ARG A 39  ? 0.4303 0.2933 0.3988 0.0157  0.1749  0.0580  1832 ARG A O   
289 C CB  . ARG A 39  ? 0.3450 0.2633 0.3882 0.0337  0.1902  0.0492  1832 ARG A CB  
290 C CG  . ARG A 39  ? 0.4809 0.4024 0.5272 0.0244  0.1873  0.0534  1832 ARG A CG  
291 C CD  . ARG A 39  ? 0.4279 0.3775 0.5121 0.0260  0.1875  0.0517  1832 ARG A CD  
292 N NE  . ARG A 39  ? 0.5514 0.5231 0.6629 0.0380  0.1758  0.0511  1832 ARG A NE  
293 C CZ  . ARG A 39  ? 0.5427 0.5225 0.6629 0.0408  0.1632  0.0541  1832 ARG A CZ  
294 N NH1 . ARG A 39  ? 0.6309 0.5987 0.7383 0.0328  0.1591  0.0584  1832 ARG A NH1 
295 N NH2 . ARG A 39  ? 0.5301 0.5271 0.6683 0.0501  0.1512  0.0523  1832 ARG A NH2 
296 N N   . ILE A 40  ? 0.4155 0.3022 0.4174 0.0356  0.1689  0.0573  1833 ILE A N   
297 C CA  . ILE A 40  ? 0.3870 0.2670 0.3829 0.0316  0.1505  0.0606  1833 ILE A CA  
298 C C   . ILE A 40  ? 0.4961 0.3504 0.4622 0.0285  0.1437  0.0605  1833 ILE A C   
299 O O   . ILE A 40  ? 0.5355 0.3767 0.4901 0.0215  0.1295  0.0631  1833 ILE A O   
300 C CB  . ILE A 40  ? 0.4848 0.3874 0.5096 0.0408  0.1394  0.0593  1833 ILE A CB  
301 C CG1 . ILE A 40  ? 0.4493 0.3753 0.5021 0.0410  0.1407  0.0595  1833 ILE A CG1 
302 C CG2 . ILE A 40  ? 0.4195 0.3150 0.4406 0.0386  0.1215  0.0596  1833 ILE A CG2 
303 C CD1 . ILE A 40  ? 0.4208 0.3688 0.4987 0.0501  0.1314  0.0576  1833 ILE A CD1 
304 N N   . ILE A 41  ? 0.5006 0.3467 0.4554 0.0334  0.1525  0.0573  1834 ILE A N   
305 C CA  . ILE A 41  ? 0.4936 0.3186 0.4248 0.0315  0.1447  0.0555  1834 ILE A CA  
306 C C   . ILE A 41  ? 0.5523 0.3565 0.4515 0.0235  0.1526  0.0522  1834 ILE A C   
307 O O   . ILE A 41  ? 0.5064 0.3088 0.4027 0.0274  0.1670  0.0474  1834 ILE A O   
308 C CB  . ILE A 41  ? 0.3450 0.1757 0.2870 0.0421  0.1460  0.0524  1834 ILE A CB  
309 C CG1 . ILE A 41  ? 0.2792 0.1287 0.2469 0.0477  0.1333  0.0530  1834 ILE A CG1 
310 C CG2 . ILE A 41  ? 0.3758 0.1849 0.2934 0.0391  0.1419  0.0486  1834 ILE A CG2 
311 C CD1 . ILE A 41  ? 0.2892 0.1357 0.2577 0.0403  0.1166  0.0546  1834 ILE A CD1 
312 N N   . LYS A 42  ? 0.4790 0.2659 0.3542 0.0123  0.1415  0.0545  1835 LYS A N   
313 C CA  . LYS A 42  ? 0.4556 0.2209 0.2964 0.0028  0.1483  0.0520  1835 LYS A CA  
314 C C   . LYS A 42  ? 0.5034 0.2503 0.3217 0.0036  0.1503  0.0467  1835 LYS A C   
315 O O   . LYS A 42  ? 0.5997 0.3336 0.3974 -0.0002 0.1634  0.0417  1835 LYS A O   
316 C CB  . LYS A 42  ? 0.6228 0.3731 0.4424 -0.0093 0.1333  0.0574  1835 LYS A CB  
317 C CG  . LYS A 42  ? 0.8608 0.6241 0.6970 -0.0125 0.1330  0.0626  1835 LYS A CG  
318 C CD  . LYS A 42  ? 1.0602 0.8296 0.8969 -0.0150 0.1544  0.0593  1835 LYS A CD  
319 C CE  . LYS A 42  ? 1.0474 0.8364 0.9117 -0.0157 0.1568  0.0631  1835 LYS A CE  
320 N NZ  . LYS A 42  ? 0.8900 0.7046 0.7935 -0.0035 0.1564  0.0630  1835 LYS A NZ  
321 N N   . ASN A 43  ? 0.5641 0.3081 0.3863 0.0072  0.1375  0.0468  1836 ASN A N   
322 C CA  . ASN A 43  ? 0.5596 0.2833 0.3591 0.0062  0.1376  0.0420  1836 ASN A CA  
323 C C   . ASN A 43  ? 0.4945 0.2304 0.3186 0.0168  0.1366  0.0397  1836 ASN A C   
324 O O   . ASN A 43  ? 0.4834 0.2203 0.3157 0.0168  0.1199  0.0396  1836 ASN A O   
325 C CB  . ASN A 43  ? 0.4880 0.1890 0.2601 -0.0043 0.1180  0.0439  1836 ASN A CB  
326 C CG  . ASN A 43  ? 0.6106 0.2993 0.3573 -0.0153 0.1169  0.0474  1836 ASN A CG  
327 O OD1 . ASN A 43  ? 0.6184 0.3105 0.3710 -0.0193 0.1023  0.0536  1836 ASN A OD1 
328 N ND2 . ASN A 43  ? 0.5594 0.2348 0.2804 -0.0199 0.1333  0.0427  1836 ASN A ND2 
329 N N   . PRO A 44  ? 0.5088 0.2552 0.3478 0.0262  0.1537  0.0372  1837 PRO A N   
330 C CA  . PRO A 44  ? 0.3762 0.1337 0.2367 0.0362  0.1533  0.0357  1837 PRO A CA  
331 C C   . PRO A 44  ? 0.3893 0.1298 0.2336 0.0331  0.1472  0.0307  1837 PRO A C   
332 O O   . PRO A 44  ? 0.4767 0.1922 0.2904 0.0257  0.1499  0.0279  1837 PRO A O   
333 C CB  . PRO A 44  ? 0.3753 0.1393 0.2484 0.0456  0.1730  0.0347  1837 PRO A CB  
334 C CG  . PRO A 44  ? 0.3990 0.1556 0.2578 0.0389  0.1814  0.0321  1837 PRO A CG  
335 C CD  . PRO A 44  ? 0.4062 0.1589 0.2494 0.0282  0.1713  0.0355  1837 PRO A CD  
336 N N   . MET A 45  ? 0.3723 0.1286 0.2374 0.0374  0.1385  0.0292  1838 MET A N   
337 C CA  . MET A 45  ? 0.4332 0.1785 0.2896 0.0341  0.1323  0.0242  1838 MET A CA  
338 C C   . MET A 45  ? 0.4249 0.1929 0.3070 0.0397  0.1309  0.0239  1838 MET A C   
339 O O   . MET A 45  ? 0.4784 0.2683 0.3823 0.0433  0.1269  0.0272  1838 MET A O   
340 C CB  . MET A 45  ? 0.4569 0.1910 0.3055 0.0254  0.1127  0.0234  1838 MET A CB  
341 C CG  . MET A 45  ? 0.4848 0.2066 0.3274 0.0212  0.1051  0.0176  1838 MET A CG  
342 S SD  . MET A 45  ? 0.6008 0.2918 0.4061 0.0176  0.1191  0.0124  1838 MET A SD  
343 C CE  . MET A 45  ? 0.4651 0.1329 0.2353 0.0104  0.1237  0.0164  1838 MET A CE  
344 N N   . ASP A 46  ? 0.3845 0.1452 0.2611 0.0390  0.1341  0.0202  1839 ASP A N   
345 C CA  . ASP A 46  ? 0.3405 0.1175 0.2355 0.0421  0.1337  0.0209  1839 ASP A CA  
346 C C   . ASP A 46  ? 0.4651 0.2289 0.3529 0.0375  0.1309  0.0152  1839 ASP A C   
347 O O   . ASP A 46  ? 0.4620 0.2041 0.3295 0.0325  0.1301  0.0109  1839 ASP A O   
348 C CB  . ASP A 46  ? 0.4167 0.2020 0.3174 0.0484  0.1457  0.0261  1839 ASP A CB  
349 C CG  . ASP A 46  ? 0.6844 0.4506 0.5679 0.0478  0.1574  0.0244  1839 ASP A CG  
350 O OD1 . ASP A 46  ? 0.7638 0.5146 0.6300 0.0455  0.1637  0.0227  1839 ASP A OD1 
351 O OD2 . ASP A 46  ? 0.9057 0.6701 0.7914 0.0490  0.1608  0.0242  1839 ASP A OD2 
352 N N   . PHE A 47  ? 0.4415 0.2161 0.3439 0.0383  0.1296  0.0153  1840 PHE A N   
353 C CA  . PHE A 47  ? 0.5425 0.3060 0.4423 0.0334  0.1262  0.0095  1840 PHE A CA  
354 C C   . PHE A 47  ? 0.6170 0.3628 0.4990 0.0330  0.1365  0.0074  1840 PHE A C   
355 O O   . PHE A 47  ? 0.6138 0.3429 0.4846 0.0274  0.1332  0.0011  1840 PHE A O   
356 C CB  . PHE A 47  ? 0.5597 0.3360 0.4773 0.0335  0.1249  0.0100  1840 PHE A CB  
357 C CG  . PHE A 47  ? 0.3515 0.1422 0.2865 0.0322  0.1154  0.0098  1840 PHE A CG  
358 C CD1 . PHE A 47  ? 0.4010 0.1892 0.3385 0.0289  0.1039  0.0071  1840 PHE A CD1 
359 C CD2 . PHE A 47  ? 0.3633 0.1671 0.3110 0.0338  0.1180  0.0124  1840 PHE A CD2 
360 C CE1 . PHE A 47  ? 0.2967 0.0979 0.2530 0.0279  0.0951  0.0065  1840 PHE A CE1 
361 C CE2 . PHE A 47  ? 0.5183 0.3339 0.4817 0.0322  0.1111  0.0113  1840 PHE A CE2 
362 C CZ  . PHE A 47  ? 0.3615 0.1772 0.3313 0.0295  0.0995  0.0079  1840 PHE A CZ  
363 N N   . SER A 48  ? 0.6906 0.4392 0.5710 0.0387  0.1482  0.0122  1841 SER A N   
364 C CA  . SER A 48  ? 0.7210 0.4526 0.5868 0.0385  0.1588  0.0101  1841 SER A CA  
365 C C   . SER A 48  ? 0.7071 0.4173 0.5484 0.0331  0.1600  0.0046  1841 SER A C   
366 O O   . SER A 48  ? 0.6792 0.3708 0.5052 0.0279  0.1609  -0.0018 1841 SER A O   
367 C CB  . SER A 48  ? 0.6544 0.3929 0.5272 0.0455  0.1688  0.0164  1841 SER A CB  
368 O OG  . SER A 48  ? 0.8055 0.5595 0.6953 0.0499  0.1663  0.0215  1841 SER A OG  
369 N N   . THR A 49  ? 0.5450 0.2552 0.3797 0.0335  0.1603  0.0069  1842 THR A N   
370 C CA  . THR A 49  ? 0.4584 0.1432 0.2628 0.0271  0.1623  0.0022  1842 THR A CA  
371 C C   . THR A 49  ? 0.6403 0.3097 0.4317 0.0188  0.1472  -0.0041 1842 THR A C   
372 O O   . THR A 49  ? 0.7475 0.3904 0.5092 0.0116  0.1479  -0.0099 1842 THR A O   
373 C CB  . THR A 49  ? 0.4617 0.1489 0.2623 0.0284  0.1640  0.0064  1842 THR A CB  
374 O OG1 . THR A 49  ? 0.5024 0.2073 0.3224 0.0359  0.1748  0.0128  1842 THR A OG1 
375 C CG2 . THR A 49  ? 0.4927 0.1488 0.2553 0.0205  0.1692  0.0022  1842 THR A CG2 
376 N N   . MET A 50  ? 0.4554 0.1404 0.2695 0.0188  0.1323  -0.0032 1843 MET A N   
377 C CA  . MET A 50  ? 0.5115 0.1837 0.3209 0.0106  0.1162  -0.0090 1843 MET A CA  
378 C C   . MET A 50  ? 0.6703 0.3346 0.4785 0.0083  0.1197  -0.0153 1843 MET A C   
379 O O   . MET A 50  ? 0.7444 0.3870 0.5335 0.0003  0.1124  -0.0219 1843 MET A O   
380 C CB  . MET A 50  ? 0.5690 0.2610 0.4083 0.0111  0.1009  -0.0072 1843 MET A CB  
381 C CG  . MET A 50  ? 0.4186 0.1164 0.2597 0.0120  0.0943  -0.0014 1843 MET A CG  
382 S SD  . MET A 50  ? 0.4971 0.2266 0.3790 0.0163  0.0857  0.0017  1843 MET A SD  
383 C CE  . MET A 50  ? 0.4948 0.2178 0.3916 0.0090  0.0670  -0.0057 1843 MET A CE  
384 N N   . ARG A 51  ? 0.6122 0.2923 0.4387 0.0143  0.1299  -0.0128 1844 ARG A N   
385 C CA  . ARG A 51  ? 0.6962 0.3677 0.5214 0.0120  0.1346  -0.0178 1844 ARG A CA  
386 C C   . ARG A 51  ? 0.7856 0.4329 0.5807 0.0089  0.1443  -0.0222 1844 ARG A C   
387 O O   . ARG A 51  ? 0.8200 0.4485 0.6002 0.0016  0.1395  -0.0301 1844 ARG A O   
388 C CB  . ARG A 51  ? 0.5617 0.2510 0.4076 0.0188  0.1436  -0.0125 1844 ARG A CB  
389 C CG  . ARG A 51  ? 0.6038 0.2823 0.4464 0.0176  0.1514  -0.0160 1844 ARG A CG  
390 C CD  . ARG A 51  ? 0.6950 0.3666 0.5426 0.0103  0.1413  -0.0236 1844 ARG A CD  
391 N NE  . ARG A 51  ? 0.6493 0.3387 0.5214 0.0104  0.1344  -0.0214 1844 ARG A NE  
392 C CZ  . ARG A 51  ? 0.6076 0.2955 0.4916 0.0041  0.1244  -0.0278 1844 ARG A CZ  
393 N NH1 . ARG A 51  ? 0.7820 0.4518 0.6553 -0.0027 0.1182  -0.0363 1844 ARG A NH1 
394 N NH2 . ARG A 51  ? 0.5274 0.2310 0.4340 0.0039  0.1205  -0.0263 1844 ARG A NH2 
395 N N   . GLU A 52  ? 0.8477 0.4951 0.6345 0.0137  0.1581  -0.0179 1845 GLU A N   
396 C CA  . GLU A 52  ? 0.7854 0.4092 0.5430 0.0096  0.1689  -0.0224 1845 GLU A CA  
397 C C   . GLU A 52  ? 0.8126 0.4112 0.5377 -0.0009 0.1583  -0.0293 1845 GLU A C   
398 O O   . GLU A 52  ? 0.9271 0.5041 0.6293 -0.0080 0.1595  -0.0370 1845 GLU A O   
399 C CB  . GLU A 52  ? 0.7583 0.3865 0.5146 0.0148  0.1827  -0.0167 1845 GLU A CB  
400 C CG  . GLU A 52  ? 0.7590 0.4090 0.5450 0.0247  0.1912  -0.0095 1845 GLU A CG  
401 C CD  . GLU A 52  ? 0.9584 0.6150 0.7489 0.0291  0.2005  -0.0043 1845 GLU A CD  
402 O OE1 . GLU A 52  ? 1.0082 0.6475 0.7763 0.0238  0.2077  -0.0081 1845 GLU A OE1 
403 O OE2 . GLU A 52  ? 0.9858 0.6643 0.8020 0.0368  0.1999  0.0031  1845 GLU A OE2 
404 N N   . ARG A 53  ? 0.7635 0.3634 0.4859 -0.0028 0.1458  -0.0265 1846 ARG A N   
405 C CA  . ARG A 53  ? 0.8207 0.3935 0.5084 -0.0139 0.1324  -0.0310 1846 ARG A CA  
406 C C   . ARG A 53  ? 0.8975 0.4639 0.5895 -0.0207 0.1140  -0.0376 1846 ARG A C   
407 O O   . ARG A 53  ? 0.9048 0.4450 0.5643 -0.0308 0.1063  -0.0442 1846 ARG A O   
408 C CB  . ARG A 53  ? 0.6463 0.2219 0.3325 -0.0142 0.1222  -0.0243 1846 ARG A CB  
409 C CG  . ARG A 53  ? 0.8209 0.3656 0.4678 -0.0267 0.1052  -0.0264 1846 ARG A CG  
410 C CD  . ARG A 53  ? 0.9790 0.5210 0.6173 -0.0285 0.0978  -0.0179 1846 ARG A CD  
411 N NE  . ARG A 53  ? 1.0328 0.5485 0.6364 -0.0413 0.0751  -0.0178 1846 ARG A NE  
412 C CZ  . ARG A 53  ? 1.0617 0.5836 0.6707 -0.0439 0.0546  -0.0094 1846 ARG A CZ  
413 N NH1 . ARG A 53  ? 1.1551 0.7043 0.8007 -0.0353 0.0558  -0.0021 1846 ARG A NH1 
414 N NH2 . ARG A 53  ? 1.0750 0.5743 0.6525 -0.0552 0.0321  -0.0084 1846 ARG A NH2 
415 N N   . LEU A 54  ? 0.9377 0.5280 0.6695 -0.0161 0.1069  -0.0365 1847 LEU A N   
416 C CA  . LEU A 54  ? 0.8669 0.4537 0.6100 -0.0224 0.0911  -0.0437 1847 LEU A CA  
417 C C   . LEU A 54  ? 0.9176 0.4915 0.6495 -0.0255 0.1003  -0.0513 1847 LEU A C   
418 O O   . LEU A 54  ? 0.9113 0.4662 0.6264 -0.0348 0.0885  -0.0594 1847 LEU A O   
419 C CB  . LEU A 54  ? 0.6455 0.2610 0.4344 -0.0172 0.0856  -0.0410 1847 LEU A CB  
420 C CG  . LEU A 54  ? 0.6284 0.2444 0.4382 -0.0237 0.0671  -0.0481 1847 LEU A CG  
421 C CD1 . LEU A 54  ? 0.8027 0.4035 0.5969 -0.0311 0.0459  -0.0493 1847 LEU A CD1 
422 C CD2 . LEU A 54  ? 0.6672 0.3111 0.5198 -0.0185 0.0662  -0.0454 1847 LEU A CD2 
423 N N   . LEU A 55  ? 0.8539 0.4378 0.5953 -0.0180 0.1198  -0.0487 1848 LEU A N   
424 C CA  . LEU A 55  ? 0.7759 0.3484 0.5104 -0.0200 0.1296  -0.0551 1848 LEU A CA  
425 C C   . LEU A 55  ? 0.9447 0.4884 0.6363 -0.0276 0.1338  -0.0614 1848 LEU A C   
426 O O   . LEU A 55  ? 1.1048 0.6319 0.7830 -0.0351 0.1295  -0.0704 1848 LEU A O   
427 C CB  . LEU A 55  ? 0.6396 0.2278 0.3929 -0.0102 0.1479  -0.0490 1848 LEU A CB  
428 C CG  . LEU A 55  ? 0.8168 0.4301 0.6064 -0.0038 0.1466  -0.0430 1848 LEU A CG  
429 C CD1 . LEU A 55  ? 0.8666 0.4887 0.6655 0.0047  0.1633  -0.0363 1848 LEU A CD1 
430 C CD2 . LEU A 55  ? 0.6682 0.2815 0.4745 -0.0093 0.1366  -0.0493 1848 LEU A CD2 
431 N N   . ARG A 56  ? 0.9687 0.5061 0.6385 -0.0265 0.1430  -0.0571 1849 ARG A N   
432 C CA  . ARG A 56  ? 0.8966 0.4055 0.5209 -0.0357 0.1466  -0.0625 1849 ARG A CA  
433 C C   . ARG A 56  ? 0.8226 0.3109 0.4187 -0.0477 0.1229  -0.0671 1849 ARG A C   
434 O O   . ARG A 56  ? 0.9095 0.3715 0.4643 -0.0579 0.1222  -0.0728 1849 ARG A O   
435 C CB  . ARG A 56  ? 0.8396 0.3494 0.4523 -0.0320 0.1621  -0.0559 1849 ARG A CB  
436 C CG  . ARG A 56  ? 0.9018 0.3857 0.4724 -0.0408 0.1735  -0.0607 1849 ARG A CG  
437 C CD  . ARG A 56  ? 0.9492 0.4388 0.5190 -0.0369 0.1903  -0.0543 1849 ARG A CD  
438 N NE  . ARG A 56  ? 1.2360 0.6994 0.7615 -0.0487 0.1961  -0.0586 1849 ARG A NE  
439 C CZ  . ARG A 56  ? 1.3311 0.7950 0.8552 -0.0486 0.2150  -0.0579 1849 ARG A CZ  
440 N NH1 . ARG A 56  ? 1.3958 0.8848 0.9606 -0.0365 0.2285  -0.0533 1849 ARG A NH1 
441 N NH2 . ARG A 56  ? 1.2382 0.6784 0.7216 -0.0611 0.2189  -0.0622 1849 ARG A NH2 
442 N N   . GLY A 57  ? 0.9266 0.4266 0.5449 -0.0475 0.1025  -0.0645 1850 GLY A N   
443 C CA  . GLY A 57  ? 1.1381 0.6213 0.7373 -0.0584 0.0759  -0.0679 1850 GLY A CA  
444 C C   . GLY A 57  ? 1.2365 0.7106 0.8142 -0.0617 0.0634  -0.0605 1850 GLY A C   
445 O O   . GLY A 57  ? 1.2204 0.6839 0.7884 -0.0698 0.0367  -0.0610 1850 GLY A O   
446 N N   . GLY A 58  ? 1.0784 0.5576 0.6515 -0.0557 0.0806  -0.0534 1851 GLY A N   
447 C CA  . GLY A 58  ? 0.9757 0.4402 0.5195 -0.0605 0.0730  -0.0469 1851 GLY A CA  
448 C C   . GLY A 58  ? 1.0227 0.4984 0.5901 -0.0597 0.0481  -0.0398 1851 GLY A C   
449 O O   . GLY A 58  ? 1.0737 0.5487 0.6346 -0.0587 0.0479  -0.0314 1851 GLY A O   
450 N N   . TYR A 59  ? 0.9576 0.4446 0.5550 -0.0605 0.0273  -0.0431 1852 TYR A N   
451 C CA  . TYR A 59  ? 1.0258 0.5244 0.6494 -0.0602 0.0016  -0.0375 1852 TYR A CA  
452 C C   . TYR A 59  ? 1.1997 0.6796 0.8069 -0.0712 -0.0290 -0.0419 1852 TYR A C   
453 O O   . TYR A 59  ? 1.3551 0.8357 0.9721 -0.0739 -0.0328 -0.0511 1852 TYR A O   
454 C CB  . TYR A 59  ? 0.9970 0.5327 0.6829 -0.0499 0.0047  -0.0376 1852 TYR A CB  
455 C CG  . TYR A 59  ? 0.8658 0.4237 0.5715 -0.0389 0.0252  -0.0300 1852 TYR A CG  
456 C CD1 . TYR A 59  ? 0.8040 0.3661 0.5097 -0.0372 0.0193  -0.0207 1852 TYR A CD1 
457 C CD2 . TYR A 59  ? 0.7992 0.3751 0.5246 -0.0306 0.0486  -0.0316 1852 TYR A CD2 
458 C CE1 . TYR A 59  ? 0.7178 0.3023 0.4432 -0.0275 0.0370  -0.0145 1852 TYR A CE1 
459 C CE2 . TYR A 59  ? 0.6754 0.2728 0.4189 -0.0207 0.0643  -0.0246 1852 TYR A CE2 
460 C CZ  . TYR A 59  ? 0.6396 0.2420 0.3837 -0.0193 0.0589  -0.0167 1852 TYR A CZ  
461 O OH  . TYR A 59  ? 0.5471 0.1726 0.3106 -0.0098 0.0738  -0.0104 1852 TYR A OH  
462 N N   . THR A 60  ? 1.2178 0.6822 0.8025 -0.0773 -0.0516 -0.0347 1853 THR A N   
463 C CA  . THR A 60  ? 1.2555 0.7023 0.8229 -0.0872 -0.0847 -0.0366 1853 THR A CA  
464 C C   . THR A 60  ? 1.2921 0.7666 0.9196 -0.0827 -0.1081 -0.0383 1853 THR A C   
465 O O   . THR A 60  ? 1.4157 0.8881 1.0510 -0.0877 -0.1281 -0.0451 1853 THR A O   
466 C CB  . THR A 60  ? 1.3643 0.7813 0.8805 -0.0959 -0.1000 -0.0267 1853 THR A CB  
467 O OG1 . THR A 60  ? 1.4389 0.8275 0.8951 -0.1031 -0.0782 -0.0285 1853 THR A OG1 
468 C CG2 . THR A 60  ? 1.4802 0.8836 0.9864 -0.1040 -0.1398 -0.0254 1853 THR A CG2 
469 N N   . SER A 61  ? 1.1804 0.6829 0.8533 -0.0732 -0.1044 -0.0330 1854 SER A N   
470 C CA  . SER A 61  ? 1.1073 0.6383 0.8399 -0.0687 -0.1231 -0.0357 1854 SER A CA  
471 C C   . SER A 61  ? 1.1137 0.6782 0.8955 -0.0578 -0.1012 -0.0353 1854 SER A C   
472 O O   . SER A 61  ? 1.0664 0.6331 0.8373 -0.0529 -0.0743 -0.0323 1854 SER A O   
473 C CB  . SER A 61  ? 1.0800 0.6054 0.8124 -0.0710 -0.1559 -0.0275 1854 SER A CB  
474 O OG  . SER A 61  ? 1.0677 0.5918 0.7885 -0.0676 -0.1488 -0.0163 1854 SER A OG  
475 N N   . SER A 62  ? 1.0950 0.6868 0.9315 -0.0539 -0.1128 -0.0384 1855 SER A N   
476 C CA  . SER A 62  ? 0.9524 0.5749 0.8327 -0.0448 -0.0940 -0.0378 1855 SER A CA  
477 C C   . SER A 62  ? 0.9126 0.5399 0.7897 -0.0400 -0.0948 -0.0267 1855 SER A C   
478 O O   . SER A 62  ? 0.8816 0.5266 0.7753 -0.0329 -0.0739 -0.0240 1855 SER A O   
479 C CB  . SER A 62  ? 0.8554 0.5044 0.7921 -0.0437 -0.1027 -0.0460 1855 SER A CB  
480 O OG  . SER A 62  ? 0.9439 0.5949 0.8934 -0.0450 -0.1335 -0.0437 1855 SER A OG  
481 N N   . GLU A 63  ? 0.8198 0.4308 0.6747 -0.0440 -0.1190 -0.0198 1856 GLU A N   
482 C CA  . GLU A 63  ? 0.7012 0.3156 0.5518 -0.0403 -0.1192 -0.0088 1856 GLU A CA  
483 C C   . GLU A 63  ? 0.6898 0.2931 0.5033 -0.0392 -0.0925 -0.0032 1856 GLU A C   
484 O O   . GLU A 63  ? 0.8383 0.4614 0.6703 -0.0321 -0.0759 0.0010  1856 GLU A O   
485 C CB  . GLU A 63  ? 0.8046 0.3984 0.6331 -0.0460 -0.1508 -0.0015 1856 GLU A CB  
486 C CG  . GLU A 63  ? 0.9018 0.5147 0.7789 -0.0434 -0.1779 -0.0045 1856 GLU A CG  
487 C CD  . GLU A 63  ? 1.0357 0.6483 0.9277 -0.0470 -0.1917 -0.0150 1856 GLU A CD  
488 O OE1 . GLU A 63  ? 1.1439 0.7419 1.0088 -0.0520 -0.1797 -0.0207 1856 GLU A OE1 
489 O OE2 . GLU A 63  ? 1.0300 0.6581 0.9629 -0.0447 -0.2140 -0.0180 1856 GLU A OE2 
490 N N   . GLU A 64  ? 0.8608 0.4334 0.6224 -0.0463 -0.0875 -0.0035 1857 GLU A N   
491 C CA  . GLU A 64  ? 1.0698 0.6344 0.7998 -0.0449 -0.0589 0.0001  1857 GLU A CA  
492 C C   . GLU A 64  ? 1.0342 0.6276 0.8002 -0.0347 -0.0329 -0.0038 1857 GLU A C   
493 O O   . GLU A 64  ? 1.0383 0.6447 0.8082 -0.0285 -0.0147 0.0019  1857 GLU A O   
494 C CB  . GLU A 64  ? 1.1344 0.6646 0.8091 -0.0541 -0.0536 -0.0039 1857 GLU A CB  
495 C CG  . GLU A 64  ? 1.1877 0.6876 0.8158 -0.0654 -0.0765 0.0014  1857 GLU A CG  
496 C CD  . GLU A 64  ? 1.4239 0.8937 0.9922 -0.0742 -0.0626 -0.0018 1857 GLU A CD  
497 O OE1 . GLU A 64  ? 1.5771 1.0184 1.0970 -0.0847 -0.0765 0.0032  1857 GLU A OE1 
498 O OE2 . GLU A 64  ? 1.4624 0.9358 1.0313 -0.0709 -0.0374 -0.0096 1857 GLU A OE2 
499 N N   . PHE A 65  ? 0.9592 0.5638 0.7528 -0.0334 -0.0319 -0.0130 1858 PHE A N   
500 C CA  . PHE A 65  ? 0.7368 0.3668 0.5620 -0.0246 -0.0091 -0.0156 1858 PHE A CA  
501 C C   . PHE A 65  ? 0.6503 0.3080 0.5137 -0.0175 -0.0084 -0.0109 1858 PHE A C   
502 O O   . PHE A 65  ? 0.7171 0.3908 0.5874 -0.0105 0.0104  -0.0070 1858 PHE A O   
503 C CB  . PHE A 65  ? 0.6568 0.2927 0.5059 -0.0264 -0.0102 -0.0259 1858 PHE A CB  
504 C CG  . PHE A 65  ? 0.4749 0.1366 0.3581 -0.0189 0.0087  -0.0275 1858 PHE A CG  
505 C CD1 . PHE A 65  ? 0.4271 0.1114 0.3553 -0.0163 0.0039  -0.0300 1858 PHE A CD1 
506 C CD2 . PHE A 65  ? 0.4822 0.1452 0.3513 -0.0147 0.0304  -0.0267 1858 PHE A CD2 
507 C CE1 . PHE A 65  ? 0.4998 0.2051 0.4509 -0.0107 0.0184  -0.0305 1858 PHE A CE1 
508 C CE2 . PHE A 65  ? 0.4992 0.1850 0.3942 -0.0083 0.0440  -0.0263 1858 PHE A CE2 
509 C CZ  . PHE A 65  ? 0.4459 0.1522 0.3785 -0.0068 0.0377  -0.0278 1858 PHE A CZ  
510 N N   . ALA A 66  ? 0.6179 0.2831 0.5071 -0.0193 -0.0297 -0.0115 1859 ALA A N   
511 C CA  . ALA A 66  ? 0.5112 0.2025 0.4382 -0.0131 -0.0286 -0.0090 1859 ALA A CA  
512 C C   . ALA A 66  ? 0.5306 0.2222 0.4413 -0.0103 -0.0248 0.0012  1859 ALA A C   
513 O O   . ALA A 66  ? 0.5622 0.2750 0.4962 -0.0041 -0.0142 0.0036  1859 ALA A O   
514 C CB  . ALA A 66  ? 0.5315 0.2330 0.4907 -0.0154 -0.0512 -0.0134 1859 ALA A CB  
515 N N   . ALA A 67  ? 0.4470 0.1148 0.3169 -0.0157 -0.0321 0.0072  1860 ALA A N   
516 C CA  . ALA A 67  ? 0.4636 0.1321 0.3178 -0.0141 -0.0247 0.0166  1860 ALA A CA  
517 C C   . ALA A 67  ? 0.6115 0.2925 0.4647 -0.0076 0.0032  0.0174  1860 ALA A C   
518 O O   . ALA A 67  ? 0.7459 0.4464 0.6165 -0.0022 0.0109  0.0217  1860 ALA A O   
519 C CB  . ALA A 67  ? 0.5942 0.2317 0.3990 -0.0229 -0.0338 0.0227  1860 ALA A CB  
520 N N   . ASP A 68  ? 0.5890 0.2604 0.4237 -0.0078 0.0175  0.0129  1861 ASP A N   
521 C CA  . ASP A 68  ? 0.5027 0.1888 0.3401 -0.0004 0.0421  0.0136  1861 ASP A CA  
522 C C   . ASP A 68  ? 0.5054 0.2230 0.3850 0.0071  0.0459  0.0120  1861 ASP A C   
523 O O   . ASP A 68  ? 0.4605 0.1967 0.3509 0.0131  0.0566  0.0158  1861 ASP A O   
524 C CB  . ASP A 68  ? 0.5048 0.1748 0.3177 -0.0016 0.0559  0.0083  1861 ASP A CB  
525 C CG  . ASP A 68  ? 0.7225 0.3626 0.4879 -0.0081 0.0623  0.0103  1861 ASP A CG  
526 O OD1 . ASP A 68  ? 0.8525 0.4848 0.6024 -0.0125 0.0556  0.0169  1861 ASP A OD1 
527 O OD2 . ASP A 68  ? 0.8422 0.4660 0.5849 -0.0098 0.0747  0.0050  1861 ASP A OD2 
528 N N   . ALA A 69  ? 0.4711 0.1941 0.3739 0.0060  0.0370  0.0057  1862 ALA A N   
529 C CA  . ALA A 69  ? 0.3608 0.1108 0.2988 0.0110  0.0401  0.0038  1862 ALA A CA  
530 C C   . ALA A 69  ? 0.4479 0.2126 0.4027 0.0136  0.0346  0.0083  1862 ALA A C   
531 O O   . ALA A 69  ? 0.4628 0.2473 0.4282 0.0189  0.0447  0.0103  1862 ALA A O   
532 C CB  . ALA A 69  ? 0.3386 0.0891 0.2988 0.0077  0.0301  -0.0044 1862 ALA A CB  
533 N N   . LEU A 70  ? 0.4763 0.2301 0.4315 0.0096  0.0182  0.0104  1863 LEU A N   
534 C CA  . LEU A 70  ? 0.4841 0.2517 0.4580 0.0120  0.0127  0.0141  1863 LEU A CA  
535 C C   . LEU A 70  ? 0.4330 0.2040 0.3888 0.0145  0.0243  0.0216  1863 LEU A C   
536 O O   . LEU A 70  ? 0.3829 0.1717 0.3552 0.0180  0.0265  0.0236  1863 LEU A O   
537 C CB  . LEU A 70  ? 0.3707 0.1282 0.3518 0.0075  -0.0066 0.0148  1863 LEU A CB  
538 C CG  . LEU A 70  ? 0.4669 0.2272 0.4677 0.0050  -0.0180 0.0060  1863 LEU A CG  
539 C CD1 . LEU A 70  ? 0.3439 0.0970 0.3444 0.0002  -0.0431 0.0078  1863 LEU A CD1 
540 C CD2 . LEU A 70  ? 0.4215 0.2061 0.4519 0.0089  -0.0121 -0.0005 1863 LEU A CD2 
541 N N   . LEU A 71  ? 0.4127 0.1663 0.3350 0.0121  0.0321  0.0248  1864 LEU A N   
542 C CA  . LEU A 71  ? 0.4184 0.1752 0.3262 0.0143  0.0458  0.0305  1864 LEU A CA  
543 C C   . LEU A 71  ? 0.4514 0.2309 0.3748 0.0223  0.0623  0.0291  1864 LEU A C   
544 O O   . LEU A 71  ? 0.4099 0.2022 0.3393 0.0258  0.0696  0.0329  1864 LEU A O   
545 C CB  . LEU A 71  ? 0.4063 0.1372 0.2741 0.0091  0.0523  0.0322  1864 LEU A CB  
546 C CG  . LEU A 71  ? 0.3829 0.1134 0.2339 0.0106  0.0711  0.0357  1864 LEU A CG  
547 C CD1 . LEU A 71  ? 0.3820 0.1200 0.2382 0.0088  0.0676  0.0422  1864 LEU A CD1 
548 C CD2 . LEU A 71  ? 0.4260 0.1268 0.2358 0.0037  0.0767  0.0344  1864 LEU A CD2 
549 N N   . VAL A 72  ? 0.3733 0.1571 0.3025 0.0247  0.0674  0.0239  1865 VAL A N   
550 C CA  . VAL A 72  ? 0.3656 0.1698 0.3086 0.0314  0.0795  0.0235  1865 VAL A CA  
551 C C   . VAL A 72  ? 0.3060 0.1310 0.2735 0.0334  0.0741  0.0244  1865 VAL A C   
552 O O   . VAL A 72  ? 0.3515 0.1896 0.3242 0.0377  0.0811  0.0280  1865 VAL A O   
553 C CB  . VAL A 72  ? 0.2907 0.0940 0.2356 0.0313  0.0828  0.0187  1865 VAL A CB  
554 C CG1 . VAL A 72  ? 0.2750 0.0958 0.2304 0.0365  0.0926  0.0201  1865 VAL A CG1 
555 C CG2 . VAL A 72  ? 0.3165 0.0989 0.2364 0.0297  0.0899  0.0173  1865 VAL A CG2 
556 N N   . PHE A 73  ? 0.3570 0.1839 0.3405 0.0301  0.0611  0.0204  1866 PHE A N   
557 C CA  . PHE A 73  ? 0.2833 0.1285 0.2896 0.0315  0.0573  0.0190  1866 PHE A CA  
558 C C   . PHE A 73  ? 0.2350 0.0815 0.2449 0.0310  0.0507  0.0232  1866 PHE A C   
559 O O   . PHE A 73  ? 0.2781 0.1404 0.3015 0.0335  0.0529  0.0236  1866 PHE A O   
560 C CB  . PHE A 73  ? 0.2812 0.1280 0.3052 0.0285  0.0483  0.0118  1866 PHE A CB  
561 C CG  . PHE A 73  ? 0.3213 0.1633 0.3413 0.0273  0.0538  0.0078  1866 PHE A CG  
562 C CD1 . PHE A 73  ? 0.3173 0.1651 0.3298 0.0302  0.0681  0.0098  1866 PHE A CD1 
563 C CD2 . PHE A 73  ? 0.4565 0.2858 0.4793 0.0229  0.0440  0.0027  1866 PHE A CD2 
564 C CE1 . PHE A 73  ? 0.3306 0.1724 0.3390 0.0285  0.0735  0.0067  1866 PHE A CE1 
565 C CE2 . PHE A 73  ? 0.4680 0.2925 0.4883 0.0211  0.0495  -0.0015 1866 PHE A CE2 
566 C CZ  . PHE A 73  ? 0.3421 0.1729 0.3550 0.0238  0.0648  0.0007  1866 PHE A CZ  
567 N N   . ASP A 74  ? 0.3646 0.1930 0.3611 0.0270  0.0425  0.0265  1867 ASP A N   
568 C CA  . ASP A 74  ? 0.2616 0.0891 0.2572 0.0255  0.0384  0.0323  1867 ASP A CA  
569 C C   . ASP A 74  ? 0.3314 0.1676 0.3200 0.0295  0.0540  0.0367  1867 ASP A C   
570 O O   . ASP A 74  ? 0.4382 0.2864 0.4397 0.0308  0.0546  0.0390  1867 ASP A O   
571 C CB  . ASP A 74  ? 0.3558 0.1581 0.3310 0.0189  0.0276  0.0367  1867 ASP A CB  
572 C CG  . ASP A 74  ? 0.4482 0.2422 0.4377 0.0157  0.0077  0.0336  1867 ASP A CG  
573 O OD1 . ASP A 74  ? 0.4538 0.2628 0.4661 0.0188  0.0048  0.0268  1867 ASP A OD1 
574 O OD2 . ASP A 74  ? 0.4733 0.2478 0.4473 0.0103  -0.0021 0.0371  1867 ASP A OD2 
575 N N   . ASN A 75  ? 0.4238 0.2533 0.3942 0.0313  0.0669  0.0375  1868 ASN A N   
576 C CA  . ASN A 75  ? 0.2971 0.1358 0.2665 0.0366  0.0823  0.0406  1868 ASN A CA  
577 C C   . ASN A 75  ? 0.3031 0.1647 0.2943 0.0425  0.0849  0.0391  1868 ASN A C   
578 O O   . ASN A 75  ? 0.2546 0.1284 0.2561 0.0459  0.0897  0.0422  1868 ASN A O   
579 C CB  . ASN A 75  ? 0.2763 0.1032 0.2258 0.0384  0.0957  0.0401  1868 ASN A CB  
580 C CG  . ASN A 75  ? 0.3051 0.1088 0.2274 0.0320  0.0976  0.0425  1868 ASN A CG  
581 O OD1 . ASN A 75  ? 0.7312 0.5321 0.6496 0.0276  0.0957  0.0469  1868 ASN A OD1 
582 N ND2 . ASN A 75  ? 0.3666 0.1525 0.2681 0.0298  0.1013  0.0393  1868 ASN A ND2 
583 N N   . CYS A 76  ? 0.3170 0.1836 0.3147 0.0426  0.0817  0.0344  1869 CYS A N   
584 C CA  . CYS A 76  ? 0.3106 0.1948 0.3216 0.0463  0.0845  0.0336  1869 CYS A CA  
585 C C   . CYS A 76  ? 0.2364 0.1328 0.2649 0.0458  0.0779  0.0333  1869 CYS A C   
586 O O   . CYS A 76  ? 0.3500 0.2593 0.3857 0.0493  0.0814  0.0353  1869 CYS A O   
587 C CB  . CYS A 76  ? 0.2828 0.1663 0.2953 0.0446  0.0833  0.0290  1869 CYS A CB  
588 S SG  . CYS A 76  ? 0.3426 0.2412 0.3644 0.0473  0.0869  0.0294  1869 CYS A SG  
589 N N   . GLN A 77  ? 0.2335 0.1253 0.2694 0.0414  0.0670  0.0306  1870 GLN A N   
590 C CA  . GLN A 77  ? 0.2378 0.1402 0.2919 0.0406  0.0605  0.0291  1870 GLN A CA  
591 C C   . GLN A 77  ? 0.3537 0.2572 0.4085 0.0413  0.0622  0.0351  1870 GLN A C   
592 O O   . GLN A 77  ? 0.3683 0.2850 0.4376 0.0428  0.0622  0.0347  1870 GLN A O   
593 C CB  . GLN A 77  ? 0.1855 0.0823 0.2499 0.0359  0.0474  0.0241  1870 GLN A CB  
594 C CG  . GLN A 77  ? 0.1790 0.0816 0.2532 0.0351  0.0474  0.0165  1870 GLN A CG  
595 C CD  . GLN A 77  ? 0.3196 0.2142 0.4023 0.0311  0.0352  0.0115  1870 GLN A CD  
596 O OE1 . GLN A 77  ? 0.3971 0.2979 0.4979 0.0290  0.0268  0.0075  1870 GLN A OE1 
597 N NE2 . GLN A 77  ? 0.2831 0.1643 0.3536 0.0298  0.0339  0.0114  1870 GLN A NE2 
598 N N   . THR A 78  ? 0.4039 0.2927 0.4423 0.0396  0.0651  0.0402  1871 THR A N   
599 C CA  . THR A 78  ? 0.2135 0.1016 0.2508 0.0394  0.0707  0.0465  1871 THR A CA  
600 C C   . THR A 78  ? 0.2992 0.2032 0.3450 0.0466  0.0825  0.0479  1871 THR A C   
601 O O   . THR A 78  ? 0.3588 0.2758 0.4201 0.0477  0.0826  0.0491  1871 THR A O   
602 C CB  . THR A 78  ? 0.2739 0.1412 0.2862 0.0347  0.0746  0.0510  1871 THR A CB  
603 O OG1 . THR A 78  ? 0.4473 0.2989 0.4501 0.0282  0.0604  0.0500  1871 THR A OG1 
604 C CG2 . THR A 78  ? 0.2398 0.1067 0.2510 0.0313  0.0804  0.0568  1871 THR A CG2 
605 N N   . PHE A 79  ? 0.3138 0.2182 0.3502 0.0510  0.0907  0.0472  1872 PHE A N   
606 C CA  . PHE A 79  ? 0.2815 0.2005 0.3256 0.0572  0.0991  0.0492  1872 PHE A CA  
607 C C   . PHE A 79  ? 0.3111 0.2475 0.3663 0.0590  0.0926  0.0466  1872 PHE A C   
608 O O   . PHE A 79  ? 0.3878 0.3386 0.4536 0.0621  0.0929  0.0478  1872 PHE A O   
609 C CB  . PHE A 79  ? 0.3475 0.2593 0.3777 0.0602  0.1091  0.0503  1872 PHE A CB  
610 C CG  . PHE A 79  ? 0.3572 0.2826 0.3970 0.0647  0.1144  0.0526  1872 PHE A CG  
611 C CD1 . PHE A 79  ? 0.2888 0.2168 0.3357 0.0653  0.1228  0.0545  1872 PHE A CD1 
612 C CD2 . PHE A 79  ? 0.3341 0.2695 0.3770 0.0680  0.1097  0.0524  1872 PHE A CD2 
613 C CE1 . PHE A 79  ? 0.2913 0.2341 0.3513 0.0684  0.1244  0.0548  1872 PHE A CE1 
614 C CE2 . PHE A 79  ? 0.2131 0.1604 0.2669 0.0727  0.1109  0.0539  1872 PHE A CE2 
615 C CZ  . PHE A 79  ? 0.2074 0.1596 0.2713 0.0728  0.1175  0.0545  1872 PHE A CZ  
616 N N   . ASN A 80  ? 0.2001 0.3384 0.1741 0.0893  0.0663  0.0365  1873 ASN A N   
617 C CA  . ASN A 80  ? 0.2336 0.3934 0.2105 0.0897  0.0621  0.0384  1873 ASN A CA  
618 C C   . ASN A 80  ? 0.1831 0.3342 0.1551 0.0743  0.0589  0.0276  1873 ASN A C   
619 O O   . ASN A 80  ? 0.2675 0.3854 0.2352 0.0703  0.0596  0.0213  1873 ASN A O   
620 C CB  . ASN A 80  ? 0.2554 0.3990 0.2294 0.1048  0.0623  0.0463  1873 ASN A CB  
621 C CG  . ASN A 80  ? 0.3773 0.5153 0.3524 0.1171  0.0631  0.0552  1873 ASN A CG  
622 O OD1 . ASN A 80  ? 0.5307 0.6947 0.5106 0.1247  0.0619  0.0638  1873 ASN A OD1 
623 N ND2 . ASN A 80  ? 0.2017 0.3059 0.1702 0.1197  0.0653  0.0528  1873 ASN A ND2 
624 N N   . GLU A 81  ? 0.2812 0.4623 0.2534 0.0663  0.0551  0.0251  1874 GLU A N   
625 C CA  . GLU A 81  ? 0.2758 0.4478 0.2396 0.0533  0.0536  0.0141  1874 GLU A CA  
626 C C   . GLU A 81  ? 0.3619 0.5093 0.3201 0.0618  0.0566  0.0156  1874 GLU A C   
627 O O   . GLU A 81  ? 0.3632 0.5158 0.3209 0.0752  0.0576  0.0261  1874 GLU A O   
628 C CB  . GLU A 81  ? 0.3073 0.5170 0.2680 0.0444  0.0476  0.0113  1874 GLU A CB  
629 C CG  . GLU A 81  ? 0.5138 0.7589 0.4872 0.0372  0.0438  0.0121  1874 GLU A CG  
630 C CD  . GLU A 81  ? 0.7224 0.9782 0.6933 0.0141  0.0398  -0.0022 1874 GLU A CD  
631 O OE1 . GLU A 81  ? 0.8290 1.0529 0.7954 0.0022  0.0444  -0.0124 1874 GLU A OE1 
632 O OE2 . GLU A 81  ? 0.7765 1.0715 0.7497 0.0077  0.0311  -0.0033 1874 GLU A OE2 
633 N N   . ASP A 82  ? 0.3224 0.4430 0.2778 0.0539  0.0591  0.0057  1875 ASP A N   
634 C CA  . ASP A 82  ? 0.3077 0.4077 0.2630 0.0602  0.0637  0.0061  1875 ASP A CA  
635 C C   . ASP A 82  ? 0.3318 0.4495 0.2780 0.0654  0.0659  0.0118  1875 ASP A C   
636 O O   . ASP A 82  ? 0.3059 0.4099 0.2543 0.0737  0.0717  0.0173  1875 ASP A O   
637 C CB  . ASP A 82  ? 0.2101 0.2869 0.1650 0.0506  0.0668  -0.0066 1875 ASP A CB  
638 C CG  . ASP A 82  ? 0.3301 0.3830 0.2917 0.0483  0.0645  -0.0100 1875 ASP A CG  
639 O OD1 . ASP A 82  ? 0.1948 0.2377 0.1626 0.0573  0.0619  -0.0028 1875 ASP A OD1 
640 O OD2 . ASP A 82  ? 0.2952 0.3368 0.2531 0.0376  0.0653  -0.0199 1875 ASP A OD2 
641 N N   . ASP A 83  ? 0.4381 0.5854 0.3732 0.0604  0.0614  0.0113  1876 ASP A N   
642 C CA  . ASP A 83  ? 0.5852 0.7472 0.5062 0.0667  0.0627  0.0182  1876 ASP A CA  
643 C C   . ASP A 83  ? 0.5643 0.7529 0.4862 0.0797  0.0575  0.0336  1876 ASP A C   
644 O O   . ASP A 83  ? 0.5902 0.7915 0.4979 0.0870  0.0573  0.0423  1876 ASP A O   
645 C CB  . ASP A 83  ? 0.5389 0.7135 0.4407 0.0535  0.0603  0.0064  1876 ASP A CB  
646 C CG  . ASP A 83  ? 0.4894 0.6923 0.3925 0.0416  0.0495  0.0003  1876 ASP A CG  
647 O OD1 . ASP A 83  ? 0.4759 0.6923 0.3957 0.0455  0.0455  0.0071  1876 ASP A OD1 
648 O OD2 . ASP A 83  ? 0.5566 0.7679 0.4443 0.0278  0.0459  -0.0120 1876 ASP A OD2 
649 N N   . SER A 84  ? 0.3553 0.5512 0.2924 0.0838  0.0542  0.0380  1877 SER A N   
650 C CA  . SER A 84  ? 0.4111 0.6267 0.3525 0.1001  0.0521  0.0537  1877 SER A CA  
651 C C   . SER A 84  ? 0.3776 0.5663 0.3170 0.1150  0.0601  0.0649  1877 SER A C   
652 O O   . SER A 84  ? 0.4650 0.6212 0.4068 0.1117  0.0662  0.0598  1877 SER A O   
653 C CB  . SER A 84  ? 0.2437 0.4683 0.2017 0.1020  0.0508  0.0547  1877 SER A CB  
654 O OG  . SER A 84  ? 0.4692 0.6567 0.4319 0.1034  0.0568  0.0517  1877 SER A OG  
655 N N   . GLU A 85  ? 0.3143 0.5161 0.2521 0.1310  0.0592  0.0803  1878 GLU A N   
656 C CA  . GLU A 85  ? 0.3404 0.5129 0.2764 0.1437  0.0667  0.0914  1878 GLU A CA  
657 C C   . GLU A 85  ? 0.4121 0.5517 0.3604 0.1451  0.0706  0.0887  1878 GLU A C   
658 O O   . GLU A 85  ? 0.4208 0.5282 0.3703 0.1451  0.0770  0.0891  1878 GLU A O   
659 C CB  . GLU A 85  ? 0.2705 0.4617 0.2024 0.1620  0.0653  0.1090  1878 GLU A CB  
660 C CG  . GLU A 85  ? 0.6130 0.8240 0.5308 0.1602  0.0602  0.1118  1878 GLU A CG  
661 C CD  . GLU A 85  ? 0.8184 0.9978 0.7244 0.1588  0.0694  0.1141  1878 GLU A CD  
662 O OE1 . GLU A 85  ? 0.8073 0.9593 0.7180 0.1691  0.0789  0.1232  1878 GLU A OE1 
663 O OE2 . GLU A 85  ? 0.7807 0.9619 0.6724 0.1469  0.0686  0.1061  1878 GLU A OE2 
664 N N   . VAL A 86  ? 0.3720 0.5175 0.3280 0.1443  0.0662  0.0854  1879 VAL A N   
665 C CA  . VAL A 86  ? 0.3005 0.4107 0.2600 0.1413  0.0674  0.0803  1879 VAL A CA  
666 C C   . VAL A 86  ? 0.3444 0.4379 0.3085 0.1285  0.0673  0.0667  1879 VAL A C   
667 O O   . VAL A 86  ? 0.2866 0.3485 0.2536 0.1263  0.0686  0.0635  1879 VAL A O   
668 C CB  . VAL A 86  ? 0.2870 0.4069 0.2492 0.1434  0.0650  0.0807  1879 VAL A CB  
669 C CG1 . VAL A 86  ? 0.2151 0.3005 0.1761 0.1386  0.0661  0.0728  1879 VAL A CG1 
670 C CG2 . VAL A 86  ? 0.2322 0.3628 0.1898 0.1565  0.0676  0.0941  1879 VAL A CG2 
671 N N   . GLY A 87  ? 0.3893 0.5039 0.3541 0.1186  0.0654  0.0581  1880 GLY A N   
672 C CA  . GLY A 87  ? 0.1899 0.2896 0.1565 0.1069  0.0664  0.0458  1880 GLY A CA  
673 C C   . GLY A 87  ? 0.3104 0.3897 0.2793 0.1070  0.0713  0.0456  1880 GLY A C   
674 O O   . GLY A 87  ? 0.3936 0.4465 0.3716 0.1056  0.0713  0.0410  1880 GLY A O   
675 N N   . LYS A 88  ? 0.2714 0.3633 0.2322 0.1086  0.0754  0.0508  1881 LYS A N   
676 C CA  . LYS A 88  ? 0.2101 0.2841 0.1738 0.1078  0.0834  0.0512  1881 LYS A CA  
677 C C   . LYS A 88  ? 0.3095 0.3588 0.2843 0.1149  0.0861  0.0587  1881 LYS A C   
678 O O   . LYS A 88  ? 0.4370 0.4674 0.4249 0.1110  0.0906  0.0554  1881 LYS A O   
679 C CB  . LYS A 88  ? 0.2559 0.3442 0.2035 0.1089  0.0877  0.0575  1881 LYS A CB  
680 C CG  . LYS A 88  ? 0.3202 0.4334 0.2517 0.1008  0.0830  0.0504  1881 LYS A CG  
681 C CD  . LYS A 88  ? 0.4343 0.5549 0.3468 0.1029  0.0863  0.0570  1881 LYS A CD  
682 C CE  . LYS A 88  ? 0.5684 0.7126 0.4714 0.1137  0.0786  0.0707  1881 LYS A CE  
683 N NZ  . LYS A 88  ? 0.6236 0.7846 0.5028 0.1115  0.0756  0.0717  1881 LYS A NZ  
684 N N   . ALA A 89  ? 0.2189 0.2681 0.1895 0.1243  0.0833  0.0683  1882 ALA A N   
685 C CA  . ALA A 89  ? 0.2243 0.2450 0.2015 0.1263  0.0845  0.0720  1882 ALA A CA  
686 C C   . ALA A 89  ? 0.3752 0.3778 0.3625 0.1173  0.0766  0.0597  1882 ALA A C   
687 O O   . ALA A 89  ? 0.4120 0.3935 0.4112 0.1123  0.0759  0.0561  1882 ALA A O   
688 C CB  . ALA A 89  ? 0.2969 0.3190 0.2634 0.1359  0.0843  0.0825  1882 ALA A CB  
689 N N   . GLY A 90  ? 0.3246 0.3369 0.3074 0.1156  0.0703  0.0535  1883 GLY A N   
690 C CA  . GLY A 90  ? 0.3047 0.2994 0.2920 0.1096  0.0629  0.0437  1883 GLY A CA  
691 C C   . GLY A 90  ? 0.3380 0.3211 0.3402 0.1024  0.0612  0.0359  1883 GLY A C   
692 O O   . GLY A 90  ? 0.2835 0.2474 0.2946 0.0983  0.0542  0.0307  1883 GLY A O   
693 N N   . HIS A 91  ? 0.2451 0.2414 0.2513 0.1008  0.0674  0.0341  1884 HIS A N   
694 C CA  . HIS A 91  ? 0.2318 0.2187 0.2549 0.0947  0.0673  0.0265  1884 HIS A CA  
695 C C   . HIS A 91  ? 0.3018 0.2783 0.3413 0.0932  0.0705  0.0298  1884 HIS A C   
696 O O   . HIS A 91  ? 0.3482 0.3142 0.4066 0.0884  0.0649  0.0239  1884 HIS A O   
697 C CB  . HIS A 91  ? 0.2253 0.2271 0.2454 0.0923  0.0757  0.0224  1884 HIS A CB  
698 C CG  . HIS A 91  ? 0.2658 0.2748 0.2727 0.0870  0.0705  0.0160  1884 HIS A CG  
699 N ND1 . HIS A 91  ? 0.3055 0.2995 0.3155 0.0840  0.0627  0.0095  1884 HIS A ND1 
700 C CD2 . HIS A 91  ? 0.1867 0.2161 0.1775 0.0834  0.0714  0.0155  1884 HIS A CD2 
701 C CE1 . HIS A 91  ? 0.2683 0.2709 0.2649 0.0780  0.0614  0.0056  1884 HIS A CE1 
702 N NE2 . HIS A 91  ? 0.4038 0.4294 0.3905 0.0767  0.0661  0.0084  1884 HIS A NE2 
703 N N   . ILE A 92  ? 0.2906 0.2709 0.3242 0.0980  0.0796  0.0400  1885 ILE A N   
704 C CA  . ILE A 92  ? 0.3035 0.2711 0.3532 0.0966  0.0853  0.0445  1885 ILE A CA  
705 C C   . ILE A 92  ? 0.2377 0.1871 0.2949 0.0936  0.0733  0.0400  1885 ILE A C   
706 O O   . ILE A 92  ? 0.3614 0.3009 0.4408 0.0884  0.0709  0.0362  1885 ILE A O   
707 C CB  . ILE A 92  ? 0.3107 0.2817 0.3479 0.1044  0.0983  0.0586  1885 ILE A CB  
708 C CG1 . ILE A 92  ? 0.3749 0.3653 0.4004 0.1065  0.1085  0.0609  1885 ILE A CG1 
709 C CG2 . ILE A 92  ? 0.2478 0.2026 0.3029 0.1024  0.1072  0.0640  1885 ILE A CG2 
710 C CD1 . ILE A 92  ? 0.2451 0.2428 0.2504 0.1162  0.1182  0.0758  1885 ILE A CD1 
711 N N   . MET A 93  ? 0.3362 0.2820 0.3752 0.0969  0.0657  0.0399  1886 MET A N   
712 C CA  . MET A 93  ? 0.3227 0.2488 0.3636 0.0948  0.0550  0.0343  1886 MET A CA  
713 C C   . MET A 93  ? 0.3703 0.2905 0.4208 0.0899  0.0413  0.0232  1886 MET A C   
714 O O   . MET A 93  ? 0.5115 0.4167 0.5748 0.0871  0.0328  0.0181  1886 MET A O   
715 C CB  . MET A 93  ? 0.3601 0.2835 0.3788 0.1002  0.0533  0.0367  1886 MET A CB  
716 C CG  . MET A 93  ? 0.2964 0.2209 0.3060 0.1069  0.0644  0.0481  1886 MET A CG  
717 S SD  . MET A 93  ? 0.3721 0.2760 0.3978 0.1043  0.0707  0.0519  1886 MET A SD  
718 C CE  . MET A 93  ? 0.4289 0.3061 0.4576 0.0998  0.0557  0.0393  1886 MET A CE  
719 N N   . ARG A 94  ? 0.2846 0.2150 0.3282 0.0898  0.0388  0.0199  1887 ARG A N   
720 C CA  . ARG A 94  ? 0.3211 0.2433 0.3703 0.0871  0.0257  0.0112  1887 ARG A CA  
721 C C   . ARG A 94  ? 0.2185 0.1413 0.2929 0.0838  0.0243  0.0081  1887 ARG A C   
722 O O   . ARG A 94  ? 0.2282 0.1390 0.3101 0.0829  0.0131  0.0039  1887 ARG A O   
723 C CB  . ARG A 94  ? 0.2670 0.1972 0.3034 0.0876  0.0267  0.0100  1887 ARG A CB  
724 C CG  . ARG A 94  ? 0.2479 0.1682 0.2895 0.0856  0.0148  0.0032  1887 ARG A CG  
725 C CD  . ARG A 94  ? 0.1974 0.1223 0.2255 0.0860  0.0198  0.0030  1887 ARG A CD  
726 N NE  . ARG A 94  ? 0.1893 0.1306 0.2215 0.0860  0.0332  0.0046  1887 ARG A NE  
727 C CZ  . ARG A 94  ? 0.2435 0.1896 0.2937 0.0838  0.0372  0.0014  1887 ARG A CZ  
728 N NH1 . ARG A 94  ? 0.1892 0.1275 0.2562 0.0824  0.0279  -0.0030 1887 ARG A NH1 
729 N NH2 . ARG A 94  ? 0.2165 0.1766 0.2655 0.0837  0.0510  0.0025  1887 ARG A NH2 
730 N N   . ARG A 95  ? 0.1973 0.1350 0.2848 0.0822  0.0376  0.0114  1888 ARG A N   
731 C CA  . ARG A 95  ? 0.3156 0.2571 0.4328 0.0782  0.0400  0.0094  1888 ARG A CA  
732 C C   . ARG A 95  ? 0.3424 0.2746 0.4797 0.0752  0.0381  0.0110  1888 ARG A C   
733 O O   . ARG A 95  ? 0.3966 0.3270 0.5591 0.0715  0.0291  0.0065  1888 ARG A O   
734 C CB  . ARG A 95  ? 0.1926 0.1489 0.3167 0.0776  0.0579  0.0128  1888 ARG A CB  
735 C CG  . ARG A 95  ? 0.1872 0.1504 0.2986 0.0785  0.0593  0.0081  1888 ARG A CG  
736 C CD  . ARG A 95  ? 0.1898 0.1640 0.3073 0.0775  0.0765  0.0087  1888 ARG A CD  
737 N NE  . ARG A 95  ? 0.3135 0.2939 0.4136 0.0803  0.0895  0.0169  1888 ARG A NE  
738 C CZ  . ARG A 95  ? 0.3437 0.3326 0.4175 0.0829  0.0937  0.0176  1888 ARG A CZ  
739 N NH1 . ARG A 95  ? 0.1921 0.1823 0.2562 0.0819  0.0886  0.0098  1888 ARG A NH1 
740 N NH2 . ARG A 95  ? 0.2613 0.2579 0.3183 0.0866  0.1031  0.0266  1888 ARG A NH2 
741 N N   . PHE A 96  ? 0.2945 0.2200 0.4223 0.0768  0.0458  0.0176  1889 PHE A N   
742 C CA  . PHE A 96  ? 0.2399 0.1514 0.3861 0.0729  0.0451  0.0187  1889 PHE A CA  
743 C C   . PHE A 96  ? 0.4210 0.3166 0.5649 0.0715  0.0250  0.0102  1889 PHE A C   
744 O O   . PHE A 96  ? 0.4439 0.3372 0.6202 0.0652  0.0175  0.0057  1889 PHE A O   
745 C CB  . PHE A 96  ? 0.3371 0.2390 0.4653 0.0765  0.0560  0.0275  1889 PHE A CB  
746 C CG  . PHE A 96  ? 0.3809 0.2623 0.5241 0.0718  0.0558  0.0280  1889 PHE A CG  
747 C CD1 . PHE A 96  ? 0.2668 0.1485 0.4416 0.0660  0.0705  0.0339  1889 PHE A CD1 
748 C CD2 . PHE A 96  ? 0.3736 0.2329 0.4991 0.0725  0.0421  0.0219  1889 PHE A CD2 
749 C CE1 . PHE A 96  ? 0.4110 0.2720 0.6021 0.0591  0.0703  0.0335  1889 PHE A CE1 
750 C CE2 . PHE A 96  ? 0.3809 0.2183 0.5188 0.0665  0.0411  0.0205  1889 PHE A CE2 
751 C CZ  . PHE A 96  ? 0.4540 0.2927 0.6261 0.0588  0.0546  0.0260  1889 PHE A CZ  
752 N N   . PHE A 97  ? 0.3288 0.2138 0.4366 0.0773  0.0164  0.0078  1890 PHE A N   
753 C CA  . PHE A 97  ? 0.2983 0.1642 0.3957 0.0771  0.0002  0.0010  1890 PHE A CA  
754 C C   . PHE A 97  ? 0.3604 0.2356 0.4812 0.0731  -0.0125 -0.0045 1890 PHE A C   
755 O O   . PHE A 97  ? 0.3859 0.2523 0.5241 0.0685  -0.0280 -0.0107 1890 PHE A O   
756 C CB  . PHE A 97  ? 0.2652 0.1195 0.3201 0.0854  -0.0015 0.0011  1890 PHE A CB  
757 C CG  . PHE A 97  ? 0.3623 0.2023 0.4118 0.0825  -0.0141 -0.0044 1890 PHE A CG  
758 C CD1 . PHE A 97  ? 0.3606 0.1779 0.4044 0.0802  -0.0216 -0.0096 1890 PHE A CD1 
759 C CD2 . PHE A 97  ? 0.3489 0.1960 0.3957 0.0819  -0.0240 -0.0070 1890 PHE A CD2 
760 C CE1 . PHE A 97  ? 0.3249 0.1269 0.3556 0.0783  -0.0408 -0.0183 1890 PHE A CE1 
761 C CE2 . PHE A 97  ? 0.3489 0.1807 0.3825 0.0809  -0.0427 -0.0138 1890 PHE A CE2 
762 C CZ  . PHE A 97  ? 0.3553 0.1644 0.3790 0.0796  -0.0523 -0.0199 1890 PHE A CZ  
763 N N   . GLU A 98  ? 0.4393 0.3306 0.5586 0.0753  -0.0086 -0.0031 1891 GLU A N   
764 C CA  . GLU A 98  ? 0.2864 0.1858 0.4254 0.0736  -0.0200 -0.0073 1891 GLU A CA  
765 C C   . GLU A 98  ? 0.4309 0.3409 0.6203 0.0675  -0.0236 -0.0097 1891 GLU A C   
766 O O   . GLU A 98  ? 0.4638 0.3726 0.6750 0.0657  -0.0422 -0.0151 1891 GLU A O   
767 C CB  . GLU A 98  ? 0.2208 0.1324 0.3508 0.0766  -0.0109 -0.0054 1891 GLU A CB  
768 C CG  . GLU A 98  ? 0.5230 0.4246 0.6155 0.0811  -0.0127 -0.0044 1891 GLU A CG  
769 C CD  . GLU A 98  ? 0.6352 0.5456 0.7223 0.0829  -0.0042 -0.0043 1891 GLU A CD  
770 O OE1 . GLU A 98  ? 0.5410 0.4642 0.6525 0.0811  0.0007  -0.0059 1891 GLU A OE1 
771 O OE2 . GLU A 98  ? 0.4871 0.3910 0.5482 0.0858  -0.0012 -0.0028 1891 GLU A OE2 
772 N N   . SER A 99  ? 0.3368 0.2577 0.5479 0.0647  -0.0060 -0.0055 1892 SER A N   
773 C CA  . SER A 99  ? 0.3048 0.2371 0.5704 0.0583  -0.0042 -0.0065 1892 SER A CA  
774 C C   . SER A 99  ? 0.4037 0.3210 0.6890 0.0528  -0.0204 -0.0115 1892 SER A C   
775 O O   . SER A 99  ? 0.4715 0.3934 0.7902 0.0502  -0.0397 -0.0179 1892 SER A O   
776 C CB  . SER A 99  ? 0.4009 0.3420 0.6784 0.0565  0.0216  0.0009  1892 SER A CB  
777 O OG  . SER A 99  ? 0.6025 0.5584 0.8720 0.0599  0.0336  0.0025  1892 SER A OG  
778 N N   . ARG A 100 ? 0.4736 0.3718 0.7382 0.0509  -0.0138 -0.0090 1893 ARG A N   
779 C CA  . ARG A 100 ? 0.4968 0.3753 0.7763 0.0431  -0.0269 -0.0150 1893 ARG A CA  
780 C C   . ARG A 100 ? 0.5456 0.4142 0.8178 0.0436  -0.0567 -0.0252 1893 ARG A C   
781 O O   . ARG A 100 ? 0.7828 0.6474 1.0912 0.0354  -0.0755 -0.0333 1893 ARG A O   
782 C CB  . ARG A 100 ? 0.5924 0.4463 0.8322 0.0441  -0.0159 -0.0111 1893 ARG A CB  
783 C CG  . ARG A 100 ? 0.6302 0.4859 0.8842 0.0411  0.0090  -0.0012 1893 ARG A CG  
784 C CD  . ARG A 100 ? 0.6548 0.5102 0.9633 0.0273  0.0089  -0.0038 1893 ARG A CD  
785 N NE  . ARG A 100 ? 0.7046 0.5311 1.0028 0.0193  -0.0001 -0.0097 1893 ARG A NE  
786 C CZ  . ARG A 100 ? 0.6718 0.4943 1.0088 0.0050  -0.0147 -0.0189 1893 ARG A CZ  
787 N NH1 . ARG A 100 ? 0.6685 0.5168 1.0625 -0.0016 -0.0229 -0.0226 1893 ARG A NH1 
788 N NH2 . ARG A 100 ? 0.5506 0.3439 0.8698 -0.0027 -0.0217 -0.0251 1893 ARG A NH2 
789 N N   . TRP A 101 ? 0.4708 0.3340 0.6965 0.0522  -0.0619 -0.0250 1894 TRP A N   
790 C CA  . TRP A 101 ? 0.5386 0.3894 0.7497 0.0542  -0.0893 -0.0332 1894 TRP A CA  
791 C C   . TRP A 101 ? 0.5489 0.4180 0.8096 0.0528  -0.1085 -0.0373 1894 TRP A C   
792 O O   . TRP A 101 ? 0.6113 0.4693 0.8864 0.0500  -0.1366 -0.0461 1894 TRP A O   
793 C CB  . TRP A 101 ? 0.5472 0.3933 0.7060 0.0633  -0.0857 -0.0295 1894 TRP A CB  
794 C CG  . TRP A 101 ? 0.5461 0.3718 0.6761 0.0661  -0.1100 -0.0364 1894 TRP A CG  
795 C CD1 . TRP A 101 ? 0.5029 0.3318 0.6300 0.0706  -0.1274 -0.0376 1894 TRP A CD1 
796 C CD2 . TRP A 101 ? 0.5496 0.3447 0.6437 0.0656  -0.1189 -0.0426 1894 TRP A CD2 
797 N NE1 . TRP A 101 ? 0.5460 0.3474 0.6359 0.0733  -0.1484 -0.0438 1894 TRP A NE1 
798 C CE2 . TRP A 101 ? 0.4666 0.2470 0.5350 0.0699  -0.1432 -0.0478 1894 TRP A CE2 
799 C CE3 . TRP A 101 ? 0.7110 0.4878 0.7899 0.0623  -0.1078 -0.0443 1894 TRP A CE3 
800 C CZ2 . TRP A 101 ? 0.5990 0.3466 0.6244 0.0709  -0.1568 -0.0556 1894 TRP A CZ2 
801 C CZ3 . TRP A 101 ? 0.6739 0.4199 0.7132 0.0628  -0.1195 -0.0523 1894 TRP A CZ3 
802 C CH2 . TRP A 101 ? 0.7551 0.4869 0.7671 0.0668  -0.1438 -0.0583 1894 TRP A CH2 
803 N N   . GLU A 102 ? 0.6376 0.5341 0.9245 0.0552  -0.0944 -0.0314 1895 GLU A N   
804 C CA  . GLU A 102 ? 0.6300 0.5478 0.9639 0.0564  -0.1089 -0.0337 1895 GLU A CA  
805 C C   . GLU A 102 ? 0.6009 0.5323 1.0062 0.0485  -0.1148 -0.0375 1895 GLU A C   
806 O O   . GLU A 102 ? 0.7430 0.6924 1.1900 0.0484  -0.1358 -0.0413 1895 GLU A O   
807 C CB  . GLU A 102 ? 0.6238 0.5624 0.9552 0.0611  -0.0883 -0.0272 1895 GLU A CB  
808 C CG  . GLU A 102 ? 0.7305 0.6583 1.0084 0.0686  -0.0909 -0.0251 1895 GLU A CG  
809 C CD  . GLU A 102 ? 0.9381 0.8751 1.1985 0.0716  -0.0656 -0.0193 1895 GLU A CD  
810 O OE1 . GLU A 102 ? 0.9818 0.9357 1.2723 0.0690  -0.0487 -0.0175 1895 GLU A OE1 
811 O OE2 . GLU A 102 ? 1.0224 0.9480 1.2391 0.0763  -0.0630 -0.0171 1895 GLU A OE2 
812 N N   . GLU A 103 ? 0.6423 0.5702 1.0589 0.0392  -0.0950 -0.0353 1896 GLU A N   
813 C CA  . GLU A 103 ? 0.7276 0.6702 1.2016 0.0244  -0.0977 -0.0387 1896 GLU A CA  
814 C C   . GLU A 103 ? 0.7240 0.6411 1.1851 0.0125  -0.1195 -0.0483 1896 GLU A C   
815 O O   . GLU A 103 ? 0.7079 0.6264 1.2047 -0.0029 -0.1157 -0.0509 1896 GLU A O   
816 C CB  . GLU A 103 ? 0.7975 0.7503 1.2953 0.0189  -0.0628 -0.0303 1896 GLU A CB  
817 C CG  . GLU A 103 ? 0.8507 0.7745 1.3072 0.0160  -0.0439 -0.0255 1896 GLU A CG  
818 C CD  . GLU A 103 ? 0.9209 0.8564 1.3986 0.0128  -0.0095 -0.0149 1896 GLU A CD  
819 O OE1 . GLU A 103 ? 0.8487 0.8005 1.3814 0.0005  -0.0030 -0.0148 1896 GLU A OE1 
820 O OE2 . GLU A 103 ? 0.9876 0.9175 1.4275 0.0223  0.0108  -0.0066 1896 GLU A OE2 
821 N N   . PHE A 104 ? 0.6971 0.5886 1.1059 0.0188  -0.1408 -0.0540 1897 PHE A N   
822 C CA  . PHE A 104 ? 0.8180 0.6921 1.2210 0.0093  -0.1720 -0.0664 1897 PHE A CA  
823 C C   . PHE A 104 ? 0.9239 0.8012 1.3123 0.0185  -0.2043 -0.0709 1897 PHE A C   
824 O O   . PHE A 104 ? 1.0400 0.9188 1.4459 0.0100  -0.2351 -0.0808 1897 PHE A O   
825 C CB  . PHE A 104 ? 0.9337 0.7638 1.2787 0.0069  -0.1680 -0.0709 1897 PHE A CB  
826 C CG  . PHE A 104 ? 1.2490 1.0589 1.5970 -0.0089 -0.1923 -0.0852 1897 PHE A CG  
827 C CD1 . PHE A 104 ? 1.3348 1.1465 1.7142 -0.0251 -0.1798 -0.0861 1897 PHE A CD1 
828 C CD2 . PHE A 104 ? 1.3661 1.1588 1.6771 -0.0065 -0.2243 -0.0955 1897 PHE A CD2 
829 C CE1 . PHE A 104 ? 1.3404 1.1369 1.7149 -0.0391 -0.1986 -0.0982 1897 PHE A CE1 
830 C CE2 . PHE A 104 ? 1.3741 1.1534 1.6786 -0.0199 -0.2436 -0.1073 1897 PHE A CE2 
831 C CZ  . PHE A 104 ? 1.3282 1.1092 1.6651 -0.0365 -0.2306 -0.1091 1897 PHE A CZ  
832 N N   . TYR A 105 ? 0.8745 0.7524 1.2315 0.0350  -0.1987 -0.0635 1898 TYR A N   
833 C CA  . TYR A 105 ? 0.8028 0.6819 1.1448 0.0458  -0.2264 -0.0645 1898 TYR A CA  
834 C C   . TYR A 105 ? 0.7693 0.6788 1.1453 0.0576  -0.2176 -0.0555 1898 TYR A C   
835 O O   . TYR A 105 ? 0.7196 0.6586 1.1511 0.0578  -0.2323 -0.0560 1898 TYR A O   
836 C CB  . TYR A 105 ? 0.7849 0.6269 1.0474 0.0550  -0.2291 -0.0645 1898 TYR A CB  
837 C CG  . TYR A 105 ? 0.8996 0.7073 1.1220 0.0464  -0.2307 -0.0732 1898 TYR A CG  
838 C CD1 . TYR A 105 ? 0.9695 0.7621 1.1866 0.0371  -0.2614 -0.0858 1898 TYR A CD1 
839 C CD2 . TYR A 105 ? 0.9507 0.7400 1.1396 0.0482  -0.2022 -0.0693 1898 TYR A CD2 
840 C CE1 . TYR A 105 ? 0.9190 0.6752 1.0961 0.0295  -0.2613 -0.0954 1898 TYR A CE1 
841 C CE2 . TYR A 105 ? 0.9828 0.7399 1.1348 0.0425  -0.2010 -0.0766 1898 TYR A CE2 
842 C CZ  . TYR A 105 ? 0.9581 0.6960 1.1033 0.0332  -0.2298 -0.0901 1898 TYR A CZ  
843 O OH  . TYR A 105 ? 1.1065 0.8167 1.2113 0.0282  -0.2229 -0.0958 1898 TYR A OH  
# 
